data_7RHO
#
_entry.id   7RHO
#
_cell.length_a   52.836
_cell.length_b   150.392
_cell.length_c   241.432
_cell.angle_alpha   90.000
_cell.angle_beta   90.000
_cell.angle_gamma   90.000
#
_symmetry.space_group_name_H-M   'P 21 21 21'
#
loop_
_entity.id
_entity.type
_entity.pdbx_description
1 polymer 'Fc fragment of human IgG1'
2 non-polymer '4-(2-HYDROXYETHYL)-1-PIPERAZINE ETHANESULFONIC ACID'
3 water water
#
_entity_poly.entity_id   1
_entity_poly.type   'polypeptide(L)'
_entity_poly.pdbx_seq_one_letter_code
;MAGPSVFLFPPKPKDTLMISRTPEVTCVVVDVSHEDPEVKFNWYVDGVEVHNAKTKPREEQYNSTYRVVSVLTVLHQDWL
NGKEYKCKVSNKALPAPIEKTISKAKGQPREPQVYTLPPSREEMTKNQVSLTCLVKGFYPSDIAVEWESNGQPENNYKTT
PPVLDSDGSFFLYSKLTVDKSRWQQGNVFSCSVMHEALHNHYTQKSLSLSPGK
;
_entity_poly.pdbx_strand_id   A,B,D,E,F,G,J,K
#
loop_
_chem_comp.id
_chem_comp.type
_chem_comp.name
_chem_comp.formula
EPE non-polymer '4-(2-HYDROXYETHYL)-1-PIPERAZINE ETHANESULFONIC ACID' 'C8 H18 N2 O4 S'
#
# COMPACT_ATOMS: atom_id res chain seq x y z
N GLY A 3 29.09 16.18 24.33
CA GLY A 3 30.49 16.28 23.87
C GLY A 3 30.74 15.32 22.70
N PRO A 4 31.81 15.52 21.92
CA PRO A 4 32.16 14.59 20.84
C PRO A 4 32.27 13.11 21.22
N SER A 5 32.14 12.24 20.22
CA SER A 5 32.51 10.85 20.43
C SER A 5 33.34 10.33 19.24
N VAL A 6 34.07 9.24 19.50
CA VAL A 6 35.17 8.88 18.61
C VAL A 6 35.00 7.43 18.19
N PHE A 7 35.28 7.14 16.91
CA PHE A 7 35.22 5.82 16.30
C PHE A 7 36.48 5.61 15.44
N LEU A 8 37.11 4.44 15.58
CA LEU A 8 38.37 4.16 14.90
C LEU A 8 38.14 2.94 13.99
N PHE A 9 38.40 3.07 12.68
CA PHE A 9 38.09 2.05 11.69
C PHE A 9 39.38 1.50 11.09
N PRO A 10 39.45 0.18 10.88
CA PRO A 10 40.68 -0.46 10.41
C PRO A 10 40.80 -0.24 8.90
N PRO A 11 41.91 -0.64 8.26
CA PRO A 11 42.06 -0.54 6.80
C PRO A 11 41.21 -1.59 6.08
N LYS A 12 41.01 -1.37 4.78
CA LYS A 12 40.25 -2.33 3.98
C LYS A 12 41.14 -3.54 3.75
N PRO A 13 40.58 -4.77 3.85
CA PRO A 13 41.35 -6.01 3.68
C PRO A 13 42.27 -5.98 2.46
N LYS A 14 41.71 -5.56 1.31
CA LYS A 14 42.43 -5.50 0.06
C LYS A 14 43.66 -4.59 0.18
N ASP A 15 43.53 -3.47 0.88
CA ASP A 15 44.59 -2.47 0.95
C ASP A 15 45.78 -2.98 1.75
N THR A 16 45.54 -3.87 2.73
CA THR A 16 46.64 -4.33 3.56
C THR A 16 47.40 -5.43 2.84
N LEU A 17 46.74 -6.05 1.87
CA LEU A 17 47.26 -7.26 1.23
C LEU A 17 48.11 -6.94 0.00
N MET A 18 47.86 -5.78 -0.63
CA MET A 18 48.52 -5.45 -1.89
C MET A 18 49.45 -4.27 -1.67
N ILE A 19 50.73 -4.45 -2.01
CA ILE A 19 51.69 -3.43 -1.68
C ILE A 19 51.49 -2.22 -2.59
N SER A 20 50.69 -2.40 -3.65
CA SER A 20 50.39 -1.30 -4.57
C SER A 20 49.28 -0.41 -4.02
N ARG A 21 48.62 -0.81 -2.93
CA ARG A 21 47.49 -0.05 -2.40
C ARG A 21 47.86 0.64 -1.09
N THR A 22 46.99 1.54 -0.62
CA THR A 22 47.34 2.35 0.53
C THR A 22 46.42 2.07 1.72
N PRO A 23 46.83 1.24 2.70
CA PRO A 23 45.99 0.97 3.87
C PRO A 23 46.00 2.18 4.81
N GLU A 24 44.84 2.48 5.40
CA GLU A 24 44.71 3.59 6.32
C GLU A 24 43.83 3.17 7.48
N VAL A 25 44.12 3.74 8.67
CA VAL A 25 43.20 3.73 9.78
C VAL A 25 42.56 5.12 9.91
N THR A 26 41.29 5.11 10.31
CA THR A 26 40.45 6.29 10.21
C THR A 26 39.84 6.55 11.59
N CYS A 27 40.12 7.75 12.11
CA CYS A 27 39.64 8.18 13.41
C CYS A 27 38.57 9.24 13.18
N VAL A 28 37.33 8.89 13.54
CA VAL A 28 36.18 9.71 13.20
C VAL A 28 35.64 10.34 14.48
N VAL A 29 35.51 11.67 14.48
CA VAL A 29 35.04 12.38 15.65
C VAL A 29 33.68 12.98 15.35
N VAL A 30 32.62 12.54 16.05
CA VAL A 30 31.29 13.06 15.75
C VAL A 30 30.84 13.99 16.87
N ASP A 31 29.83 14.82 16.60
CA ASP A 31 29.16 15.69 17.55
C ASP A 31 30.13 16.73 18.11
N VAL A 32 30.97 17.29 17.23
CA VAL A 32 31.87 18.35 17.62
C VAL A 32 31.03 19.63 17.57
N SER A 33 31.04 20.43 18.64
CA SER A 33 30.11 21.54 18.73
C SER A 33 30.57 22.68 17.82
N HIS A 34 29.60 23.55 17.47
CA HIS A 34 29.87 24.74 16.68
C HIS A 34 30.79 25.69 17.46
N GLU A 35 30.57 25.76 18.79
CA GLU A 35 31.22 26.75 19.65
C GLU A 35 32.70 26.42 19.86
N ASP A 36 33.05 25.12 19.87
CA ASP A 36 34.39 24.63 20.11
C ASP A 36 34.83 23.67 19.00
N PRO A 37 35.08 24.17 17.76
CA PRO A 37 35.19 23.29 16.60
C PRO A 37 36.57 22.68 16.32
N GLU A 38 37.61 23.13 17.02
CA GLU A 38 38.96 22.69 16.74
C GLU A 38 39.21 21.34 17.39
N VAL A 39 39.68 20.37 16.58
CA VAL A 39 39.99 19.03 17.05
C VAL A 39 41.47 18.76 16.83
N LYS A 40 42.14 18.17 17.83
CA LYS A 40 43.53 17.76 17.74
C LYS A 40 43.68 16.25 17.87
N PHE A 41 44.45 15.64 16.96
CA PHE A 41 44.72 14.21 17.06
C PHE A 41 46.19 13.98 17.36
N ASN A 42 46.48 13.00 18.22
CA ASN A 42 47.81 12.40 18.27
C ASN A 42 47.64 10.91 17.96
N TRP A 43 48.52 10.38 17.09
CA TRP A 43 48.49 8.97 16.72
C TRP A 43 49.68 8.23 17.33
N TYR A 44 49.48 6.95 17.68
CA TYR A 44 50.55 6.12 18.21
C TYR A 44 50.49 4.73 17.57
N VAL A 45 51.66 4.25 17.13
CA VAL A 45 51.86 2.90 16.62
C VAL A 45 52.74 2.16 17.64
N ASP A 46 52.16 1.09 18.22
CA ASP A 46 52.68 0.40 19.39
C ASP A 46 53.10 1.35 20.51
N GLY A 47 52.61 2.60 20.49
CA GLY A 47 52.92 3.54 21.56
C GLY A 47 53.90 4.62 21.13
N VAL A 48 54.50 4.45 19.94
CA VAL A 48 55.38 5.44 19.33
C VAL A 48 54.54 6.43 18.53
N GLU A 49 54.69 7.74 18.83
CA GLU A 49 53.96 8.78 18.13
C GLU A 49 54.49 8.92 16.70
N VAL A 50 53.54 9.03 15.75
CA VAL A 50 53.79 9.28 14.34
C VAL A 50 53.07 10.56 13.96
N HIS A 51 53.42 11.12 12.80
CA HIS A 51 53.14 12.52 12.49
C HIS A 51 52.61 12.66 11.08
N ASN A 52 52.28 11.54 10.43
CA ASN A 52 51.91 11.60 9.03
C ASN A 52 50.39 11.67 8.83
N ALA A 53 49.60 11.75 9.91
CA ALA A 53 48.16 11.71 9.72
C ALA A 53 47.67 12.96 9.00
N LYS A 54 46.51 12.87 8.35
CA LYS A 54 45.95 13.97 7.58
C LYS A 54 44.50 14.18 8.02
N THR A 55 44.15 15.43 8.34
CA THR A 55 42.79 15.74 8.73
C THR A 55 42.00 16.07 7.47
N LYS A 56 40.86 15.41 7.27
CA LYS A 56 40.01 15.70 6.14
C LYS A 56 39.27 17.03 6.37
N PRO A 57 38.75 17.68 5.33
CA PRO A 57 37.87 18.85 5.51
C PRO A 57 36.68 18.53 6.42
N ARG A 58 36.32 19.50 7.26
CA ARG A 58 35.24 19.41 8.22
C ARG A 58 33.91 19.12 7.51
N GLU A 59 33.12 18.22 8.11
CA GLU A 59 31.80 17.85 7.62
C GLU A 59 30.74 18.36 8.59
N GLU A 60 29.60 18.76 8.04
CA GLU A 60 28.51 19.34 8.82
C GLU A 60 27.42 18.30 9.03
N GLN A 61 27.05 18.07 10.30
CA GLN A 61 26.01 17.10 10.64
C GLN A 61 24.70 17.85 10.84
N TYR A 62 23.57 17.15 10.75
CA TYR A 62 22.28 17.83 10.65
C TYR A 62 21.61 18.02 12.01
N ASN A 63 22.35 17.75 13.10
CA ASN A 63 21.93 18.06 14.46
C ASN A 63 22.75 19.23 14.99
N SER A 64 23.19 20.12 14.09
CA SER A 64 23.87 21.36 14.45
C SER A 64 25.24 21.07 15.07
N THR A 65 26.01 20.21 14.42
CA THR A 65 27.25 19.70 14.97
C THR A 65 28.21 19.45 13.80
N TYR A 66 29.51 19.25 14.10
CA TYR A 66 30.47 18.87 13.05
C TYR A 66 30.96 17.44 13.23
N ARG A 67 31.49 16.87 12.14
CA ARG A 67 32.20 15.61 12.14
C ARG A 67 33.63 15.88 11.63
N VAL A 68 34.65 15.44 12.38
CA VAL A 68 36.03 15.69 12.00
C VAL A 68 36.78 14.37 11.91
N VAL A 69 37.53 14.19 10.81
CA VAL A 69 38.09 12.88 10.46
C VAL A 69 39.60 13.02 10.25
N SER A 70 40.37 12.08 10.83
CA SER A 70 41.81 12.01 10.63
C SER A 70 42.16 10.64 10.04
N VAL A 71 42.99 10.63 8.99
CA VAL A 71 43.32 9.42 8.24
C VAL A 71 44.82 9.19 8.37
N LEU A 72 45.21 8.03 8.92
CA LEU A 72 46.63 7.70 9.05
C LEU A 72 46.98 6.57 8.08
N THR A 73 47.95 6.85 7.22
CA THR A 73 48.52 5.85 6.33
C THR A 73 49.31 4.86 7.19
N VAL A 74 49.06 3.55 7.01
CA VAL A 74 49.83 2.58 7.79
C VAL A 74 50.67 1.70 6.86
N LEU A 75 51.70 1.06 7.43
CA LEU A 75 52.53 0.10 6.70
C LEU A 75 51.86 -1.28 6.76
N HIS A 76 51.90 -1.97 5.61
CA HIS A 76 51.17 -3.23 5.42
C HIS A 76 51.59 -4.26 6.47
N GLN A 77 52.90 -4.47 6.64
CA GLN A 77 53.42 -5.48 7.54
C GLN A 77 53.18 -5.09 8.99
N ASP A 78 53.05 -3.80 9.25
CA ASP A 78 52.77 -3.36 10.61
C ASP A 78 51.39 -3.89 11.03
N TRP A 79 50.39 -3.59 10.19
CA TRP A 79 49.01 -4.00 10.45
C TRP A 79 48.97 -5.53 10.57
N LEU A 80 49.63 -6.22 9.66
CA LEU A 80 49.50 -7.68 9.59
C LEU A 80 50.31 -8.32 10.71
N ASN A 81 51.32 -7.60 11.22
CA ASN A 81 52.10 -8.07 12.36
C ASN A 81 51.37 -7.81 13.67
N GLY A 82 50.25 -7.08 13.62
CA GLY A 82 49.38 -6.98 14.79
C GLY A 82 49.73 -5.78 15.67
N LYS A 83 50.37 -4.77 15.10
CA LYS A 83 50.68 -3.55 15.82
C LYS A 83 49.38 -2.82 16.17
N GLU A 84 49.41 -2.14 17.33
CA GLU A 84 48.25 -1.45 17.86
C GLU A 84 48.26 0.01 17.39
N TYR A 85 47.12 0.47 16.87
CA TYR A 85 46.99 1.86 16.43
C TYR A 85 46.09 2.62 17.41
N LYS A 86 46.65 3.70 17.98
CA LYS A 86 45.93 4.49 18.96
C LYS A 86 45.71 5.91 18.42
N CYS A 87 44.46 6.36 18.52
CA CYS A 87 44.07 7.73 18.22
C CYS A 87 43.70 8.40 19.54
N LYS A 88 44.41 9.49 19.86
CA LYS A 88 44.03 10.36 20.98
C LYS A 88 43.38 11.62 20.42
N VAL A 89 42.15 11.89 20.90
CA VAL A 89 41.37 13.01 20.41
C VAL A 89 41.21 14.04 21.53
N SER A 90 41.70 15.27 21.26
CA SER A 90 41.57 16.40 22.18
C SER A 90 40.67 17.48 21.59
N ASN A 91 39.82 18.07 22.44
CA ASN A 91 38.87 19.08 22.05
C ASN A 91 38.34 19.75 23.31
N LYS A 92 38.05 21.05 23.20
CA LYS A 92 37.77 21.83 24.39
C LYS A 92 36.46 21.40 25.05
N ALA A 93 35.54 20.78 24.29
CA ALA A 93 34.31 20.31 24.92
C ALA A 93 34.50 18.94 25.56
N LEU A 94 35.68 18.33 25.39
CA LEU A 94 35.93 17.07 26.07
C LEU A 94 36.50 17.34 27.46
N PRO A 95 35.97 16.70 28.52
CA PRO A 95 36.54 16.81 29.87
C PRO A 95 37.97 16.31 29.97
N ALA A 96 38.28 15.19 29.30
CA ALA A 96 39.62 14.64 29.11
C ALA A 96 39.73 14.14 27.66
N PRO A 97 40.93 14.08 27.05
CA PRO A 97 41.08 13.55 25.70
C PRO A 97 40.47 12.15 25.58
N ILE A 98 40.02 11.79 24.38
CA ILE A 98 39.50 10.44 24.24
C ILE A 98 40.50 9.59 23.45
N GLU A 99 40.75 8.39 23.98
CA GLU A 99 41.67 7.45 23.36
C GLU A 99 40.91 6.21 22.91
N LYS A 100 41.20 5.78 21.67
CA LYS A 100 40.73 4.53 21.13
C LYS A 100 41.93 3.84 20.47
N THR A 101 41.91 2.50 20.47
CA THR A 101 42.96 1.68 19.92
C THR A 101 42.33 0.65 19.00
N ILE A 102 42.93 0.35 17.84
CA ILE A 102 42.53 -0.79 17.02
C ILE A 102 43.77 -1.60 16.62
N SER A 103 43.57 -2.88 16.23
CA SER A 103 44.59 -3.72 15.64
C SER A 103 43.93 -4.94 15.04
N LYS A 104 44.71 -5.71 14.25
CA LYS A 104 44.24 -6.93 13.61
C LYS A 104 43.71 -7.90 14.67
N ALA A 105 42.62 -8.63 14.37
CA ALA A 105 42.15 -9.67 15.27
C ALA A 105 43.33 -10.59 15.59
N LYS A 106 43.35 -11.07 16.83
CA LYS A 106 44.40 -11.95 17.31
C LYS A 106 44.05 -13.41 17.02
N GLY A 107 45.08 -14.23 16.82
CA GLY A 107 44.97 -15.67 16.62
C GLY A 107 45.75 -16.10 15.38
N GLN A 108 46.22 -17.36 15.36
CA GLN A 108 47.05 -17.84 14.27
C GLN A 108 46.24 -17.75 12.98
N PRO A 109 46.76 -17.11 11.91
CA PRO A 109 46.04 -17.06 10.64
C PRO A 109 45.81 -18.47 10.12
N ARG A 110 44.76 -18.63 9.31
CA ARG A 110 44.52 -19.91 8.67
C ARG A 110 44.16 -19.65 7.22
N GLU A 111 44.78 -20.45 6.35
CA GLU A 111 44.66 -20.32 4.91
C GLU A 111 43.25 -20.70 4.46
N PRO A 112 42.54 -19.89 3.67
CA PRO A 112 41.23 -20.33 3.14
C PRO A 112 41.40 -21.43 2.09
N GLN A 113 40.45 -22.36 2.05
CA GLN A 113 40.27 -23.33 0.98
C GLN A 113 39.24 -22.74 0.02
N VAL A 114 39.55 -22.79 -1.29
CA VAL A 114 38.67 -22.16 -2.24
C VAL A 114 38.12 -23.24 -3.17
N TYR A 115 36.78 -23.32 -3.22
CA TYR A 115 36.12 -24.31 -4.03
C TYR A 115 35.03 -23.64 -4.86
N THR A 116 35.05 -23.87 -6.18
CA THR A 116 34.04 -23.40 -7.11
C THR A 116 33.06 -24.55 -7.39
N LEU A 117 31.75 -24.23 -7.39
CA LEU A 117 30.67 -25.20 -7.54
C LEU A 117 29.76 -24.73 -8.68
N PRO A 118 29.49 -25.56 -9.72
CA PRO A 118 28.68 -25.13 -10.86
C PRO A 118 27.21 -24.94 -10.49
N PRO A 119 26.39 -24.35 -11.39
CA PRO A 119 24.94 -24.27 -11.18
C PRO A 119 24.32 -25.67 -11.00
N SER A 120 23.26 -25.72 -10.17
CA SER A 120 22.41 -26.89 -10.07
C SER A 120 21.69 -27.13 -11.39
N ARG A 121 21.52 -28.42 -11.71
CA ARG A 121 20.78 -28.82 -12.89
C ARG A 121 19.39 -28.19 -12.86
N GLU A 122 18.79 -28.10 -11.66
CA GLU A 122 17.44 -27.56 -11.56
C GLU A 122 17.43 -26.07 -11.90
N GLU A 123 18.58 -25.41 -11.83
CA GLU A 123 18.61 -23.98 -12.10
C GLU A 123 18.65 -23.72 -13.61
N MET A 124 19.00 -24.76 -14.37
CA MET A 124 19.33 -24.63 -15.78
C MET A 124 18.09 -24.35 -16.62
N THR A 125 16.93 -24.26 -15.98
CA THR A 125 15.69 -23.90 -16.64
C THR A 125 15.55 -22.37 -16.74
N LYS A 126 16.47 -21.64 -16.09
CA LYS A 126 16.34 -20.19 -16.03
C LYS A 126 17.33 -19.54 -17.00
N ASN A 127 17.14 -18.23 -17.21
CA ASN A 127 17.92 -17.45 -18.16
C ASN A 127 19.31 -17.17 -17.61
N GLN A 128 19.36 -17.03 -16.28
CA GLN A 128 20.59 -16.74 -15.57
C GLN A 128 20.87 -17.84 -14.56
N VAL A 129 22.15 -18.20 -14.44
CA VAL A 129 22.59 -19.24 -13.53
C VAL A 129 23.60 -18.68 -12.53
N SER A 130 23.73 -19.42 -11.43
CA SER A 130 24.51 -19.08 -10.25
C SER A 130 25.81 -19.87 -10.23
N LEU A 131 26.92 -19.16 -10.36
CA LEU A 131 28.23 -19.73 -10.10
C LEU A 131 28.55 -19.41 -8.64
N THR A 132 28.98 -20.45 -7.92
CA THR A 132 29.21 -20.35 -6.49
C THR A 132 30.71 -20.56 -6.18
N CYS A 133 31.25 -19.75 -5.26
CA CYS A 133 32.59 -19.95 -4.71
C CYS A 133 32.44 -20.06 -3.21
N LEU A 134 32.87 -21.23 -2.67
CA LEU A 134 32.95 -21.51 -1.25
C LEU A 134 34.38 -21.23 -0.81
N VAL A 135 34.52 -20.33 0.16
CA VAL A 135 35.80 -20.04 0.78
C VAL A 135 35.64 -20.45 2.24
N LYS A 136 36.41 -21.44 2.70
CA LYS A 136 36.22 -21.86 4.09
C LYS A 136 37.56 -22.03 4.80
N GLY A 137 37.50 -22.17 6.10
CA GLY A 137 38.67 -22.50 6.90
C GLY A 137 39.64 -21.32 7.07
N PHE A 138 39.18 -20.07 6.90
CA PHE A 138 40.12 -18.96 6.99
C PHE A 138 40.03 -18.21 8.32
N TYR A 139 41.18 -17.66 8.73
CA TYR A 139 41.23 -16.79 9.90
C TYR A 139 42.38 -15.83 9.70
N PRO A 140 42.28 -14.54 10.09
CA PRO A 140 41.06 -13.96 10.61
C PRO A 140 40.10 -13.60 9.47
N SER A 141 39.04 -12.84 9.81
CA SER A 141 37.90 -12.73 8.89
C SER A 141 38.16 -11.75 7.76
N ASP A 142 39.19 -10.90 7.87
CA ASP A 142 39.67 -10.01 6.81
C ASP A 142 39.94 -10.76 5.50
N ILE A 143 39.15 -10.46 4.46
CA ILE A 143 39.26 -11.16 3.18
C ILE A 143 38.65 -10.28 2.11
N ALA A 144 39.04 -10.48 0.84
CA ALA A 144 38.36 -9.88 -0.31
C ALA A 144 38.18 -10.93 -1.41
N VAL A 145 37.07 -10.84 -2.17
CA VAL A 145 36.68 -11.86 -3.12
C VAL A 145 36.10 -11.15 -4.35
N GLU A 146 36.55 -11.62 -5.52
CA GLU A 146 36.24 -10.98 -6.80
C GLU A 146 36.01 -12.05 -7.86
N TRP A 147 35.33 -11.71 -8.96
CA TRP A 147 35.22 -12.66 -10.06
C TRP A 147 35.75 -12.06 -11.35
N GLU A 148 36.32 -12.93 -12.20
CA GLU A 148 36.91 -12.55 -13.47
C GLU A 148 36.45 -13.54 -14.55
N SER A 149 36.56 -13.11 -15.81
CA SER A 149 36.40 -13.99 -16.96
C SER A 149 37.08 -13.35 -18.15
N ASN A 150 37.94 -14.14 -18.80
CA ASN A 150 38.67 -13.71 -19.98
C ASN A 150 39.39 -12.40 -19.67
N GLY A 151 40.08 -12.38 -18.53
CA GLY A 151 40.99 -11.29 -18.19
C GLY A 151 40.29 -10.04 -17.65
N GLN A 152 38.96 -9.99 -17.73
CA GLN A 152 38.25 -8.78 -17.35
C GLN A 152 37.33 -9.03 -16.16
N PRO A 153 37.08 -8.00 -15.32
CA PRO A 153 36.25 -8.15 -14.13
C PRO A 153 34.82 -8.53 -14.51
N GLU A 154 34.28 -9.53 -13.82
CA GLU A 154 32.86 -9.84 -13.86
C GLU A 154 32.24 -9.28 -12.59
N ASN A 155 31.25 -8.40 -12.74
CA ASN A 155 30.84 -7.56 -11.64
C ASN A 155 29.47 -7.94 -11.05
N ASN A 156 28.75 -8.88 -11.68
CA ASN A 156 27.40 -9.25 -11.25
C ASN A 156 27.43 -10.31 -10.15
N TYR A 157 28.11 -10.03 -9.04
CA TYR A 157 28.20 -10.98 -7.93
C TYR A 157 27.90 -10.29 -6.61
N LYS A 158 27.55 -11.13 -5.63
CA LYS A 158 27.39 -10.70 -4.24
C LYS A 158 28.11 -11.74 -3.41
N THR A 159 28.59 -11.32 -2.24
CA THR A 159 29.36 -12.21 -1.37
C THR A 159 28.74 -12.14 0.02
N THR A 160 28.53 -13.29 0.67
CA THR A 160 27.99 -13.25 2.03
C THR A 160 29.07 -12.68 2.94
N PRO A 161 28.71 -12.13 4.12
CA PRO A 161 29.73 -11.80 5.10
C PRO A 161 30.40 -13.11 5.54
N PRO A 162 31.59 -13.05 6.19
CA PRO A 162 32.16 -14.23 6.83
C PRO A 162 31.21 -14.76 7.90
N VAL A 163 31.13 -16.10 8.03
CA VAL A 163 30.38 -16.73 9.11
C VAL A 163 31.36 -17.53 9.96
N LEU A 164 31.21 -17.43 11.28
CA LEU A 164 32.04 -18.21 12.17
C LEU A 164 31.60 -19.67 12.11
N ASP A 165 32.54 -20.51 11.74
CA ASP A 165 32.33 -21.94 11.63
C ASP A 165 32.54 -22.56 12.99
N SER A 166 32.12 -23.82 13.13
CA SER A 166 32.11 -24.44 14.45
C SER A 166 33.51 -24.89 14.85
N ASP A 167 34.54 -24.64 14.03
CA ASP A 167 35.91 -24.98 14.39
C ASP A 167 36.72 -23.70 14.69
N GLY A 168 36.05 -22.55 14.73
CA GLY A 168 36.71 -21.29 14.99
C GLY A 168 37.33 -20.60 13.76
N SER A 169 37.19 -21.19 12.57
CA SER A 169 37.60 -20.50 11.36
C SER A 169 36.38 -19.85 10.75
N PHE A 170 36.56 -19.10 9.64
CA PHE A 170 35.42 -18.51 8.96
C PHE A 170 35.17 -19.15 7.60
N PHE A 171 33.94 -19.02 7.12
CA PHE A 171 33.63 -19.33 5.73
C PHE A 171 32.72 -18.23 5.17
N LEU A 172 32.69 -18.14 3.85
CA LEU A 172 31.69 -17.35 3.16
C LEU A 172 31.41 -18.02 1.81
N TYR A 173 30.36 -17.54 1.15
CA TYR A 173 30.12 -17.92 -0.24
C TYR A 173 29.96 -16.64 -1.07
N SER A 174 30.43 -16.69 -2.32
CA SER A 174 30.24 -15.61 -3.28
C SER A 174 29.43 -16.21 -4.42
N LYS A 175 28.45 -15.45 -4.92
CA LYS A 175 27.57 -15.94 -5.99
C LYS A 175 27.70 -14.99 -7.18
N LEU A 176 28.15 -15.52 -8.32
CA LEU A 176 28.19 -14.76 -9.55
C LEU A 176 27.01 -15.17 -10.42
N THR A 177 26.24 -14.18 -10.85
CA THR A 177 25.12 -14.43 -11.74
C THR A 177 25.56 -14.17 -13.18
N VAL A 178 25.39 -15.17 -14.06
CA VAL A 178 25.70 -15.00 -15.47
C VAL A 178 24.57 -15.55 -16.34
N ASP A 179 24.50 -15.08 -17.60
CA ASP A 179 23.61 -15.64 -18.60
C ASP A 179 23.93 -17.12 -18.79
N LYS A 180 22.86 -17.95 -18.81
CA LYS A 180 22.90 -19.38 -19.02
C LYS A 180 23.73 -19.66 -20.27
N SER A 181 23.46 -18.90 -21.33
CA SER A 181 24.14 -19.05 -22.61
C SER A 181 25.65 -18.92 -22.47
N ARG A 182 26.13 -17.96 -21.64
CA ARG A 182 27.57 -17.79 -21.48
C ARG A 182 28.18 -19.01 -20.77
N TRP A 183 27.43 -19.60 -19.83
CA TRP A 183 27.86 -20.82 -19.16
C TRP A 183 27.93 -21.99 -20.15
N GLN A 184 26.86 -22.19 -20.93
CA GLN A 184 26.71 -23.33 -21.83
C GLN A 184 27.76 -23.33 -22.95
N GLN A 185 28.33 -22.17 -23.27
CA GLN A 185 29.32 -22.10 -24.34
C GLN A 185 30.73 -22.47 -23.85
N GLY A 186 30.87 -22.72 -22.55
CA GLY A 186 32.13 -23.13 -21.95
C GLY A 186 33.02 -21.93 -21.65
N ASN A 187 32.40 -20.76 -21.43
CA ASN A 187 33.11 -19.60 -20.92
C ASN A 187 33.71 -19.93 -19.56
N VAL A 188 34.98 -19.56 -19.36
CA VAL A 188 35.71 -19.82 -18.14
C VAL A 188 35.59 -18.62 -17.21
N PHE A 189 35.11 -18.89 -16.01
CA PHE A 189 34.98 -17.89 -14.96
C PHE A 189 36.00 -18.25 -13.87
N SER A 190 36.41 -17.25 -13.11
CA SER A 190 37.28 -17.50 -11.98
C SER A 190 36.93 -16.57 -10.82
N CYS A 191 37.02 -17.15 -9.63
CA CYS A 191 36.82 -16.51 -8.36
C CYS A 191 38.22 -16.24 -7.78
N SER A 192 38.57 -14.98 -7.54
CA SER A 192 39.84 -14.71 -6.90
C SER A 192 39.62 -14.31 -5.44
N VAL A 193 40.51 -14.77 -4.56
CA VAL A 193 40.41 -14.54 -3.13
C VAL A 193 41.72 -13.91 -2.69
N MET A 194 41.62 -12.91 -1.82
CA MET A 194 42.77 -12.29 -1.20
C MET A 194 42.65 -12.41 0.31
N HIS A 195 43.71 -12.96 0.93
CA HIS A 195 43.77 -13.26 2.34
C HIS A 195 45.25 -13.29 2.74
N GLU A 196 45.56 -12.86 3.97
CA GLU A 196 46.94 -12.77 4.42
C GLU A 196 47.62 -14.14 4.44
N ALA A 197 46.85 -15.21 4.70
CA ALA A 197 47.43 -16.53 4.89
C ALA A 197 47.66 -17.22 3.55
N LEU A 198 47.28 -16.59 2.42
CA LEU A 198 47.55 -17.20 1.12
C LEU A 198 48.95 -16.83 0.62
N HIS A 199 49.54 -17.72 -0.19
CA HIS A 199 50.79 -17.45 -0.89
C HIS A 199 50.63 -16.18 -1.74
N ASN A 200 51.46 -15.16 -1.47
CA ASN A 200 51.36 -13.86 -2.13
C ASN A 200 49.99 -13.21 -1.90
N HIS A 201 49.26 -13.63 -0.86
CA HIS A 201 48.00 -13.01 -0.49
C HIS A 201 46.89 -13.19 -1.54
N TYR A 202 47.05 -14.16 -2.45
CA TYR A 202 46.17 -14.23 -3.60
C TYR A 202 46.04 -15.66 -4.11
N THR A 203 44.83 -16.04 -4.52
CA THR A 203 44.58 -17.32 -5.15
C THR A 203 43.38 -17.18 -6.08
N GLN A 204 43.40 -17.93 -7.18
CA GLN A 204 42.32 -17.91 -8.17
C GLN A 204 41.92 -19.34 -8.49
N LYS A 205 40.61 -19.58 -8.59
CA LYS A 205 40.06 -20.88 -8.94
C LYS A 205 39.03 -20.72 -10.07
N SER A 206 39.21 -21.59 -11.07
CA SER A 206 38.43 -21.67 -12.30
C SER A 206 37.12 -22.41 -12.08
N LEU A 207 36.13 -22.00 -12.87
CA LEU A 207 34.84 -22.66 -12.98
C LEU A 207 34.45 -22.55 -14.44
N SER A 208 33.95 -23.64 -15.02
CA SER A 208 33.59 -23.66 -16.42
C SER A 208 32.88 -24.99 -16.69
N LEU A 209 31.97 -25.00 -17.67
CA LEU A 209 31.41 -26.25 -18.15
C LEU A 209 32.49 -27.04 -18.88
N PRO B 4 14.85 6.52 30.14
CA PRO B 4 14.45 5.14 29.77
C PRO B 4 14.14 5.02 28.29
N SER B 5 14.32 3.81 27.74
CA SER B 5 14.30 3.62 26.30
C SER B 5 13.58 2.32 25.91
N VAL B 6 12.99 2.32 24.71
CA VAL B 6 12.06 1.27 24.32
C VAL B 6 12.43 0.64 22.98
N PHE B 7 12.49 -0.70 22.97
CA PHE B 7 12.70 -1.50 21.78
C PHE B 7 11.56 -2.52 21.66
N LEU B 8 11.21 -2.86 20.42
CA LEU B 8 10.09 -3.74 20.18
C LEU B 8 10.54 -4.74 19.11
N PHE B 9 10.48 -6.05 19.41
CA PHE B 9 11.03 -7.08 18.55
C PHE B 9 9.93 -7.96 17.93
N PRO B 10 10.10 -8.41 16.66
CA PRO B 10 9.11 -9.26 15.96
C PRO B 10 9.21 -10.69 16.45
N PRO B 11 8.34 -11.62 16.00
CA PRO B 11 8.48 -13.04 16.33
C PRO B 11 9.66 -13.71 15.62
N LYS B 12 10.07 -14.88 16.13
CA LYS B 12 11.02 -15.69 15.39
C LYS B 12 10.35 -16.20 14.11
N PRO B 13 11.02 -16.11 12.93
CA PRO B 13 10.41 -16.58 11.68
C PRO B 13 9.88 -18.01 11.72
N LYS B 14 10.63 -18.94 12.33
CA LYS B 14 10.13 -20.31 12.45
C LYS B 14 8.85 -20.35 13.30
N ASP B 15 8.81 -19.53 14.37
CA ASP B 15 7.65 -19.51 15.24
C ASP B 15 6.39 -19.16 14.45
N THR B 16 6.54 -18.38 13.37
CA THR B 16 5.37 -17.91 12.67
C THR B 16 4.83 -18.95 11.70
N LEU B 17 5.60 -20.02 11.45
CA LEU B 17 5.22 -20.98 10.41
C LEU B 17 4.90 -22.38 10.95
N MET B 18 5.14 -22.62 12.25
CA MET B 18 4.97 -23.95 12.83
C MET B 18 3.63 -24.04 13.59
N ILE B 19 2.90 -25.15 13.37
CA ILE B 19 1.63 -25.43 14.02
C ILE B 19 1.84 -25.64 15.51
N SER B 20 3.07 -25.97 15.92
CA SER B 20 3.31 -26.40 17.29
C SER B 20 4.06 -25.31 18.08
N ARG B 21 4.34 -24.18 17.44
CA ARG B 21 4.96 -23.05 18.14
C ARG B 21 3.93 -21.92 18.29
N THR B 22 4.09 -21.09 19.31
CA THR B 22 3.27 -19.88 19.46
C THR B 22 4.19 -18.67 19.31
N PRO B 23 4.09 -17.86 18.23
CA PRO B 23 4.97 -16.71 18.05
C PRO B 23 4.63 -15.61 19.04
N GLU B 24 5.60 -14.71 19.31
CA GLU B 24 5.38 -13.60 20.23
C GLU B 24 6.12 -12.34 19.78
N VAL B 25 5.53 -11.20 20.15
CA VAL B 25 6.15 -9.89 20.01
C VAL B 25 6.61 -9.45 21.39
N THR B 26 7.83 -8.89 21.47
CA THR B 26 8.46 -8.54 22.73
C THR B 26 8.81 -7.06 22.77
N CYS B 27 8.39 -6.38 23.85
CA CYS B 27 8.65 -4.97 24.13
C CYS B 27 9.60 -4.88 25.31
N VAL B 28 10.78 -4.28 25.07
CA VAL B 28 11.90 -4.25 25.99
C VAL B 28 12.17 -2.80 26.37
N VAL B 29 12.07 -2.51 27.67
CA VAL B 29 12.24 -1.20 28.28
C VAL B 29 13.56 -1.21 29.04
N VAL B 30 14.52 -0.37 28.59
CA VAL B 30 15.81 -0.23 29.26
C VAL B 30 15.85 1.06 30.06
N ASP B 31 16.87 1.19 30.94
CA ASP B 31 17.20 2.40 31.70
C ASP B 31 16.07 2.80 32.65
N VAL B 32 15.44 1.82 33.33
CA VAL B 32 14.36 2.10 34.26
C VAL B 32 14.94 2.30 35.65
N SER B 33 14.69 3.48 36.24
CA SER B 33 15.39 3.92 37.44
C SER B 33 14.98 3.10 38.67
N HIS B 34 15.87 3.04 39.65
CA HIS B 34 15.66 2.27 40.88
C HIS B 34 14.54 2.89 41.71
N GLU B 35 14.40 4.22 41.60
CA GLU B 35 13.45 5.00 42.36
C GLU B 35 12.03 4.80 41.81
N ASP B 36 11.93 4.48 40.50
CA ASP B 36 10.63 4.32 39.87
C ASP B 36 10.59 3.03 39.05
N PRO B 37 10.19 1.89 39.66
CA PRO B 37 10.20 0.60 38.96
C PRO B 37 8.96 0.22 38.15
N GLU B 38 7.79 0.79 38.50
CA GLU B 38 6.52 0.39 37.91
C GLU B 38 6.41 0.91 36.48
N VAL B 39 6.51 -0.05 35.54
CA VAL B 39 6.28 0.19 34.14
C VAL B 39 4.93 -0.40 33.79
N LYS B 40 4.07 0.42 33.15
CA LYS B 40 2.78 -0.05 32.68
C LYS B 40 2.85 -0.16 31.16
N PHE B 41 2.44 -1.34 30.64
CA PHE B 41 2.39 -1.61 29.22
C PHE B 41 0.93 -1.59 28.76
N ASN B 42 0.68 -0.98 27.60
CA ASN B 42 -0.54 -1.17 26.84
C ASN B 42 -0.17 -1.70 25.45
N TRP B 43 -0.98 -2.66 24.97
CA TRP B 43 -0.71 -3.36 23.73
C TRP B 43 -1.92 -3.25 22.80
N TYR B 44 -1.65 -2.95 21.51
CA TYR B 44 -2.69 -2.79 20.51
C TYR B 44 -2.43 -3.71 19.32
N VAL B 45 -3.48 -4.39 18.85
CA VAL B 45 -3.48 -5.12 17.59
C VAL B 45 -4.33 -4.34 16.58
N ASP B 46 -3.65 -3.58 15.71
CA ASP B 46 -4.30 -2.72 14.71
C ASP B 46 -5.10 -1.64 15.40
N GLY B 47 -4.53 -1.08 16.47
CA GLY B 47 -5.12 0.08 17.13
C GLY B 47 -6.19 -0.30 18.17
N VAL B 48 -6.38 -1.61 18.36
CA VAL B 48 -7.31 -2.16 19.34
C VAL B 48 -6.54 -2.81 20.48
N GLU B 49 -6.84 -2.40 21.72
CA GLU B 49 -6.13 -2.85 22.91
C GLU B 49 -6.42 -4.33 23.15
N VAL B 50 -5.36 -5.10 23.42
CA VAL B 50 -5.50 -6.48 23.86
C VAL B 50 -4.89 -6.62 25.26
N HIS B 51 -5.13 -7.76 25.91
CA HIS B 51 -4.95 -7.82 27.36
C HIS B 51 -4.13 -9.00 27.83
N ASN B 52 -3.56 -9.78 26.92
CA ASN B 52 -3.01 -11.09 27.23
C ASN B 52 -1.49 -11.06 27.41
N ALA B 53 -0.87 -9.88 27.33
CA ALA B 53 0.58 -9.76 27.52
C ALA B 53 0.96 -10.21 28.93
N LYS B 54 2.23 -10.58 29.11
CA LYS B 54 2.72 -10.91 30.44
C LYS B 54 4.07 -10.23 30.63
N THR B 55 4.22 -9.56 31.78
CA THR B 55 5.47 -8.91 32.16
C THR B 55 6.46 -9.94 32.66
N LYS B 56 7.60 -10.05 31.99
CA LYS B 56 8.71 -10.89 32.41
C LYS B 56 9.30 -10.28 33.69
N PRO B 57 10.00 -11.06 34.55
CA PRO B 57 10.57 -10.48 35.77
C PRO B 57 11.74 -9.56 35.45
N ARG B 58 11.77 -8.40 36.12
CA ARG B 58 12.78 -7.39 35.85
C ARG B 58 14.17 -8.00 35.91
N GLU B 59 15.09 -7.39 35.15
CA GLU B 59 16.51 -7.70 35.23
C GLU B 59 17.21 -6.40 35.61
N GLU B 60 18.05 -6.43 36.65
CA GLU B 60 18.69 -5.21 37.11
C GLU B 60 20.05 -5.09 36.42
N GLN B 61 20.20 -4.08 35.55
CA GLN B 61 21.46 -3.83 34.85
C GLN B 61 22.45 -3.16 35.80
N TYR B 62 23.75 -3.32 35.50
CA TYR B 62 24.79 -2.96 36.46
C TYR B 62 25.26 -1.52 36.25
N ASN B 63 24.36 -0.68 35.75
CA ASN B 63 24.50 0.77 35.80
C ASN B 63 23.32 1.36 36.55
N SER B 64 22.92 0.67 37.64
CA SER B 64 21.89 1.10 38.56
C SER B 64 20.57 1.40 37.85
N THR B 65 20.13 0.48 36.98
CA THR B 65 18.82 0.59 36.32
C THR B 65 18.29 -0.81 36.04
N TYR B 66 16.96 -0.89 35.88
CA TYR B 66 16.26 -2.13 35.60
C TYR B 66 15.97 -2.25 34.09
N ARG B 67 15.72 -3.49 33.63
CA ARG B 67 15.11 -3.74 32.31
C ARG B 67 13.78 -4.47 32.52
N VAL B 68 12.70 -3.91 31.94
CA VAL B 68 11.38 -4.52 32.06
C VAL B 68 10.89 -4.95 30.67
N VAL B 69 10.47 -6.22 30.57
CA VAL B 69 10.11 -6.83 29.30
C VAL B 69 8.64 -7.26 29.33
N SER B 70 7.92 -7.00 28.24
CA SER B 70 6.55 -7.44 28.09
C SER B 70 6.40 -8.27 26.81
N VAL B 71 5.77 -9.45 26.94
CA VAL B 71 5.66 -10.39 25.85
C VAL B 71 4.18 -10.61 25.52
N LEU B 72 3.85 -10.41 24.24
CA LEU B 72 2.51 -10.65 23.72
C LEU B 72 2.56 -11.79 22.70
N THR B 73 1.88 -12.88 23.04
CA THR B 73 1.62 -13.96 22.11
C THR B 73 0.74 -13.40 20.99
N VAL B 74 1.04 -13.79 19.76
CA VAL B 74 0.27 -13.37 18.60
C VAL B 74 -0.21 -14.61 17.87
N LEU B 75 -1.24 -14.43 17.05
CA LEU B 75 -1.76 -15.48 16.19
C LEU B 75 -0.93 -15.47 14.92
N HIS B 76 -0.41 -16.64 14.52
CA HIS B 76 0.33 -16.79 13.27
C HIS B 76 -0.27 -15.98 12.12
N GLN B 77 -1.57 -16.17 11.84
CA GLN B 77 -2.15 -15.59 10.64
C GLN B 77 -2.22 -14.08 10.75
N ASP B 78 -2.48 -13.62 11.99
CA ASP B 78 -2.46 -12.21 12.28
C ASP B 78 -1.13 -11.61 11.83
N TRP B 79 -0.01 -12.24 12.22
CA TRP B 79 1.31 -11.71 11.90
C TRP B 79 1.53 -11.81 10.39
N LEU B 80 1.20 -12.97 9.81
CA LEU B 80 1.33 -13.20 8.38
C LEU B 80 0.46 -12.23 7.57
N ASN B 81 -0.71 -11.87 8.11
CA ASN B 81 -1.65 -10.97 7.41
C ASN B 81 -1.22 -9.51 7.53
N GLY B 82 -0.22 -9.22 8.36
CA GLY B 82 0.43 -7.93 8.33
C GLY B 82 -0.16 -6.91 9.30
N LYS B 83 -0.71 -7.42 10.41
CA LYS B 83 -1.27 -6.60 11.47
C LYS B 83 -0.14 -5.87 12.19
N GLU B 84 -0.46 -4.67 12.70
CA GLU B 84 0.49 -3.82 13.39
C GLU B 84 0.33 -4.03 14.89
N TYR B 85 1.46 -4.22 15.58
CA TYR B 85 1.44 -4.38 17.02
C TYR B 85 2.10 -3.14 17.61
N LYS B 86 1.38 -2.46 18.51
CA LYS B 86 1.82 -1.25 19.18
C LYS B 86 2.02 -1.52 20.67
N CYS B 87 3.16 -1.10 21.20
CA CYS B 87 3.47 -1.14 22.63
C CYS B 87 3.60 0.31 23.15
N LYS B 88 2.74 0.68 24.13
CA LYS B 88 2.79 1.95 24.84
C LYS B 88 3.35 1.72 26.24
N VAL B 89 4.45 2.42 26.55
CA VAL B 89 5.21 2.25 27.77
C VAL B 89 5.01 3.49 28.65
N SER B 90 4.40 3.31 29.83
CA SER B 90 4.23 4.36 30.81
C SER B 90 5.08 4.09 32.06
N ASN B 91 5.57 5.16 32.69
CA ASN B 91 6.52 5.14 33.80
C ASN B 91 6.77 6.58 34.27
N LYS B 92 7.02 6.75 35.58
CA LYS B 92 7.24 8.09 36.13
C LYS B 92 8.48 8.77 35.52
N ALA B 93 9.60 8.04 35.38
CA ALA B 93 10.85 8.63 34.90
C ALA B 93 10.80 9.04 33.43
N LEU B 94 9.70 8.74 32.74
CA LEU B 94 9.46 9.26 31.41
C LEU B 94 8.58 10.50 31.52
N PRO B 95 8.92 11.60 30.82
CA PRO B 95 8.05 12.79 30.74
C PRO B 95 6.74 12.55 29.99
N ALA B 96 6.79 11.70 28.95
CA ALA B 96 5.60 11.27 28.21
C ALA B 96 5.71 9.78 27.91
N PRO B 97 4.58 9.04 27.80
CA PRO B 97 4.59 7.65 27.28
C PRO B 97 5.37 7.50 25.97
N ILE B 98 6.16 6.42 25.86
CA ILE B 98 6.84 6.07 24.62
C ILE B 98 6.02 4.98 23.91
N GLU B 99 5.90 5.12 22.59
CA GLU B 99 5.09 4.26 21.75
C GLU B 99 5.93 3.70 20.61
N LYS B 100 5.91 2.37 20.46
CA LYS B 100 6.59 1.76 19.33
C LYS B 100 5.57 0.88 18.60
N THR B 101 5.81 0.68 17.29
CA THR B 101 4.96 -0.15 16.44
C THR B 101 5.86 -1.03 15.56
N ILE B 102 5.38 -2.26 15.34
CA ILE B 102 6.03 -3.26 14.51
C ILE B 102 4.97 -4.01 13.69
N SER B 103 5.38 -4.45 12.49
CA SER B 103 4.58 -5.33 11.66
C SER B 103 5.52 -6.17 10.81
N LYS B 104 4.99 -7.14 10.06
CA LYS B 104 5.80 -7.87 9.10
C LYS B 104 6.35 -6.90 8.05
N ALA B 105 7.58 -7.17 7.58
CA ALA B 105 8.14 -6.45 6.44
C ALA B 105 7.14 -6.33 5.30
N LYS B 106 7.10 -5.16 4.68
CA LYS B 106 6.16 -4.92 3.59
C LYS B 106 6.84 -5.18 2.27
N GLY B 107 6.03 -5.37 1.22
CA GLY B 107 6.49 -5.85 -0.07
C GLY B 107 5.84 -7.18 -0.38
N GLN B 108 5.57 -7.41 -1.67
CA GLN B 108 5.03 -8.66 -2.17
C GLN B 108 5.98 -9.83 -1.86
N PRO B 109 5.49 -10.90 -1.22
CA PRO B 109 6.29 -12.12 -1.06
C PRO B 109 6.82 -12.73 -2.35
N ARG B 110 8.05 -13.26 -2.30
CA ARG B 110 8.63 -13.96 -3.42
C ARG B 110 9.15 -15.32 -2.94
N GLU B 111 8.87 -16.34 -3.74
CA GLU B 111 9.12 -17.74 -3.45
C GLU B 111 10.64 -18.02 -3.51
N PRO B 112 11.28 -18.57 -2.46
CA PRO B 112 12.66 -19.04 -2.55
C PRO B 112 12.77 -20.17 -3.58
N GLN B 113 13.77 -20.05 -4.46
CA GLN B 113 14.30 -21.18 -5.18
C GLN B 113 15.35 -21.86 -4.30
N VAL B 114 15.30 -23.19 -4.22
CA VAL B 114 16.19 -23.97 -3.36
C VAL B 114 16.96 -24.98 -4.21
N TYR B 115 18.30 -24.86 -4.24
CA TYR B 115 19.12 -25.78 -5.01
C TYR B 115 20.19 -26.38 -4.09
N THR B 116 20.51 -27.66 -4.28
CA THR B 116 21.58 -28.24 -3.49
C THR B 116 22.79 -28.45 -4.39
N LEU B 117 24.00 -28.25 -3.84
CA LEU B 117 25.22 -28.36 -4.60
C LEU B 117 26.14 -29.32 -3.86
N PRO B 118 26.64 -30.36 -4.57
CA PRO B 118 27.53 -31.37 -3.97
C PRO B 118 28.89 -30.75 -3.70
N PRO B 119 29.70 -31.40 -2.85
CA PRO B 119 31.09 -30.96 -2.60
C PRO B 119 31.91 -30.89 -3.88
N SER B 120 32.89 -29.98 -3.88
CA SER B 120 33.86 -29.92 -4.96
C SER B 120 34.70 -31.21 -4.93
N ARG B 121 35.09 -31.69 -6.12
CA ARG B 121 36.08 -32.76 -6.19
C ARG B 121 37.33 -32.44 -5.37
N GLU B 122 37.78 -31.17 -5.37
CA GLU B 122 38.97 -30.76 -4.66
C GLU B 122 38.88 -30.92 -3.15
N GLU B 123 37.65 -30.95 -2.62
CA GLU B 123 37.39 -31.10 -1.20
C GLU B 123 37.56 -32.56 -0.79
N MET B 124 37.60 -33.48 -1.77
CA MET B 124 37.65 -34.90 -1.50
C MET B 124 39.02 -35.30 -0.97
N THR B 125 39.94 -34.33 -0.95
CA THR B 125 41.23 -34.49 -0.28
C THR B 125 41.06 -34.50 1.24
N LYS B 126 39.92 -34.00 1.77
CA LYS B 126 39.74 -33.80 3.20
C LYS B 126 38.91 -34.93 3.82
N ASN B 127 38.86 -34.97 5.16
CA ASN B 127 38.16 -36.00 5.92
C ASN B 127 36.68 -35.64 6.08
N GLN B 128 36.35 -34.35 6.01
CA GLN B 128 34.96 -33.88 6.05
C GLN B 128 34.66 -33.07 4.79
N VAL B 129 33.42 -33.14 4.28
CA VAL B 129 33.09 -32.42 3.07
C VAL B 129 31.86 -31.54 3.29
N SER B 130 31.68 -30.57 2.38
CA SER B 130 30.65 -29.54 2.46
C SER B 130 29.55 -29.86 1.44
N LEU B 131 28.31 -29.97 1.94
CA LEU B 131 27.11 -30.01 1.12
C LEU B 131 26.51 -28.62 1.20
N THR B 132 26.15 -28.06 0.03
CA THR B 132 25.75 -26.68 -0.02
C THR B 132 24.28 -26.60 -0.40
N CYS B 133 23.56 -25.69 0.26
CA CYS B 133 22.21 -25.38 -0.18
C CYS B 133 22.11 -23.89 -0.46
N LEU B 134 21.82 -23.54 -1.73
CA LEU B 134 21.59 -22.15 -2.12
C LEU B 134 20.09 -21.87 -2.11
N VAL B 135 19.67 -20.81 -1.39
CA VAL B 135 18.29 -20.35 -1.30
C VAL B 135 18.22 -18.90 -1.79
N LYS B 136 17.57 -18.68 -2.94
CA LYS B 136 17.65 -17.38 -3.60
C LYS B 136 16.27 -16.98 -4.11
N GLY B 137 16.14 -15.67 -4.33
CA GLY B 137 14.94 -15.02 -4.81
C GLY B 137 13.86 -14.88 -3.73
N PHE B 138 14.23 -14.89 -2.45
CA PHE B 138 13.15 -14.85 -1.48
C PHE B 138 12.85 -13.43 -0.97
N TYR B 139 11.59 -13.20 -0.62
CA TYR B 139 11.20 -11.99 0.07
C TYR B 139 9.96 -12.30 0.90
N PRO B 140 9.83 -11.80 2.14
CA PRO B 140 10.92 -11.06 2.82
C PRO B 140 11.97 -12.01 3.42
N SER B 141 12.89 -11.49 4.24
CA SER B 141 14.06 -12.25 4.63
C SER B 141 13.81 -13.22 5.78
N ASP B 142 12.61 -13.20 6.39
CA ASP B 142 12.25 -14.17 7.42
C ASP B 142 12.27 -15.57 6.81
N ILE B 143 13.14 -16.45 7.33
CA ILE B 143 13.33 -17.77 6.72
C ILE B 143 13.95 -18.67 7.78
N ALA B 144 13.68 -19.97 7.71
CA ALA B 144 14.40 -20.96 8.53
C ALA B 144 14.91 -22.07 7.62
N VAL B 145 16.16 -22.47 7.85
CA VAL B 145 16.84 -23.49 7.07
C VAL B 145 17.45 -24.51 8.04
N GLU B 146 17.26 -25.80 7.73
CA GLU B 146 17.76 -26.91 8.53
C GLU B 146 18.19 -28.01 7.58
N TRP B 147 19.03 -28.90 8.11
CA TRP B 147 19.45 -30.07 7.38
C TRP B 147 19.01 -31.32 8.14
N GLU B 148 18.74 -32.40 7.41
CA GLU B 148 18.39 -33.67 8.03
C GLU B 148 18.86 -34.81 7.14
N SER B 149 18.86 -36.03 7.70
CA SER B 149 19.15 -37.25 6.98
C SER B 149 18.42 -38.38 7.67
N ASN B 150 17.81 -39.28 6.88
CA ASN B 150 17.16 -40.47 7.40
C ASN B 150 16.22 -40.12 8.54
N GLY B 151 15.55 -38.96 8.43
CA GLY B 151 14.52 -38.58 9.39
C GLY B 151 15.05 -37.71 10.52
N GLN B 152 16.38 -37.59 10.63
CA GLN B 152 16.99 -37.04 11.84
C GLN B 152 17.76 -35.75 11.54
N PRO B 153 17.70 -34.73 12.42
CA PRO B 153 18.44 -33.49 12.21
C PRO B 153 19.95 -33.75 12.19
N GLU B 154 20.66 -33.00 11.34
CA GLU B 154 22.11 -33.03 11.31
C GLU B 154 22.62 -31.88 12.18
N ASN B 155 23.62 -32.14 13.03
CA ASN B 155 24.03 -31.13 13.99
C ASN B 155 24.90 -30.05 13.32
N ASN B 156 25.75 -30.48 12.38
CA ASN B 156 26.91 -29.66 12.05
C ASN B 156 26.70 -28.88 10.75
N TYR B 157 25.87 -27.84 10.80
CA TYR B 157 25.75 -26.97 9.65
C TYR B 157 25.74 -25.52 10.13
N LYS B 158 25.99 -24.62 9.18
CA LYS B 158 25.94 -23.19 9.43
C LYS B 158 25.26 -22.55 8.23
N THR B 159 24.44 -21.51 8.48
CA THR B 159 23.76 -20.77 7.43
C THR B 159 24.24 -19.33 7.40
N THR B 160 24.39 -18.75 6.19
CA THR B 160 24.74 -17.34 6.12
C THR B 160 23.53 -16.49 6.53
N PRO B 161 23.70 -15.23 6.96
CA PRO B 161 22.58 -14.30 6.97
C PRO B 161 22.01 -14.15 5.55
N PRO B 162 20.73 -13.76 5.40
CA PRO B 162 20.19 -13.31 4.10
C PRO B 162 21.05 -12.17 3.54
N VAL B 163 21.32 -12.18 2.24
CA VAL B 163 22.06 -11.11 1.58
C VAL B 163 21.13 -10.52 0.53
N LEU B 164 21.15 -9.19 0.40
CA LEU B 164 20.27 -8.53 -0.55
C LEU B 164 20.87 -8.69 -1.95
N ASP B 165 20.08 -9.29 -2.84
CA ASP B 165 20.48 -9.43 -4.23
C ASP B 165 20.12 -8.14 -4.96
N SER B 166 20.47 -8.09 -6.25
CA SER B 166 20.35 -6.87 -7.03
C SER B 166 18.95 -6.70 -7.58
N ASP B 167 18.09 -7.71 -7.42
CA ASP B 167 16.73 -7.59 -7.89
C ASP B 167 15.78 -7.25 -6.73
N GLY B 168 16.35 -6.97 -5.54
CA GLY B 168 15.54 -6.65 -4.38
C GLY B 168 15.07 -7.87 -3.59
N SER B 169 15.33 -9.10 -4.05
CA SER B 169 15.07 -10.29 -3.24
C SER B 169 16.34 -10.64 -2.46
N PHE B 170 16.26 -11.65 -1.57
CA PHE B 170 17.39 -12.16 -0.80
C PHE B 170 17.84 -13.54 -1.25
N PHE B 171 19.07 -13.86 -0.87
CA PHE B 171 19.61 -15.20 -1.03
C PHE B 171 20.44 -15.54 0.21
N LEU B 172 20.57 -16.83 0.51
CA LEU B 172 21.58 -17.27 1.46
C LEU B 172 22.11 -18.61 1.00
N TYR B 173 23.20 -19.05 1.64
CA TYR B 173 23.65 -20.41 1.50
C TYR B 173 23.67 -21.09 2.86
N SER B 174 23.34 -22.39 2.85
CA SER B 174 23.55 -23.19 4.05
C SER B 174 24.61 -24.27 3.76
N LYS B 175 25.60 -24.38 4.65
CA LYS B 175 26.67 -25.35 4.49
C LYS B 175 26.54 -26.45 5.54
N LEU B 176 26.38 -27.71 5.10
CA LEU B 176 26.42 -28.81 6.04
C LEU B 176 27.74 -29.54 5.89
N THR B 177 28.38 -29.83 7.03
CA THR B 177 29.61 -30.59 7.04
C THR B 177 29.34 -32.02 7.51
N VAL B 178 29.85 -33.00 6.75
CA VAL B 178 29.69 -34.41 7.11
C VAL B 178 31.01 -35.15 6.87
N ASP B 179 31.20 -36.25 7.60
CA ASP B 179 32.33 -37.14 7.34
C ASP B 179 32.29 -37.57 5.88
N LYS B 180 33.45 -37.56 5.22
CA LYS B 180 33.51 -37.91 3.81
C LYS B 180 32.91 -39.29 3.56
N SER B 181 33.15 -40.25 4.45
CA SER B 181 32.68 -41.60 4.22
C SER B 181 31.15 -41.67 4.12
N ARG B 182 30.45 -40.86 4.93
CA ARG B 182 28.98 -40.82 4.88
C ARG B 182 28.52 -40.37 3.49
N TRP B 183 29.21 -39.37 2.90
CA TRP B 183 28.92 -38.90 1.56
C TRP B 183 29.19 -39.97 0.51
N GLN B 184 30.32 -40.70 0.64
CA GLN B 184 30.76 -41.74 -0.29
C GLN B 184 29.87 -42.99 -0.24
N GLN B 185 29.24 -43.24 0.92
CA GLN B 185 28.39 -44.42 1.11
C GLN B 185 27.02 -44.23 0.45
N GLY B 186 26.72 -43.03 -0.06
CA GLY B 186 25.48 -42.81 -0.78
C GLY B 186 24.34 -42.29 0.10
N ASN B 187 24.61 -41.90 1.34
CA ASN B 187 23.57 -41.32 2.19
C ASN B 187 22.92 -40.13 1.51
N VAL B 188 21.59 -40.03 1.68
CA VAL B 188 20.79 -38.90 1.23
C VAL B 188 20.71 -37.88 2.36
N PHE B 189 21.09 -36.63 2.05
CA PHE B 189 20.99 -35.48 2.92
C PHE B 189 19.92 -34.53 2.35
N SER B 190 19.17 -33.88 3.24
CA SER B 190 18.13 -32.96 2.82
C SER B 190 18.23 -31.63 3.55
N CYS B 191 18.06 -30.55 2.76
CA CYS B 191 17.94 -29.15 3.16
C CYS B 191 16.45 -28.82 3.18
N SER B 192 15.97 -28.39 4.35
CA SER B 192 14.56 -28.05 4.48
C SER B 192 14.42 -26.56 4.80
N VAL B 193 13.58 -25.88 3.99
CA VAL B 193 13.47 -24.42 4.11
C VAL B 193 12.03 -24.08 4.47
N MET B 194 11.83 -23.23 5.47
CA MET B 194 10.49 -22.77 5.74
C MET B 194 10.43 -21.27 5.47
N HIS B 195 9.43 -20.89 4.66
CA HIS B 195 9.26 -19.51 4.25
C HIS B 195 7.81 -19.33 3.85
N GLU B 196 7.25 -18.15 4.13
CA GLU B 196 5.84 -17.85 3.89
C GLU B 196 5.43 -17.99 2.42
N ALA B 197 6.31 -17.62 1.48
CA ALA B 197 5.99 -17.62 0.06
C ALA B 197 6.26 -18.96 -0.64
N LEU B 198 6.64 -20.00 0.12
CA LEU B 198 6.70 -21.35 -0.44
C LEU B 198 5.29 -21.91 -0.43
N HIS B 199 5.03 -22.90 -1.28
CA HIS B 199 3.71 -23.53 -1.23
C HIS B 199 3.61 -24.32 0.07
N ASN B 200 2.57 -24.02 0.88
CA ASN B 200 2.42 -24.62 2.19
C ASN B 200 3.53 -24.20 3.15
N HIS B 201 4.31 -23.17 2.75
CA HIS B 201 5.37 -22.54 3.55
C HIS B 201 6.58 -23.45 3.77
N TYR B 202 6.70 -24.54 3.00
CA TYR B 202 7.76 -25.50 3.27
C TYR B 202 8.29 -26.09 1.97
N THR B 203 9.61 -26.34 1.91
CA THR B 203 10.13 -27.21 0.85
C THR B 203 11.34 -27.96 1.42
N GLN B 204 11.69 -29.12 0.85
CA GLN B 204 12.89 -29.86 1.21
C GLN B 204 13.53 -30.37 -0.07
N LYS B 205 14.85 -30.15 -0.23
CA LYS B 205 15.60 -30.65 -1.37
C LYS B 205 16.73 -31.58 -0.92
N SER B 206 16.95 -32.66 -1.65
CA SER B 206 17.86 -33.71 -1.24
C SER B 206 19.06 -33.85 -2.18
N LEU B 207 20.19 -34.28 -1.64
CA LEU B 207 21.25 -34.75 -2.52
C LEU B 207 22.04 -35.91 -1.92
N SER B 208 22.80 -36.55 -2.81
CA SER B 208 23.54 -37.77 -2.55
C SER B 208 24.45 -38.06 -3.74
N LEU B 209 25.44 -38.90 -3.51
CA LEU B 209 26.46 -39.15 -4.52
C LEU B 209 25.83 -39.98 -5.65
N GLY C 3 26.55 -12.72 18.56
CA GLY C 3 27.50 -13.31 19.58
C GLY C 3 27.35 -12.62 20.93
N PRO C 4 28.07 -13.04 21.99
CA PRO C 4 28.06 -12.29 23.25
C PRO C 4 28.70 -10.91 23.10
N SER C 5 28.29 -9.96 23.96
CA SER C 5 28.98 -8.68 24.01
C SER C 5 29.35 -8.34 25.45
N VAL C 6 30.33 -7.46 25.64
CA VAL C 6 30.96 -7.28 26.94
C VAL C 6 30.87 -5.82 27.38
N PHE C 7 30.59 -5.58 28.66
CA PHE C 7 30.48 -4.23 29.18
C PHE C 7 31.29 -4.15 30.47
N LEU C 8 31.97 -3.03 30.70
CA LEU C 8 32.82 -2.93 31.88
C LEU C 8 32.52 -1.63 32.62
N PHE C 9 32.09 -1.74 33.89
CA PHE C 9 31.56 -0.62 34.67
C PHE C 9 32.50 -0.22 35.81
N PRO C 10 32.69 1.11 36.06
CA PRO C 10 33.66 1.60 37.06
C PRO C 10 33.01 1.50 38.44
N PRO C 11 33.73 1.79 39.56
CA PRO C 11 33.12 1.74 40.90
C PRO C 11 32.12 2.87 41.08
N LYS C 12 31.21 2.73 42.07
CA LYS C 12 30.33 3.83 42.42
C LYS C 12 31.21 4.91 43.03
N PRO C 13 30.94 6.19 42.73
CA PRO C 13 31.78 7.29 43.25
C PRO C 13 31.91 7.34 44.77
N LYS C 14 30.85 6.91 45.48
CA LYS C 14 30.87 6.90 46.94
C LYS C 14 31.82 5.83 47.48
N ASP C 15 31.84 4.66 46.83
CA ASP C 15 32.62 3.51 47.27
C ASP C 15 34.12 3.78 47.29
N THR C 16 34.59 4.67 46.39
CA THR C 16 36.02 4.90 46.26
C THR C 16 36.49 5.97 47.25
N LEU C 17 35.53 6.75 47.79
CA LEU C 17 35.87 7.86 48.66
C LEU C 17 35.83 7.50 50.14
N MET C 18 35.08 6.43 50.48
CA MET C 18 34.91 6.03 51.88
C MET C 18 35.55 4.66 52.13
N ILE C 19 36.55 4.66 53.02
CA ILE C 19 37.40 3.52 53.34
C ILE C 19 36.54 2.37 53.86
N SER C 20 35.34 2.71 54.35
CA SER C 20 34.42 1.77 54.97
C SER C 20 33.60 1.01 53.94
N ARG C 21 33.77 1.35 52.65
CA ARG C 21 32.99 0.78 51.58
C ARG C 21 33.92 0.06 50.60
N THR C 22 33.34 -0.83 49.77
CA THR C 22 34.12 -1.71 48.92
C THR C 22 33.90 -1.36 47.44
N PRO C 23 34.77 -0.55 46.81
CA PRO C 23 34.63 -0.25 45.38
C PRO C 23 34.85 -1.49 44.52
N GLU C 24 34.12 -1.57 43.41
CA GLU C 24 34.15 -2.76 42.57
C GLU C 24 34.19 -2.32 41.11
N VAL C 25 34.92 -3.08 40.28
CA VAL C 25 34.68 -2.96 38.85
C VAL C 25 33.99 -4.23 38.34
N THR C 26 33.01 -4.02 37.44
CA THR C 26 32.04 -5.03 37.06
C THR C 26 32.14 -5.28 35.55
N CYS C 27 32.47 -6.51 35.17
CA CYS C 27 32.50 -6.96 33.79
C CYS C 27 31.25 -7.78 33.54
N VAL C 28 30.42 -7.33 32.57
CA VAL C 28 29.13 -7.92 32.29
C VAL C 28 29.18 -8.50 30.87
N VAL C 29 28.91 -9.81 30.75
CA VAL C 29 28.83 -10.45 29.45
C VAL C 29 27.36 -10.76 29.18
N VAL C 30 26.77 -10.15 28.15
CA VAL C 30 25.38 -10.44 27.80
C VAL C 30 25.30 -11.29 26.52
N ASP C 31 24.15 -11.94 26.29
CA ASP C 31 23.87 -12.71 25.07
C ASP C 31 24.73 -13.97 25.00
N VAL C 32 25.02 -14.55 26.16
CA VAL C 32 25.72 -15.81 26.19
C VAL C 32 24.68 -16.87 25.83
N SER C 33 24.97 -17.67 24.80
CA SER C 33 23.95 -18.58 24.29
C SER C 33 23.88 -19.84 25.14
N HIS C 34 22.68 -20.45 25.16
CA HIS C 34 22.42 -21.69 25.85
C HIS C 34 23.37 -22.81 25.39
N GLU C 35 23.75 -22.81 24.10
CA GLU C 35 24.53 -23.91 23.53
C GLU C 35 26.04 -23.72 23.68
N ASP C 36 26.49 -22.51 24.03
CA ASP C 36 27.87 -22.28 24.43
C ASP C 36 27.84 -21.40 25.68
N PRO C 37 27.51 -21.96 26.86
CA PRO C 37 27.24 -21.15 28.04
C PRO C 37 28.49 -20.89 28.87
N GLU C 38 29.59 -21.57 28.55
CA GLU C 38 30.78 -21.49 29.40
C GLU C 38 31.51 -20.19 29.09
N VAL C 39 31.69 -19.34 30.12
CA VAL C 39 32.44 -18.11 29.94
C VAL C 39 33.66 -18.16 30.85
N LYS C 40 34.79 -17.68 30.33
CA LYS C 40 35.97 -17.54 31.17
C LYS C 40 36.34 -16.06 31.25
N PHE C 41 36.77 -15.63 32.44
CA PHE C 41 37.23 -14.27 32.65
C PHE C 41 38.72 -14.27 32.99
N ASN C 42 39.46 -13.34 32.41
CA ASN C 42 40.75 -12.98 32.96
C ASN C 42 40.74 -11.49 33.30
N TRP C 43 41.27 -11.17 34.48
CA TRP C 43 41.35 -9.81 34.98
C TRP C 43 42.82 -9.38 35.09
N TYR C 44 43.07 -8.12 34.74
CA TYR C 44 44.42 -7.59 34.82
C TYR C 44 44.37 -6.18 35.39
N VAL C 45 45.34 -5.91 36.29
CA VAL C 45 45.52 -4.59 36.85
C VAL C 45 46.89 -4.06 36.40
N ASP C 46 46.86 -2.94 35.66
CA ASP C 46 48.03 -2.42 34.95
C ASP C 46 48.77 -3.54 34.24
N GLY C 47 47.99 -4.45 33.65
CA GLY C 47 48.55 -5.54 32.88
C GLY C 47 49.00 -6.73 33.72
N VAL C 48 48.88 -6.64 35.06
CA VAL C 48 49.26 -7.75 35.94
C VAL C 48 48.02 -8.61 36.21
N GLU C 49 48.08 -9.92 35.90
CA GLU C 49 46.87 -10.72 36.11
C GLU C 49 46.58 -10.92 37.60
N VAL C 50 45.32 -10.70 38.01
CA VAL C 50 44.95 -10.87 39.41
C VAL C 50 43.88 -11.98 39.43
N HIS C 51 43.72 -12.65 40.58
CA HIS C 51 42.96 -13.88 40.64
C HIS C 51 41.83 -13.79 41.68
N ASN C 52 41.51 -12.57 42.15
CA ASN C 52 40.59 -12.39 43.27
C ASN C 52 39.16 -12.03 42.83
N ALA C 53 38.86 -12.03 41.53
CA ALA C 53 37.51 -11.69 41.08
C ALA C 53 36.54 -12.85 41.37
N LYS C 54 35.24 -12.54 41.46
CA LYS C 54 34.19 -13.51 41.77
C LYS C 54 33.11 -13.45 40.70
N THR C 55 32.76 -14.61 40.13
CA THR C 55 31.71 -14.68 39.14
C THR C 55 30.40 -14.97 39.84
N LYS C 56 29.41 -14.13 39.57
CA LYS C 56 28.05 -14.31 40.02
C LYS C 56 27.39 -15.49 39.29
N PRO C 57 26.36 -16.12 39.89
CA PRO C 57 25.62 -17.19 39.22
C PRO C 57 25.06 -16.62 37.92
N ARG C 58 25.10 -17.41 36.84
CA ARG C 58 24.53 -16.97 35.57
C ARG C 58 23.06 -16.61 35.80
N GLU C 59 22.54 -15.64 35.04
CA GLU C 59 21.13 -15.24 35.07
C GLU C 59 20.57 -15.34 33.66
N GLU C 60 19.42 -16.03 33.54
CA GLU C 60 18.67 -16.15 32.30
C GLU C 60 18.05 -14.80 31.94
N GLN C 61 18.18 -14.42 30.67
CA GLN C 61 17.62 -13.17 30.18
C GLN C 61 16.33 -13.48 29.39
N TYR C 62 15.47 -12.46 29.23
CA TYR C 62 14.16 -12.66 28.60
C TYR C 62 14.30 -13.36 27.25
N ASN C 63 15.45 -13.20 26.59
CA ASN C 63 15.64 -13.64 25.21
C ASN C 63 16.32 -15.02 25.15
N SER C 64 16.19 -15.81 26.22
CA SER C 64 16.72 -17.17 26.28
C SER C 64 18.23 -17.18 26.06
N THR C 65 18.91 -16.22 26.69
CA THR C 65 20.36 -16.21 26.74
C THR C 65 20.77 -15.98 28.20
N TYR C 66 22.09 -16.11 28.46
CA TYR C 66 22.61 -15.86 29.78
C TYR C 66 23.33 -14.51 29.83
N ARG C 67 23.18 -13.86 30.98
CA ARG C 67 24.08 -12.81 31.43
C ARG C 67 25.03 -13.42 32.46
N VAL C 68 26.34 -13.25 32.25
CA VAL C 68 27.34 -13.65 33.23
C VAL C 68 28.17 -12.45 33.64
N VAL C 69 28.39 -12.35 34.96
CA VAL C 69 28.96 -11.17 35.59
C VAL C 69 30.14 -11.57 36.47
N SER C 70 31.25 -10.84 36.28
CA SER C 70 32.41 -10.97 37.14
C SER C 70 32.63 -9.63 37.84
N VAL C 71 32.89 -9.73 39.14
CA VAL C 71 33.05 -8.56 39.98
C VAL C 71 34.45 -8.61 40.58
N LEU C 72 35.23 -7.54 40.36
CA LEU C 72 36.54 -7.42 40.96
C LEU C 72 36.53 -6.26 41.96
N THR C 73 36.99 -6.56 43.19
CA THR C 73 37.20 -5.61 44.27
C THR C 73 38.42 -4.76 43.97
N VAL C 74 38.35 -3.45 44.19
CA VAL C 74 39.51 -2.61 43.92
C VAL C 74 39.95 -1.85 45.16
N LEU C 75 41.25 -1.55 45.24
CA LEU C 75 41.76 -0.71 46.30
C LEU C 75 41.52 0.75 45.95
N HIS C 76 40.94 1.50 46.91
CA HIS C 76 40.65 2.92 46.75
C HIS C 76 41.81 3.57 46.03
N GLN C 77 43.00 3.49 46.65
CA GLN C 77 44.23 4.11 46.16
C GLN C 77 44.54 3.70 44.73
N ASP C 78 44.42 2.40 44.40
CA ASP C 78 44.66 1.93 43.05
C ASP C 78 43.74 2.69 42.10
N TRP C 79 42.44 2.70 42.41
CA TRP C 79 41.50 3.33 41.50
C TRP C 79 41.79 4.82 41.40
N LEU C 80 41.90 5.48 42.56
CA LEU C 80 42.06 6.94 42.62
C LEU C 80 43.37 7.36 41.96
N ASN C 81 44.37 6.45 41.95
CA ASN C 81 45.68 6.70 41.34
C ASN C 81 45.73 6.39 39.84
N GLY C 82 44.62 5.95 39.24
CA GLY C 82 44.60 5.79 37.78
C GLY C 82 45.08 4.44 37.26
N LYS C 83 45.21 3.42 38.12
CA LYS C 83 45.51 2.07 37.62
C LYS C 83 44.44 1.63 36.60
N GLU C 84 44.85 0.84 35.60
CA GLU C 84 43.96 0.37 34.55
C GLU C 84 43.43 -1.03 34.87
N TYR C 85 42.13 -1.24 34.67
CA TYR C 85 41.45 -2.54 34.85
C TYR C 85 41.00 -3.07 33.49
N LYS C 86 41.52 -4.26 33.15
CA LYS C 86 41.21 -4.97 31.91
C LYS C 86 40.47 -6.26 32.26
N CYS C 87 39.30 -6.45 31.63
CA CYS C 87 38.54 -7.68 31.67
C CYS C 87 38.68 -8.32 30.27
N LYS C 88 39.10 -9.58 30.24
CA LYS C 88 39.18 -10.36 29.03
C LYS C 88 38.19 -11.52 29.15
N VAL C 89 37.34 -11.68 28.15
CA VAL C 89 36.23 -12.60 28.20
C VAL C 89 36.40 -13.61 27.08
N SER C 90 36.44 -14.90 27.44
CA SER C 90 36.63 -15.97 26.47
C SER C 90 35.37 -16.83 26.44
N ASN C 91 34.90 -17.16 25.22
CA ASN C 91 33.71 -17.98 25.03
C ASN C 91 33.70 -18.54 23.61
N LYS C 92 33.22 -19.78 23.47
CA LYS C 92 33.37 -20.49 22.21
C LYS C 92 32.58 -19.83 21.06
N ALA C 93 31.58 -18.99 21.37
CA ALA C 93 30.83 -18.37 20.28
C ALA C 93 31.53 -17.11 19.76
N LEU C 94 32.68 -16.75 20.36
CA LEU C 94 33.41 -15.57 19.92
C LEU C 94 34.50 -16.01 18.95
N PRO C 95 34.83 -15.24 17.89
CA PRO C 95 35.94 -15.61 17.01
C PRO C 95 37.28 -15.42 17.72
N ALA C 96 37.32 -14.47 18.67
CA ALA C 96 38.49 -14.24 19.51
C ALA C 96 38.04 -13.61 20.83
N PRO C 97 38.80 -13.74 21.95
CA PRO C 97 38.33 -13.16 23.22
C PRO C 97 38.08 -11.66 23.10
N ILE C 98 37.18 -11.12 23.93
CA ILE C 98 36.96 -9.68 23.94
C ILE C 98 37.63 -9.10 25.19
N GLU C 99 38.31 -7.97 25.02
CA GLU C 99 39.04 -7.32 26.09
C GLU C 99 38.49 -5.90 26.21
N LYS C 100 38.12 -5.51 27.43
CA LYS C 100 37.76 -4.14 27.74
C LYS C 100 38.68 -3.63 28.84
N THR C 101 38.99 -2.33 28.79
CA THR C 101 39.79 -1.66 29.81
C THR C 101 39.00 -0.46 30.35
N ILE C 102 39.12 -0.22 31.65
CA ILE C 102 38.54 0.95 32.27
C ILE C 102 39.56 1.51 33.27
N SER C 103 39.56 2.84 33.44
CA SER C 103 40.20 3.47 34.59
C SER C 103 39.55 4.81 34.89
N LYS C 104 40.02 5.48 35.96
CA LYS C 104 39.56 6.80 36.35
C LYS C 104 39.90 7.79 35.23
N ALA C 105 39.09 8.83 35.06
CA ALA C 105 39.44 9.89 34.12
C ALA C 105 40.81 10.46 34.50
N LYS C 106 41.70 10.67 33.52
CA LYS C 106 43.02 11.23 33.73
C LYS C 106 42.90 12.73 33.91
N GLY C 107 43.83 13.30 34.70
CA GLY C 107 43.86 14.73 34.93
C GLY C 107 43.88 15.03 36.43
N GLN C 108 44.38 16.22 36.75
CA GLN C 108 44.64 16.65 38.12
C GLN C 108 43.29 16.86 38.81
N PRO C 109 43.08 16.27 40.00
CA PRO C 109 41.86 16.50 40.77
C PRO C 109 41.78 17.99 41.11
N ARG C 110 40.56 18.54 41.15
CA ARG C 110 40.33 19.93 41.53
C ARG C 110 39.19 19.98 42.53
N GLU C 111 39.36 20.83 43.54
CA GLU C 111 38.45 20.88 44.67
C GLU C 111 37.17 21.65 44.32
N PRO C 112 35.97 21.11 44.62
CA PRO C 112 34.72 21.85 44.46
C PRO C 112 34.66 23.03 45.42
N GLN C 113 34.19 24.17 44.93
CA GLN C 113 33.69 25.24 45.77
C GLN C 113 32.18 25.04 45.86
N VAL C 114 31.64 25.12 47.08
CA VAL C 114 30.26 24.75 47.37
C VAL C 114 29.56 25.98 47.95
N TYR C 115 28.46 26.44 47.31
CA TYR C 115 27.70 27.60 47.75
C TYR C 115 26.22 27.26 47.83
N THR C 116 25.57 27.78 48.88
CA THR C 116 24.14 27.62 49.05
C THR C 116 23.50 28.95 48.72
N LEU C 117 22.45 28.93 47.89
CA LEU C 117 21.69 30.11 47.55
C LEU C 117 20.27 29.90 48.05
N PRO C 118 19.69 30.88 48.77
CA PRO C 118 18.30 30.82 49.24
C PRO C 118 17.29 31.07 48.12
N PRO C 119 15.99 30.74 48.32
CA PRO C 119 14.96 30.98 47.30
C PRO C 119 14.84 32.45 46.94
N SER C 120 14.48 32.72 45.68
CA SER C 120 14.24 34.08 45.23
C SER C 120 12.98 34.63 45.90
N ARG C 121 12.95 35.95 46.10
CA ARG C 121 11.81 36.65 46.68
C ARG C 121 10.57 36.35 45.83
N GLU C 122 10.76 36.15 44.52
CA GLU C 122 9.63 35.89 43.64
C GLU C 122 9.05 34.50 43.89
N GLU C 123 9.86 33.57 44.42
CA GLU C 123 9.45 32.20 44.60
C GLU C 123 8.56 32.06 45.83
N MET C 124 8.65 33.07 46.70
CA MET C 124 7.94 33.11 47.97
C MET C 124 6.42 33.29 47.78
N THR C 125 5.98 33.50 46.54
CA THR C 125 4.56 33.56 46.23
C THR C 125 3.95 32.16 46.12
N LYS C 126 4.79 31.11 46.25
CA LYS C 126 4.41 29.71 46.07
C LYS C 126 4.50 28.97 47.40
N ASN C 127 3.97 27.74 47.45
CA ASN C 127 3.83 27.03 48.73
C ASN C 127 5.08 26.22 49.05
N GLN C 128 5.83 25.87 48.01
CA GLN C 128 7.10 25.19 48.14
C GLN C 128 8.21 26.08 47.58
N VAL C 129 9.41 25.95 48.14
CA VAL C 129 10.51 26.83 47.78
C VAL C 129 11.74 26.00 47.35
N SER C 130 12.59 26.58 46.47
CA SER C 130 13.81 25.94 46.01
C SER C 130 15.02 26.45 46.78
N LEU C 131 15.70 25.50 47.43
CA LEU C 131 16.97 25.67 48.13
C LEU C 131 18.04 25.10 47.21
N THR C 132 18.96 25.96 46.77
CA THR C 132 19.91 25.66 45.72
C THR C 132 21.32 25.53 46.29
N CYS C 133 22.00 24.47 45.86
CA CYS C 133 23.40 24.23 46.11
C CYS C 133 24.14 24.30 44.78
N LEU C 134 25.06 25.28 44.65
CA LEU C 134 25.95 25.35 43.49
C LEU C 134 27.27 24.67 43.84
N VAL C 135 27.63 23.65 43.04
CA VAL C 135 28.92 22.98 43.26
C VAL C 135 29.76 23.22 42.02
N LYS C 136 30.91 23.89 42.22
CA LYS C 136 31.61 24.51 41.09
C LYS C 136 33.10 24.15 41.16
N GLY C 137 33.74 24.02 39.99
CA GLY C 137 35.20 23.97 39.92
C GLY C 137 35.79 22.60 40.26
N PHE C 138 35.02 21.51 40.09
CA PHE C 138 35.57 20.21 40.47
C PHE C 138 36.05 19.44 39.25
N TYR C 139 37.05 18.59 39.49
CA TYR C 139 37.52 17.61 38.52
C TYR C 139 38.04 16.40 39.30
N PRO C 140 37.75 15.14 38.91
CA PRO C 140 36.90 14.80 37.77
C PRO C 140 35.42 14.87 38.20
N SER C 141 34.53 14.32 37.38
CA SER C 141 33.10 14.57 37.50
C SER C 141 32.43 13.65 38.53
N ASP C 142 33.08 12.55 38.91
CA ASP C 142 32.59 11.66 39.97
C ASP C 142 32.40 12.42 41.28
N ILE C 143 31.15 12.43 41.78
CA ILE C 143 30.78 13.24 42.93
C ILE C 143 29.47 12.71 43.49
N ALA C 144 29.20 13.01 44.77
CA ALA C 144 27.91 12.73 45.40
C ALA C 144 27.40 13.97 46.13
N VAL C 145 26.10 14.27 45.97
CA VAL C 145 25.46 15.42 46.59
C VAL C 145 24.19 14.98 47.32
N GLU C 146 24.03 15.41 48.58
CA GLU C 146 22.91 15.04 49.41
C GLU C 146 22.48 16.22 50.28
N TRP C 147 21.20 16.21 50.68
CA TRP C 147 20.65 17.17 51.61
C TRP C 147 20.31 16.52 52.94
N GLU C 148 20.36 17.34 54.00
CA GLU C 148 20.16 16.95 55.38
C GLU C 148 19.53 18.11 56.13
N SER C 149 18.75 17.77 57.16
CA SER C 149 18.29 18.70 58.19
C SER C 149 18.17 17.95 59.51
N ASN C 150 18.77 18.52 60.57
CA ASN C 150 18.70 18.01 61.93
C ASN C 150 19.04 16.52 61.97
N GLY C 151 20.18 16.15 61.38
CA GLY C 151 20.73 14.80 61.46
C GLY C 151 19.83 13.72 60.83
N GLN C 152 18.97 14.14 59.90
CA GLN C 152 18.15 13.19 59.17
C GLN C 152 18.13 13.58 57.69
N PRO C 153 18.14 12.57 56.78
CA PRO C 153 18.13 12.85 55.34
C PRO C 153 16.90 13.64 54.91
N GLU C 154 17.13 14.67 54.08
CA GLU C 154 16.09 15.34 53.29
C GLU C 154 16.18 14.85 51.85
N ASN C 155 15.07 14.28 51.34
CA ASN C 155 15.15 13.46 50.14
C ASN C 155 14.51 14.16 48.94
N ASN C 156 13.81 15.27 49.17
CA ASN C 156 13.02 15.92 48.14
C ASN C 156 13.90 16.80 47.26
N TYR C 157 14.93 16.22 46.63
CA TYR C 157 15.85 17.02 45.84
C TYR C 157 16.14 16.36 44.50
N LYS C 158 16.49 17.21 43.54
CA LYS C 158 17.06 16.77 42.28
C LYS C 158 18.40 17.49 42.09
N THR C 159 19.32 16.87 41.35
CA THR C 159 20.62 17.44 41.11
C THR C 159 20.93 17.32 39.62
N THR C 160 21.33 18.42 38.96
CA THR C 160 21.67 18.36 37.54
C THR C 160 22.85 17.41 37.36
N PRO C 161 23.09 16.83 36.16
CA PRO C 161 24.37 16.19 35.84
C PRO C 161 25.50 17.21 35.87
N PRO C 162 26.79 16.80 36.02
CA PRO C 162 27.90 17.74 35.93
C PRO C 162 27.90 18.32 34.52
N VAL C 163 28.24 19.61 34.41
CA VAL C 163 28.35 20.31 33.15
C VAL C 163 29.76 20.87 33.09
N LEU C 164 30.42 20.63 31.94
CA LEU C 164 31.78 21.07 31.74
C LEU C 164 31.79 22.60 31.63
N ASP C 165 32.58 23.27 32.48
CA ASP C 165 32.71 24.71 32.44
C ASP C 165 33.84 25.12 31.49
N SER C 166 34.00 26.42 31.26
CA SER C 166 34.86 26.89 30.18
C SER C 166 36.35 26.78 30.54
N ASP C 167 36.69 26.46 31.80
CA ASP C 167 38.08 26.26 32.22
C ASP C 167 38.45 24.77 32.32
N GLY C 168 37.55 23.88 31.88
CA GLY C 168 37.75 22.44 31.93
C GLY C 168 37.39 21.80 33.28
N SER C 169 36.78 22.55 34.22
CA SER C 169 36.26 21.90 35.41
C SER C 169 34.76 21.71 35.23
N PHE C 170 34.11 21.02 36.19
CA PHE C 170 32.68 20.79 36.17
C PHE C 170 31.96 21.66 37.21
N PHE C 171 30.68 21.95 36.94
CA PHE C 171 29.75 22.44 37.95
C PHE C 171 28.47 21.62 37.85
N LEU C 172 27.77 21.53 38.97
CA LEU C 172 26.39 21.09 38.97
C LEU C 172 25.63 22.02 39.91
N TYR C 173 24.29 21.94 39.85
CA TYR C 173 23.42 22.56 40.83
C TYR C 173 22.54 21.46 41.42
N SER C 174 22.25 21.58 42.71
CA SER C 174 21.32 20.68 43.37
C SER C 174 20.22 21.53 43.98
N LYS C 175 18.96 21.16 43.68
CA LYS C 175 17.77 21.87 44.09
C LYS C 175 17.01 21.01 45.10
N LEU C 176 16.88 21.51 46.34
CA LEU C 176 16.03 20.88 47.35
C LEU C 176 14.74 21.67 47.52
N THR C 177 13.62 20.99 47.25
CA THR C 177 12.29 21.56 47.40
C THR C 177 11.74 21.25 48.80
N VAL C 178 11.41 22.31 49.54
CA VAL C 178 10.82 22.19 50.87
C VAL C 178 9.59 23.08 50.93
N ASP C 179 8.63 22.67 51.76
CA ASP C 179 7.48 23.52 52.05
C ASP C 179 7.98 24.87 52.59
N LYS C 180 7.28 25.94 52.22
CA LYS C 180 7.70 27.30 52.50
C LYS C 180 7.79 27.54 54.01
N SER C 181 6.79 27.03 54.74
CA SER C 181 6.70 27.24 56.16
C SER C 181 7.97 26.74 56.85
N ARG C 182 8.47 25.57 56.41
CA ARG C 182 9.67 25.01 57.02
C ARG C 182 10.81 25.99 56.79
N TRP C 183 10.85 26.56 55.57
CA TRP C 183 11.85 27.56 55.25
C TRP C 183 11.73 28.75 56.21
N GLN C 184 10.50 29.28 56.32
CA GLN C 184 10.21 30.51 57.05
C GLN C 184 10.31 30.33 58.56
N GLN C 185 10.27 29.09 59.06
CA GLN C 185 10.38 28.85 60.49
C GLN C 185 11.84 28.79 60.94
N GLY C 186 12.78 29.02 60.02
CA GLY C 186 14.18 29.21 60.36
C GLY C 186 14.96 27.89 60.45
N ASN C 187 14.35 26.80 59.98
CA ASN C 187 15.01 25.50 59.90
C ASN C 187 16.28 25.59 59.06
N VAL C 188 17.34 24.92 59.51
CA VAL C 188 18.63 24.87 58.83
C VAL C 188 18.63 23.70 57.86
N PHE C 189 19.02 23.98 56.61
CA PHE C 189 19.09 22.99 55.56
C PHE C 189 20.54 22.88 55.08
N SER C 190 20.99 21.63 54.95
CA SER C 190 22.40 21.32 54.79
C SER C 190 22.66 20.50 53.52
N CYS C 191 23.62 20.95 52.71
CA CYS C 191 24.02 20.34 51.45
C CYS C 191 25.38 19.66 51.67
N SER C 192 25.43 18.33 51.52
CA SER C 192 26.65 17.54 51.68
C SER C 192 27.23 17.19 50.32
N VAL C 193 28.55 17.40 50.18
CA VAL C 193 29.23 17.11 48.94
C VAL C 193 30.44 16.22 49.23
N MET C 194 30.57 15.13 48.43
CA MET C 194 31.65 14.17 48.55
C MET C 194 32.42 14.07 47.23
N HIS C 195 33.74 14.25 47.31
CA HIS C 195 34.58 14.32 46.13
C HIS C 195 36.03 14.09 46.55
N GLU C 196 36.83 13.47 45.69
CA GLU C 196 38.16 13.06 46.11
C GLU C 196 39.06 14.24 46.48
N ALA C 197 38.82 15.41 45.89
CA ALA C 197 39.71 16.56 46.05
C ALA C 197 39.38 17.38 47.30
N LEU C 198 38.30 17.01 48.00
CA LEU C 198 37.95 17.61 49.28
C LEU C 198 38.76 16.94 50.38
N HIS C 199 39.29 17.77 51.27
CA HIS C 199 39.80 17.30 52.56
C HIS C 199 38.73 16.42 53.20
N ASN C 200 39.10 15.18 53.52
CA ASN C 200 38.18 14.19 54.06
C ASN C 200 37.12 13.74 53.07
N HIS C 201 37.40 13.94 51.78
CA HIS C 201 36.48 13.59 50.71
C HIS C 201 35.07 14.07 51.05
N TYR C 202 34.95 15.16 51.82
CA TYR C 202 33.67 15.59 52.37
C TYR C 202 33.68 17.06 52.78
N THR C 203 32.59 17.75 52.43
CA THR C 203 32.30 19.08 52.93
C THR C 203 30.78 19.25 52.99
N GLN C 204 30.33 20.18 53.83
CA GLN C 204 28.91 20.40 54.04
C GLN C 204 28.69 21.87 54.30
N LYS C 205 27.68 22.41 53.64
CA LYS C 205 27.34 23.82 53.73
C LYS C 205 25.86 23.93 54.06
N SER C 206 25.56 24.87 54.97
CA SER C 206 24.20 25.03 55.46
C SER C 206 23.61 26.36 54.99
N LEU C 207 22.31 26.51 55.25
CA LEU C 207 21.44 27.45 54.59
C LEU C 207 20.18 27.56 55.44
N SER C 208 19.77 28.79 55.75
CA SER C 208 18.60 29.11 56.55
C SER C 208 18.27 30.58 56.38
N LEU C 209 17.11 31.02 56.92
CA LEU C 209 16.80 32.41 57.27
C LEU C 209 17.77 33.35 56.53
N ALA D 2 26.59 -2.05 6.46
CA ALA D 2 25.22 -2.25 5.88
C ALA D 2 24.99 -1.23 4.75
N GLY D 3 23.75 -1.18 4.25
CA GLY D 3 23.34 -0.16 3.29
C GLY D 3 22.94 1.14 3.98
N PRO D 4 22.05 1.97 3.40
CA PRO D 4 21.74 3.28 3.98
C PRO D 4 21.06 3.21 5.34
N SER D 5 21.32 4.24 6.17
CA SER D 5 20.60 4.49 7.40
C SER D 5 19.87 5.83 7.26
N VAL D 6 18.82 5.98 8.07
CA VAL D 6 17.94 7.14 7.96
C VAL D 6 17.88 7.76 9.35
N PHE D 7 17.93 9.11 9.38
CA PHE D 7 17.74 9.90 10.59
C PHE D 7 16.69 10.97 10.29
N LEU D 8 15.83 11.30 11.27
CA LEU D 8 14.83 12.34 11.10
C LEU D 8 14.96 13.30 12.26
N PHE D 9 15.19 14.59 11.94
CA PHE D 9 15.44 15.61 12.95
C PHE D 9 14.27 16.57 13.06
N PRO D 10 13.89 16.99 14.30
CA PRO D 10 12.79 17.94 14.50
C PRO D 10 13.34 19.34 14.20
N PRO D 11 12.51 20.39 14.17
CA PRO D 11 13.04 21.74 13.97
C PRO D 11 13.84 22.21 15.19
N LYS D 12 14.62 23.27 15.00
CA LYS D 12 15.27 23.99 16.07
C LYS D 12 14.18 24.61 16.94
N PRO D 13 14.26 24.44 18.29
CA PRO D 13 13.33 25.09 19.21
C PRO D 13 12.93 26.54 18.86
N LYS D 14 13.93 27.39 18.57
CA LYS D 14 13.73 28.81 18.36
C LYS D 14 12.85 29.04 17.13
N ASP D 15 13.06 28.18 16.11
CA ASP D 15 12.36 28.30 14.84
C ASP D 15 10.86 28.07 15.05
N THR D 16 10.50 27.24 16.03
CA THR D 16 9.08 26.96 16.23
C THR D 16 8.39 28.14 16.92
N LEU D 17 9.17 28.92 17.68
CA LEU D 17 8.68 29.92 18.61
C LEU D 17 8.57 31.32 17.98
N MET D 18 9.39 31.58 16.96
CA MET D 18 9.49 32.91 16.39
C MET D 18 8.85 32.92 15.00
N ILE D 19 7.83 33.74 14.81
CA ILE D 19 7.09 33.76 13.56
C ILE D 19 8.02 34.24 12.44
N SER D 20 9.12 34.91 12.81
CA SER D 20 10.09 35.48 11.89
C SER D 20 11.01 34.42 11.33
N ARG D 21 11.01 33.25 11.97
CA ARG D 21 11.80 32.08 11.56
C ARG D 21 10.86 31.02 10.99
N THR D 22 11.42 30.07 10.24
CA THR D 22 10.61 29.01 9.65
C THR D 22 11.19 27.64 10.00
N PRO D 23 10.43 26.86 10.79
CA PRO D 23 10.92 25.56 11.27
C PRO D 23 10.84 24.56 10.13
N GLU D 24 11.79 23.62 10.14
CA GLU D 24 11.88 22.56 9.16
C GLU D 24 12.09 21.21 9.85
N VAL D 25 11.55 20.14 9.23
CA VAL D 25 11.93 18.79 9.60
C VAL D 25 12.89 18.23 8.54
N THR D 26 13.92 17.51 8.98
CA THR D 26 14.96 17.10 8.05
C THR D 26 15.15 15.58 8.05
N CYS D 27 14.94 14.97 6.88
CA CYS D 27 15.21 13.56 6.66
C CYS D 27 16.58 13.37 5.98
N VAL D 28 17.49 12.65 6.66
CA VAL D 28 18.83 12.44 6.15
C VAL D 28 19.04 10.96 5.88
N VAL D 29 19.56 10.64 4.69
CA VAL D 29 19.95 9.27 4.38
C VAL D 29 21.46 9.23 4.20
N VAL D 30 22.14 8.39 5.00
CA VAL D 30 23.59 8.28 4.91
C VAL D 30 23.97 6.92 4.34
N ASP D 31 25.25 6.76 3.98
CA ASP D 31 25.80 5.51 3.48
C ASP D 31 25.08 5.05 2.21
N VAL D 32 24.64 6.01 1.40
CA VAL D 32 24.18 5.71 0.06
C VAL D 32 25.39 5.40 -0.81
N SER D 33 25.38 4.25 -1.49
CA SER D 33 26.50 3.84 -2.32
C SER D 33 26.51 4.55 -3.67
N HIS D 34 27.70 4.59 -4.29
CA HIS D 34 27.87 4.97 -5.68
C HIS D 34 27.16 3.98 -6.61
N GLU D 35 27.17 2.70 -6.22
CA GLU D 35 26.50 1.64 -6.96
C GLU D 35 25.01 1.93 -7.06
N ASP D 36 24.38 2.37 -5.94
CA ASP D 36 22.93 2.56 -5.86
C ASP D 36 22.60 3.95 -5.30
N PRO D 37 22.74 5.03 -6.10
CA PRO D 37 22.67 6.39 -5.58
C PRO D 37 21.31 7.09 -5.43
N GLU D 38 20.32 6.74 -6.26
CA GLU D 38 19.04 7.43 -6.28
C GLU D 38 18.27 7.13 -5.00
N VAL D 39 17.87 8.21 -4.31
CA VAL D 39 17.00 8.09 -3.16
C VAL D 39 15.67 8.78 -3.48
N LYS D 40 14.57 8.14 -3.09
CA LYS D 40 13.27 8.77 -3.17
C LYS D 40 12.71 9.05 -1.76
N PHE D 41 11.99 10.17 -1.60
CA PHE D 41 11.36 10.47 -0.33
C PHE D 41 9.86 10.65 -0.49
N ASN D 42 9.08 10.16 0.48
CA ASN D 42 7.69 10.56 0.60
C ASN D 42 7.45 11.10 2.02
N TRP D 43 6.66 12.18 2.11
CA TRP D 43 6.39 12.90 3.35
C TRP D 43 4.90 12.89 3.68
N TYR D 44 4.59 12.69 4.97
CA TYR D 44 3.23 12.66 5.47
C TYR D 44 3.12 13.53 6.71
N VAL D 45 2.09 14.38 6.72
CA VAL D 45 1.71 15.15 7.88
C VAL D 45 0.38 14.60 8.36
N ASP D 46 0.34 14.14 9.63
CA ASP D 46 -0.83 13.47 10.18
C ASP D 46 -1.32 12.40 9.23
N GLY D 47 -0.39 11.79 8.47
CA GLY D 47 -0.68 10.66 7.61
C GLY D 47 -1.18 11.04 6.22
N VAL D 48 -1.26 12.34 5.90
CA VAL D 48 -1.65 12.80 4.58
C VAL D 48 -0.38 13.23 3.84
N GLU D 49 -0.19 12.73 2.62
CA GLU D 49 1.03 12.98 1.87
C GLU D 49 1.09 14.45 1.42
N VAL D 50 2.26 15.06 1.61
CA VAL D 50 2.50 16.43 1.16
C VAL D 50 3.69 16.40 0.19
N HIS D 51 3.77 17.41 -0.69
CA HIS D 51 4.68 17.33 -1.82
C HIS D 51 5.58 18.57 -1.94
N ASN D 52 5.72 19.35 -0.86
CA ASN D 52 6.49 20.59 -0.94
C ASN D 52 7.90 20.47 -0.34
N ALA D 53 8.39 19.25 -0.14
CA ALA D 53 9.72 19.07 0.44
C ALA D 53 10.79 19.35 -0.60
N LYS D 54 11.95 19.82 -0.16
CA LYS D 54 13.02 20.08 -1.10
C LYS D 54 14.19 19.14 -0.81
N THR D 55 14.55 18.38 -1.83
CA THR D 55 15.60 17.39 -1.70
C THR D 55 16.91 18.01 -2.18
N LYS D 56 18.00 17.77 -1.43
CA LYS D 56 19.29 18.35 -1.75
C LYS D 56 20.14 17.32 -2.50
N PRO D 57 20.88 17.73 -3.56
CA PRO D 57 21.72 16.76 -4.29
C PRO D 57 22.70 16.00 -3.41
N ARG D 58 23.09 14.82 -3.88
CA ARG D 58 23.97 13.94 -3.13
C ARG D 58 25.25 14.69 -2.77
N GLU D 59 25.81 14.35 -1.60
CA GLU D 59 27.04 14.92 -1.09
C GLU D 59 27.96 13.78 -0.65
N GLU D 60 29.19 13.76 -1.16
CA GLU D 60 30.16 12.70 -0.90
C GLU D 60 30.73 12.84 0.51
N GLN D 61 30.80 11.72 1.23
CA GLN D 61 31.31 11.80 2.59
C GLN D 61 32.72 11.20 2.60
N TYR D 62 33.44 11.42 3.71
CA TYR D 62 34.83 11.02 3.88
C TYR D 62 35.04 9.55 3.51
N ASN D 63 34.02 8.71 3.74
CA ASN D 63 34.15 7.28 3.55
C ASN D 63 33.68 6.87 2.13
N SER D 64 33.69 7.84 1.21
CA SER D 64 33.37 7.59 -0.20
C SER D 64 31.96 7.05 -0.37
N THR D 65 31.05 7.44 0.51
CA THR D 65 29.63 7.16 0.35
C THR D 65 28.87 8.49 0.29
N TYR D 66 27.61 8.43 -0.12
CA TYR D 66 26.84 9.65 -0.28
C TYR D 66 25.86 9.78 0.90
N ARG D 67 25.48 11.04 1.16
CA ARG D 67 24.38 11.41 2.02
C ARG D 67 23.35 12.20 1.20
N VAL D 68 22.06 11.89 1.37
CA VAL D 68 21.01 12.61 0.68
C VAL D 68 19.99 13.15 1.68
N VAL D 69 19.61 14.43 1.52
CA VAL D 69 18.85 15.15 2.52
C VAL D 69 17.56 15.72 1.94
N SER D 70 16.45 15.51 2.65
CA SER D 70 15.19 16.11 2.25
C SER D 70 14.71 17.01 3.39
N VAL D 71 14.32 18.23 3.03
CA VAL D 71 13.93 19.23 4.02
C VAL D 71 12.46 19.61 3.80
N LEU D 72 11.65 19.41 4.84
CA LEU D 72 10.24 19.78 4.82
C LEU D 72 9.99 21.00 5.71
N THR D 73 9.47 22.05 5.09
CA THR D 73 8.94 23.23 5.75
C THR D 73 7.71 22.85 6.58
N VAL D 74 7.68 23.30 7.85
CA VAL D 74 6.51 23.02 8.67
C VAL D 74 5.95 24.33 9.22
N LEU D 75 4.63 24.32 9.47
CA LEU D 75 3.95 25.46 10.07
C LEU D 75 4.20 25.43 11.57
N HIS D 76 4.60 26.58 12.14
CA HIS D 76 4.82 26.71 13.57
C HIS D 76 3.70 26.03 14.35
N GLN D 77 2.46 26.35 13.97
CA GLN D 77 1.28 25.97 14.72
C GLN D 77 1.02 24.47 14.60
N ASP D 78 1.25 23.89 13.40
CA ASP D 78 1.10 22.46 13.20
C ASP D 78 2.08 21.72 14.12
N TRP D 79 3.34 22.19 14.17
CA TRP D 79 4.33 21.56 15.03
C TRP D 79 3.86 21.66 16.48
N LEU D 80 3.50 22.88 16.93
CA LEU D 80 3.24 23.10 18.34
C LEU D 80 1.96 22.36 18.73
N ASN D 81 1.07 22.16 17.75
CA ASN D 81 -0.17 21.42 17.97
C ASN D 81 0.04 19.90 17.93
N GLY D 82 1.28 19.44 17.73
CA GLY D 82 1.55 18.02 17.84
C GLY D 82 1.24 17.19 16.59
N LYS D 83 1.23 17.80 15.39
CA LYS D 83 1.11 17.02 14.17
C LYS D 83 2.33 16.12 14.00
N GLU D 84 2.12 14.95 13.39
CA GLU D 84 3.13 13.94 13.16
C GLU D 84 3.71 14.06 11.75
N TYR D 85 5.04 14.09 11.67
CA TYR D 85 5.77 14.23 10.42
C TYR D 85 6.46 12.89 10.11
N LYS D 86 6.03 12.24 9.02
CA LYS D 86 6.59 10.96 8.60
C LYS D 86 7.34 11.09 7.28
N CYS D 87 8.57 10.54 7.24
CA CYS D 87 9.45 10.48 6.08
C CYS D 87 9.62 9.02 5.71
N LYS D 88 9.41 8.69 4.42
CA LYS D 88 9.59 7.33 3.90
C LYS D 88 10.66 7.39 2.83
N VAL D 89 11.75 6.63 3.03
CA VAL D 89 12.93 6.66 2.19
C VAL D 89 12.96 5.38 1.34
N SER D 90 13.09 5.54 0.02
CA SER D 90 13.28 4.37 -0.84
C SER D 90 14.64 4.46 -1.53
N ASN D 91 15.31 3.30 -1.64
CA ASN D 91 16.62 3.14 -2.25
C ASN D 91 16.84 1.66 -2.57
N LYS D 92 17.47 1.36 -3.72
CA LYS D 92 17.67 -0.02 -4.11
C LYS D 92 18.41 -0.83 -3.04
N ALA D 93 19.31 -0.19 -2.29
CA ALA D 93 20.12 -0.94 -1.34
C ALA D 93 19.34 -1.18 -0.05
N LEU D 94 18.08 -0.71 0.00
CA LEU D 94 17.15 -1.01 1.08
C LEU D 94 16.20 -2.12 0.63
N PRO D 95 16.02 -3.20 1.44
CA PRO D 95 15.12 -4.29 1.06
C PRO D 95 13.67 -3.79 0.98
N ALA D 96 13.36 -2.81 1.86
CA ALA D 96 12.06 -2.18 1.94
C ALA D 96 12.27 -0.72 2.28
N PRO D 97 11.37 0.18 1.83
CA PRO D 97 11.37 1.57 2.28
C PRO D 97 11.55 1.66 3.80
N ILE D 98 12.34 2.62 4.25
CA ILE D 98 12.43 2.90 5.68
C ILE D 98 11.56 4.11 5.98
N GLU D 99 10.80 4.03 7.09
CA GLU D 99 9.88 5.08 7.53
C GLU D 99 10.21 5.50 8.96
N LYS D 100 10.17 6.81 9.20
CA LYS D 100 10.37 7.35 10.53
C LYS D 100 9.39 8.48 10.74
N THR D 101 8.97 8.68 11.99
CA THR D 101 7.98 9.67 12.34
C THR D 101 8.49 10.46 13.52
N ILE D 102 8.22 11.76 13.54
CA ILE D 102 8.62 12.62 14.65
C ILE D 102 7.51 13.62 14.90
N SER D 103 7.35 14.04 16.16
CA SER D 103 6.40 15.07 16.55
C SER D 103 6.80 15.63 17.91
N LYS D 104 6.15 16.72 18.34
CA LYS D 104 6.49 17.34 19.62
C LYS D 104 6.06 16.37 20.72
N ALA D 105 6.83 16.31 21.80
CA ALA D 105 6.47 15.54 22.98
C ALA D 105 5.04 15.89 23.41
N LYS D 106 4.22 14.87 23.69
CA LYS D 106 2.86 15.10 24.13
C LYS D 106 2.87 15.54 25.60
N GLY D 107 1.76 16.16 26.03
CA GLY D 107 1.51 16.64 27.38
C GLY D 107 1.06 18.10 27.32
N GLN D 108 0.16 18.52 28.23
CA GLN D 108 -0.21 19.93 28.34
C GLN D 108 1.06 20.73 28.65
N PRO D 109 1.45 21.72 27.82
CA PRO D 109 2.54 22.64 28.17
C PRO D 109 2.40 23.38 29.52
N ARG D 110 3.53 23.56 30.22
CA ARG D 110 3.56 24.33 31.45
C ARG D 110 4.55 25.48 31.32
N GLU D 111 4.15 26.63 31.87
CA GLU D 111 4.89 27.88 31.75
C GLU D 111 6.11 27.82 32.66
N PRO D 112 7.32 28.17 32.15
CA PRO D 112 8.52 28.27 32.99
C PRO D 112 8.35 29.29 34.12
N GLN D 113 8.85 28.97 35.32
CA GLN D 113 9.05 29.95 36.36
C GLN D 113 10.53 30.33 36.34
N VAL D 114 10.80 31.64 36.34
CA VAL D 114 12.13 32.14 36.08
C VAL D 114 12.57 32.95 37.29
N TYR D 115 13.64 32.48 37.94
CA TYR D 115 14.17 33.17 39.10
C TYR D 115 15.67 33.41 38.95
N THR D 116 16.09 34.65 39.22
CA THR D 116 17.50 34.96 39.20
C THR D 116 17.99 35.01 40.64
N LEU D 117 19.12 34.33 40.90
CA LEU D 117 19.73 34.23 42.21
C LEU D 117 21.12 34.89 42.17
N PRO D 118 21.42 35.84 43.08
CA PRO D 118 22.71 36.54 43.09
C PRO D 118 23.81 35.61 43.64
N PRO D 119 25.13 35.91 43.46
CA PRO D 119 26.19 35.07 44.01
C PRO D 119 26.06 34.89 45.51
N SER D 120 26.51 33.75 46.04
CA SER D 120 26.64 33.57 47.48
C SER D 120 27.59 34.60 48.09
N ARG D 121 27.34 34.92 49.36
CA ARG D 121 28.21 35.76 50.16
C ARG D 121 29.64 35.19 50.10
N GLU D 122 29.76 33.88 50.39
CA GLU D 122 31.02 33.16 50.37
C GLU D 122 31.78 33.32 49.05
N GLU D 123 31.08 33.62 47.95
CA GLU D 123 31.71 33.69 46.64
C GLU D 123 32.22 35.11 46.37
N MET D 124 31.78 36.06 47.20
CA MET D 124 32.00 37.47 46.93
C MET D 124 33.47 37.87 47.10
N THR D 125 34.27 37.04 47.78
CA THR D 125 35.68 37.36 47.94
C THR D 125 36.48 36.90 46.72
N LYS D 126 35.84 36.17 45.78
CA LYS D 126 36.55 35.67 44.61
C LYS D 126 36.68 36.75 43.53
N ASN D 127 37.58 36.55 42.56
CA ASN D 127 37.76 37.45 41.42
C ASN D 127 36.58 37.34 40.43
N GLN D 128 35.95 36.16 40.35
CA GLN D 128 34.75 36.00 39.51
C GLN D 128 33.58 35.52 40.37
N VAL D 129 32.36 35.92 39.99
CA VAL D 129 31.17 35.52 40.74
C VAL D 129 30.18 34.88 39.77
N SER D 130 29.26 34.09 40.33
CA SER D 130 28.27 33.38 39.54
C SER D 130 26.88 34.02 39.65
N LEU D 131 26.32 34.41 38.52
CA LEU D 131 24.93 34.81 38.41
C LEU D 131 24.13 33.60 37.96
N THR D 132 23.14 33.24 38.77
CA THR D 132 22.34 32.04 38.56
C THR D 132 20.92 32.44 38.12
N CYS D 133 20.42 31.69 37.12
CA CYS D 133 19.04 31.73 36.70
C CYS D 133 18.47 30.31 36.80
N LEU D 134 17.56 30.12 37.76
CA LEU D 134 16.76 28.90 37.89
C LEU D 134 15.49 29.04 37.05
N VAL D 135 15.18 27.96 36.32
CA VAL D 135 14.03 27.88 35.43
C VAL D 135 13.34 26.56 35.77
N LYS D 136 12.16 26.65 36.37
CA LYS D 136 11.50 25.45 36.85
C LYS D 136 10.05 25.40 36.34
N GLY D 137 9.50 24.20 36.36
CA GLY D 137 8.08 23.99 36.13
C GLY D 137 7.72 23.98 34.65
N PHE D 138 8.69 23.74 33.76
CA PHE D 138 8.38 23.86 32.35
C PHE D 138 8.12 22.49 31.75
N TYR D 139 7.28 22.50 30.70
CA TYR D 139 6.96 21.33 29.90
C TYR D 139 6.40 21.82 28.57
N PRO D 140 6.82 21.28 27.40
CA PRO D 140 7.91 20.28 27.31
C PRO D 140 9.29 20.87 27.62
N SER D 141 10.36 20.12 27.31
CA SER D 141 11.72 20.49 27.72
C SER D 141 12.46 21.34 26.68
N ASP D 142 11.90 21.49 25.48
CA ASP D 142 12.44 22.40 24.49
C ASP D 142 12.44 23.80 25.09
N ILE D 143 13.63 24.41 25.20
CA ILE D 143 13.81 25.72 25.80
C ILE D 143 15.11 26.31 25.28
N ALA D 144 15.21 27.65 25.29
CA ALA D 144 16.41 28.40 24.99
C ALA D 144 16.63 29.42 26.11
N VAL D 145 17.86 29.50 26.63
CA VAL D 145 18.23 30.40 27.70
C VAL D 145 19.45 31.19 27.24
N GLU D 146 19.43 32.51 27.42
CA GLU D 146 20.58 33.36 27.10
C GLU D 146 20.78 34.45 28.17
N TRP D 147 21.92 35.13 28.14
CA TRP D 147 22.13 36.25 29.05
C TRP D 147 22.49 37.51 28.28
N GLU D 148 22.18 38.65 28.88
CA GLU D 148 22.41 39.94 28.25
C GLU D 148 22.71 40.99 29.32
N SER D 149 23.22 42.13 28.83
CA SER D 149 23.57 43.28 29.65
C SER D 149 23.83 44.47 28.72
N ASN D 150 22.98 45.50 28.80
CA ASN D 150 23.05 46.71 27.98
C ASN D 150 22.85 46.39 26.49
N GLY D 151 21.87 45.55 26.18
CA GLY D 151 21.60 45.17 24.80
C GLY D 151 22.67 44.24 24.22
N GLN D 152 23.84 44.19 24.86
CA GLN D 152 24.94 43.34 24.42
C GLN D 152 24.70 41.92 24.93
N PRO D 153 25.08 40.86 24.17
CA PRO D 153 25.06 39.49 24.69
C PRO D 153 26.24 39.25 25.61
N GLU D 154 26.00 38.47 26.67
CA GLU D 154 27.04 37.95 27.54
C GLU D 154 27.23 36.49 27.17
N ASN D 155 28.44 36.12 26.73
CA ASN D 155 28.64 34.81 26.14
C ASN D 155 29.16 33.81 27.19
N ASN D 156 29.70 34.35 28.29
CA ASN D 156 30.43 33.58 29.29
C ASN D 156 29.51 32.85 30.29
N TYR D 157 28.59 32.03 29.77
CA TYR D 157 27.69 31.34 30.67
C TYR D 157 27.54 29.89 30.22
N LYS D 158 27.01 29.05 31.10
CA LYS D 158 26.68 27.68 30.74
C LYS D 158 25.35 27.34 31.38
N THR D 159 24.61 26.43 30.75
CA THR D 159 23.27 26.07 31.17
C THR D 159 23.22 24.55 31.32
N THR D 160 22.63 24.05 32.41
CA THR D 160 22.53 22.60 32.54
C THR D 160 21.51 22.13 31.52
N PRO D 161 21.56 20.84 31.09
CA PRO D 161 20.46 20.26 30.32
C PRO D 161 19.20 20.31 31.17
N PRO D 162 17.99 20.15 30.59
CA PRO D 162 16.76 20.05 31.38
C PRO D 162 16.78 18.80 32.27
N VAL D 163 16.24 18.92 33.48
CA VAL D 163 16.13 17.77 34.37
C VAL D 163 14.66 17.59 34.75
N LEU D 164 14.22 16.32 34.70
CA LEU D 164 12.85 15.96 35.01
C LEU D 164 12.64 16.09 36.51
N ASP D 165 11.72 16.98 36.88
CA ASP D 165 11.41 17.21 38.28
C ASP D 165 10.38 16.16 38.71
N SER D 166 10.02 16.16 39.98
CA SER D 166 9.24 15.05 40.51
C SER D 166 7.74 15.26 40.27
N ASP D 167 7.36 16.43 39.75
CA ASP D 167 5.97 16.67 39.40
C ASP D 167 5.76 16.49 37.90
N GLY D 168 6.71 15.84 37.23
CA GLY D 168 6.59 15.62 35.81
C GLY D 168 6.97 16.84 34.96
N SER D 169 7.33 17.97 35.59
CA SER D 169 7.86 19.10 34.83
C SER D 169 9.40 19.03 34.76
N PHE D 170 9.98 19.98 34.02
CA PHE D 170 11.42 20.08 33.86
C PHE D 170 11.93 21.29 34.64
N PHE D 171 13.23 21.24 34.99
CA PHE D 171 13.97 22.41 35.43
C PHE D 171 15.40 22.37 34.89
N LEU D 172 16.04 23.55 34.88
CA LEU D 172 17.46 23.64 34.65
C LEU D 172 17.99 24.84 35.43
N TYR D 173 19.31 25.00 35.43
CA TYR D 173 19.91 26.25 35.90
C TYR D 173 20.86 26.81 34.86
N SER D 174 20.93 28.15 34.76
CA SER D 174 21.91 28.71 33.86
C SER D 174 22.85 29.62 34.66
N LYS D 175 24.15 29.49 34.39
CA LYS D 175 25.15 30.15 35.21
C LYS D 175 26.01 31.07 34.35
N LEU D 176 25.99 32.36 34.67
CA LEU D 176 26.85 33.35 34.02
C LEU D 176 27.93 33.77 35.01
N THR D 177 29.17 33.76 34.51
CA THR D 177 30.37 34.12 35.27
C THR D 177 30.82 35.50 34.81
N VAL D 178 30.93 36.44 35.75
CA VAL D 178 31.37 37.81 35.48
C VAL D 178 32.47 38.17 36.47
N ASP D 179 33.40 39.04 36.07
CA ASP D 179 34.35 39.60 37.03
C ASP D 179 33.55 40.31 38.12
N LYS D 180 34.02 40.22 39.36
CA LYS D 180 33.26 40.69 40.51
C LYS D 180 32.99 42.20 40.44
N SER D 181 33.96 42.98 39.93
CA SER D 181 33.80 44.43 39.88
C SER D 181 32.55 44.80 39.09
N ARG D 182 32.30 44.07 37.99
CA ARG D 182 31.17 44.35 37.14
C ARG D 182 29.85 44.18 37.91
N TRP D 183 29.80 43.10 38.72
CA TRP D 183 28.71 42.89 39.65
C TRP D 183 28.64 44.04 40.66
N GLN D 184 29.79 44.38 41.25
CA GLN D 184 29.83 45.31 42.38
C GLN D 184 29.43 46.72 41.97
N GLN D 185 29.69 47.07 40.70
CA GLN D 185 29.44 48.40 40.18
C GLN D 185 27.94 48.61 39.95
N GLY D 186 27.18 47.50 39.96
CA GLY D 186 25.73 47.59 39.91
C GLY D 186 25.20 47.49 38.49
N ASN D 187 25.99 46.90 37.58
CA ASN D 187 25.54 46.63 36.23
C ASN D 187 24.33 45.70 36.33
N VAL D 188 23.44 45.76 35.33
CA VAL D 188 22.21 44.97 35.29
C VAL D 188 22.37 43.84 34.28
N PHE D 189 22.17 42.59 34.75
CA PHE D 189 22.24 41.44 33.86
C PHE D 189 20.84 40.84 33.71
N SER D 190 20.52 40.34 32.52
CA SER D 190 19.21 39.76 32.24
C SER D 190 19.34 38.34 31.68
N CYS D 191 18.66 37.41 32.35
CA CYS D 191 18.47 36.04 31.87
C CYS D 191 17.19 36.01 31.03
N SER D 192 17.33 35.68 29.74
CA SER D 192 16.26 35.56 28.76
C SER D 192 15.86 34.09 28.57
N VAL D 193 14.55 33.81 28.56
CA VAL D 193 14.10 32.45 28.39
C VAL D 193 13.02 32.40 27.32
N MET D 194 13.11 31.37 26.48
CA MET D 194 12.15 31.17 25.40
C MET D 194 11.58 29.75 25.50
N HIS D 195 10.25 29.65 25.39
CA HIS D 195 9.51 28.42 25.65
C HIS D 195 8.06 28.62 25.19
N GLU D 196 7.49 27.56 24.60
CA GLU D 196 6.17 27.65 24.01
C GLU D 196 5.13 28.17 25.01
N ALA D 197 5.34 27.96 26.31
CA ALA D 197 4.28 28.23 27.28
C ALA D 197 4.34 29.65 27.84
N LEU D 198 5.28 30.48 27.36
CA LEU D 198 5.36 31.89 27.73
C LEU D 198 4.57 32.72 26.72
N HIS D 199 3.94 33.82 27.20
CA HIS D 199 3.30 34.71 26.25
C HIS D 199 4.38 35.38 25.40
N ASN D 200 4.10 35.47 24.10
CA ASN D 200 5.07 35.84 23.07
C ASN D 200 6.31 34.94 23.10
N HIS D 201 6.24 33.81 23.82
CA HIS D 201 7.29 32.79 23.79
C HIS D 201 8.62 33.31 24.35
N TYR D 202 8.54 34.30 25.25
CA TYR D 202 9.73 35.01 25.69
C TYR D 202 9.46 35.68 27.03
N THR D 203 10.43 35.55 27.94
CA THR D 203 10.45 36.38 29.14
C THR D 203 11.91 36.65 29.53
N GLN D 204 12.15 37.74 30.25
CA GLN D 204 13.49 38.01 30.74
C GLN D 204 13.41 38.48 32.20
N LYS D 205 14.38 38.05 33.00
CA LYS D 205 14.46 38.44 34.39
C LYS D 205 15.81 39.10 34.62
N SER D 206 15.77 40.28 35.26
CA SER D 206 16.96 41.05 35.56
C SER D 206 17.54 40.62 36.91
N LEU D 207 18.82 40.96 37.11
CA LEU D 207 19.62 40.55 38.25
C LEU D 207 20.65 41.64 38.47
N SER D 208 20.61 42.25 39.66
CA SER D 208 21.34 43.46 40.01
C SER D 208 21.79 43.39 41.47
N LEU D 209 22.84 44.13 41.83
CA LEU D 209 23.30 44.12 43.22
C LEU D 209 22.17 44.54 44.18
N GLY E 3 -37.50 -9.60 -15.38
CA GLY E 3 -37.74 -10.80 -16.26
C GLY E 3 -36.46 -11.19 -16.98
N PRO E 4 -36.41 -12.37 -17.63
CA PRO E 4 -35.19 -12.83 -18.30
C PRO E 4 -34.72 -11.88 -19.40
N SER E 5 -33.42 -12.00 -19.73
CA SER E 5 -32.91 -11.31 -20.92
C SER E 5 -31.88 -12.16 -21.66
N VAL E 6 -31.63 -11.80 -22.92
CA VAL E 6 -31.06 -12.77 -23.83
C VAL E 6 -29.82 -12.17 -24.50
N PHE E 7 -28.75 -12.98 -24.57
CA PHE E 7 -27.54 -12.63 -25.30
C PHE E 7 -27.21 -13.74 -26.31
N LEU E 8 -26.62 -13.36 -27.47
CA LEU E 8 -26.34 -14.30 -28.55
C LEU E 8 -24.91 -14.05 -29.06
N PHE E 9 -24.04 -15.07 -29.00
CA PHE E 9 -22.61 -14.93 -29.28
C PHE E 9 -22.21 -15.68 -30.56
N PRO E 10 -21.29 -15.10 -31.37
CA PRO E 10 -20.90 -15.71 -32.64
C PRO E 10 -19.97 -16.88 -32.32
N PRO E 11 -19.58 -17.73 -33.30
CA PRO E 11 -18.55 -18.75 -33.06
C PRO E 11 -17.17 -18.13 -32.99
N LYS E 12 -16.24 -18.90 -32.44
CA LYS E 12 -14.84 -18.52 -32.36
C LYS E 12 -14.28 -18.46 -33.78
N PRO E 13 -13.45 -17.45 -34.10
CA PRO E 13 -12.83 -17.32 -35.41
C PRO E 13 -12.22 -18.61 -35.92
N LYS E 14 -11.33 -19.23 -35.13
CA LYS E 14 -10.69 -20.48 -35.50
C LYS E 14 -11.72 -21.51 -35.96
N ASP E 15 -12.82 -21.63 -35.22
CA ASP E 15 -13.80 -22.70 -35.45
C ASP E 15 -14.46 -22.61 -36.82
N THR E 16 -14.64 -21.39 -37.34
CA THR E 16 -15.31 -21.25 -38.64
C THR E 16 -14.34 -21.49 -39.79
N LEU E 17 -13.04 -21.51 -39.50
CA LEU E 17 -12.01 -21.42 -40.52
C LEU E 17 -11.44 -22.81 -40.81
N MET E 18 -11.44 -23.68 -39.79
CA MET E 18 -10.92 -25.03 -39.88
C MET E 18 -12.06 -26.04 -40.01
N ILE E 19 -12.06 -26.79 -41.11
CA ILE E 19 -13.03 -27.83 -41.44
C ILE E 19 -13.19 -28.79 -40.26
N SER E 20 -12.10 -29.04 -39.54
CA SER E 20 -11.98 -30.09 -38.54
C SER E 20 -12.46 -29.63 -37.17
N ARG E 21 -13.00 -28.42 -37.08
CA ARG E 21 -13.47 -27.88 -35.83
C ARG E 21 -14.94 -27.51 -35.97
N THR E 22 -15.60 -27.23 -34.84
CA THR E 22 -17.05 -27.15 -34.82
C THR E 22 -17.50 -25.76 -34.37
N PRO E 23 -17.87 -24.85 -35.31
CA PRO E 23 -18.31 -23.51 -34.93
C PRO E 23 -19.71 -23.62 -34.32
N GLU E 24 -19.94 -22.86 -33.26
CA GLU E 24 -21.22 -22.85 -32.57
C GLU E 24 -21.65 -21.41 -32.37
N VAL E 25 -22.97 -21.18 -32.48
CA VAL E 25 -23.54 -19.95 -31.95
C VAL E 25 -24.20 -20.31 -30.62
N THR E 26 -24.16 -19.36 -29.68
CA THR E 26 -24.55 -19.60 -28.30
C THR E 26 -25.60 -18.57 -27.87
N CYS E 27 -26.75 -19.06 -27.42
CA CYS E 27 -27.85 -18.23 -26.95
C CYS E 27 -27.92 -18.41 -25.43
N VAL E 28 -27.70 -17.30 -24.70
CA VAL E 28 -27.54 -17.28 -23.25
C VAL E 28 -28.70 -16.49 -22.66
N VAL E 29 -29.49 -17.14 -21.79
CA VAL E 29 -30.63 -16.52 -21.13
C VAL E 29 -30.28 -16.30 -19.66
N VAL E 30 -30.29 -15.03 -19.22
CA VAL E 30 -29.89 -14.68 -17.85
C VAL E 30 -31.13 -14.24 -17.07
N ASP E 31 -31.07 -14.36 -15.74
CA ASP E 31 -32.12 -13.89 -14.84
C ASP E 31 -33.43 -14.63 -15.09
N VAL E 32 -33.31 -15.95 -15.25
CA VAL E 32 -34.44 -16.86 -15.30
C VAL E 32 -34.85 -17.10 -13.85
N SER E 33 -36.13 -16.91 -13.52
CA SER E 33 -36.56 -17.00 -12.13
C SER E 33 -36.68 -18.45 -11.66
N HIS E 34 -36.58 -18.64 -10.34
CA HIS E 34 -36.70 -19.96 -9.70
C HIS E 34 -38.11 -20.54 -9.89
N GLU E 35 -39.10 -19.66 -9.99
CA GLU E 35 -40.52 -20.00 -10.02
C GLU E 35 -40.91 -20.60 -11.36
N ASP E 36 -40.48 -19.94 -12.45
CA ASP E 36 -40.70 -20.46 -13.79
C ASP E 36 -39.35 -20.70 -14.44
N PRO E 37 -38.68 -21.85 -14.17
CA PRO E 37 -37.33 -22.10 -14.68
C PRO E 37 -37.28 -22.61 -16.11
N GLU E 38 -38.45 -22.74 -16.73
CA GLU E 38 -38.58 -23.42 -18.01
C GLU E 38 -38.23 -22.50 -19.17
N VAL E 39 -37.29 -22.95 -20.03
CA VAL E 39 -36.91 -22.16 -21.19
C VAL E 39 -37.00 -23.01 -22.45
N LYS E 40 -37.69 -22.44 -23.44
CA LYS E 40 -37.86 -23.02 -24.76
C LYS E 40 -37.04 -22.20 -25.75
N PHE E 41 -36.28 -22.90 -26.62
CA PHE E 41 -35.48 -22.26 -27.64
C PHE E 41 -35.94 -22.74 -29.03
N ASN E 42 -36.24 -21.79 -29.92
CA ASN E 42 -36.31 -22.09 -31.34
C ASN E 42 -35.17 -21.38 -32.07
N TRP E 43 -34.46 -22.12 -32.91
CA TRP E 43 -33.40 -21.58 -33.76
C TRP E 43 -33.89 -21.50 -35.20
N TYR E 44 -33.37 -20.51 -35.96
CA TYR E 44 -33.64 -20.38 -37.39
C TYR E 44 -32.37 -19.92 -38.10
N VAL E 45 -32.12 -20.47 -39.30
CA VAL E 45 -31.04 -20.02 -40.16
C VAL E 45 -31.68 -19.36 -41.37
N ASP E 46 -31.48 -18.03 -41.48
CA ASP E 46 -32.11 -17.23 -42.54
C ASP E 46 -33.60 -17.56 -42.61
N GLY E 47 -34.29 -17.59 -41.45
CA GLY E 47 -35.74 -17.75 -41.43
C GLY E 47 -36.18 -19.21 -41.34
N VAL E 48 -35.28 -20.15 -41.66
CA VAL E 48 -35.60 -21.57 -41.74
C VAL E 48 -35.26 -22.24 -40.42
N GLU E 49 -36.25 -22.88 -39.77
CA GLU E 49 -36.07 -23.46 -38.45
C GLU E 49 -35.18 -24.70 -38.52
N VAL E 50 -34.28 -24.85 -37.53
CA VAL E 50 -33.40 -26.02 -37.40
C VAL E 50 -33.52 -26.58 -35.99
N HIS E 51 -33.08 -27.84 -35.81
CA HIS E 51 -33.48 -28.60 -34.65
C HIS E 51 -32.29 -29.27 -33.96
N ASN E 52 -31.07 -28.90 -34.35
CA ASN E 52 -29.91 -29.63 -33.86
C ASN E 52 -29.28 -28.97 -32.63
N ALA E 53 -29.91 -27.93 -32.06
CA ALA E 53 -29.28 -27.20 -30.97
C ALA E 53 -29.12 -28.13 -29.77
N LYS E 54 -28.45 -27.65 -28.71
CA LYS E 54 -28.31 -28.41 -27.48
C LYS E 54 -28.34 -27.47 -26.27
N THR E 55 -29.21 -27.75 -25.30
CA THR E 55 -29.24 -26.99 -24.05
C THR E 55 -28.22 -27.55 -23.07
N LYS E 56 -27.37 -26.68 -22.52
CA LYS E 56 -26.41 -27.03 -21.48
C LYS E 56 -27.15 -27.18 -20.16
N PRO E 57 -26.57 -27.82 -19.12
CA PRO E 57 -27.23 -27.85 -17.82
C PRO E 57 -27.38 -26.43 -17.28
N ARG E 58 -28.55 -26.16 -16.69
CA ARG E 58 -28.90 -24.98 -15.91
C ARG E 58 -27.73 -24.56 -15.01
N GLU E 59 -27.40 -23.27 -14.99
CA GLU E 59 -26.42 -22.74 -14.05
C GLU E 59 -27.12 -21.77 -13.10
N GLU E 60 -26.57 -21.60 -11.90
CA GLU E 60 -27.20 -20.80 -10.88
C GLU E 60 -26.45 -19.47 -10.74
N GLN E 61 -27.19 -18.37 -10.83
CA GLN E 61 -26.65 -17.03 -10.65
C GLN E 61 -26.75 -16.69 -9.17
N TYR E 62 -25.94 -15.70 -8.76
CA TYR E 62 -25.78 -15.35 -7.37
C TYR E 62 -26.77 -14.26 -6.95
N ASN E 63 -27.69 -13.90 -7.87
CA ASN E 63 -28.76 -12.97 -7.55
C ASN E 63 -30.05 -13.76 -7.33
N SER E 64 -29.92 -15.06 -7.02
CA SER E 64 -31.04 -15.99 -6.85
C SER E 64 -31.85 -16.15 -8.15
N THR E 65 -31.17 -16.28 -9.29
CA THR E 65 -31.79 -16.66 -10.55
C THR E 65 -30.93 -17.74 -11.20
N TYR E 66 -31.40 -18.22 -12.36
CA TYR E 66 -30.67 -19.16 -13.20
C TYR E 66 -30.21 -18.51 -14.50
N ARG E 67 -29.20 -19.15 -15.10
CA ARG E 67 -28.71 -18.86 -16.44
C ARG E 67 -28.88 -20.16 -17.23
N VAL E 68 -29.46 -20.04 -18.43
CA VAL E 68 -29.76 -21.19 -19.27
C VAL E 68 -29.21 -20.91 -20.67
N VAL E 69 -28.46 -21.87 -21.20
CA VAL E 69 -27.72 -21.69 -22.44
C VAL E 69 -28.15 -22.75 -23.44
N SER E 70 -28.43 -22.31 -24.68
CA SER E 70 -28.55 -23.20 -25.83
C SER E 70 -27.42 -22.94 -26.82
N VAL E 71 -26.90 -24.04 -27.37
CA VAL E 71 -25.72 -24.06 -28.21
C VAL E 71 -26.06 -24.72 -29.54
N LEU E 72 -25.79 -23.99 -30.64
CA LEU E 72 -26.17 -24.42 -31.97
C LEU E 72 -24.92 -24.58 -32.83
N THR E 73 -24.75 -25.81 -33.32
CA THR E 73 -23.77 -26.18 -34.33
C THR E 73 -24.15 -25.52 -35.66
N VAL E 74 -23.16 -24.97 -36.37
CA VAL E 74 -23.41 -24.27 -37.61
C VAL E 74 -22.45 -24.73 -38.70
N LEU E 75 -22.91 -24.67 -39.96
CA LEU E 75 -22.07 -24.99 -41.09
C LEU E 75 -21.13 -23.83 -41.38
N HIS E 76 -19.86 -24.19 -41.65
CA HIS E 76 -18.78 -23.25 -41.91
C HIS E 76 -19.17 -22.21 -42.96
N GLN E 77 -19.45 -22.66 -44.19
CA GLN E 77 -19.75 -21.79 -45.31
C GLN E 77 -21.01 -20.98 -45.03
N ASP E 78 -21.95 -21.55 -44.26
CA ASP E 78 -23.14 -20.80 -43.89
C ASP E 78 -22.73 -19.50 -43.19
N TRP E 79 -21.88 -19.63 -42.16
CA TRP E 79 -21.45 -18.47 -41.39
C TRP E 79 -20.69 -17.49 -42.29
N LEU E 80 -19.73 -18.02 -43.06
CA LEU E 80 -18.85 -17.17 -43.85
C LEU E 80 -19.58 -16.54 -45.04
N ASN E 81 -20.68 -17.18 -45.46
CA ASN E 81 -21.56 -16.69 -46.50
C ASN E 81 -22.52 -15.63 -45.96
N GLY E 82 -22.47 -15.36 -44.65
CA GLY E 82 -23.24 -14.26 -44.11
C GLY E 82 -24.68 -14.64 -43.75
N LYS E 83 -24.94 -15.92 -43.49
CA LYS E 83 -26.28 -16.34 -43.06
C LYS E 83 -26.61 -15.79 -41.68
N GLU E 84 -27.89 -15.42 -41.50
CA GLU E 84 -28.41 -14.92 -40.24
C GLU E 84 -28.82 -16.09 -39.34
N TYR E 85 -28.45 -16.00 -38.06
CA TYR E 85 -28.86 -16.99 -37.07
C TYR E 85 -29.72 -16.29 -36.03
N LYS E 86 -30.93 -16.84 -35.82
CA LYS E 86 -31.93 -16.26 -34.94
C LYS E 86 -32.27 -17.24 -33.82
N CYS E 87 -32.14 -16.78 -32.56
CA CYS E 87 -32.56 -17.55 -31.41
C CYS E 87 -33.82 -16.90 -30.88
N LYS E 88 -34.86 -17.73 -30.69
CA LYS E 88 -36.09 -17.32 -30.05
C LYS E 88 -36.21 -18.03 -28.70
N VAL E 89 -36.55 -17.26 -27.67
CA VAL E 89 -36.52 -17.74 -26.30
C VAL E 89 -37.92 -17.53 -25.72
N SER E 90 -38.49 -18.62 -25.21
CA SER E 90 -39.81 -18.59 -24.61
C SER E 90 -39.69 -19.02 -23.15
N ASN E 91 -40.40 -18.31 -22.28
CA ASN E 91 -40.39 -18.57 -20.85
C ASN E 91 -41.57 -17.85 -20.22
N LYS E 92 -42.19 -18.48 -19.23
CA LYS E 92 -43.48 -18.06 -18.70
C LYS E 92 -43.40 -16.62 -18.18
N ALA E 93 -42.20 -16.16 -17.81
CA ALA E 93 -42.02 -14.86 -17.18
C ALA E 93 -41.70 -13.77 -18.21
N LEU E 94 -41.69 -14.14 -19.49
CA LEU E 94 -41.54 -13.15 -20.54
C LEU E 94 -42.94 -12.80 -21.06
N PRO E 95 -43.28 -11.51 -21.18
CA PRO E 95 -44.57 -11.11 -21.75
C PRO E 95 -44.79 -11.61 -23.18
N ALA E 96 -43.70 -11.63 -23.96
CA ALA E 96 -43.63 -12.16 -25.31
C ALA E 96 -42.28 -12.85 -25.49
N PRO E 97 -42.16 -13.89 -26.35
CA PRO E 97 -40.86 -14.48 -26.66
C PRO E 97 -39.81 -13.43 -27.05
N ILE E 98 -38.54 -13.74 -26.81
CA ILE E 98 -37.49 -12.82 -27.22
C ILE E 98 -36.70 -13.45 -28.38
N GLU E 99 -36.36 -12.59 -29.35
CA GLU E 99 -35.68 -12.98 -30.58
C GLU E 99 -34.43 -12.13 -30.70
N LYS E 100 -33.27 -12.79 -30.76
CA LYS E 100 -32.01 -12.15 -31.08
C LYS E 100 -31.50 -12.76 -32.37
N THR E 101 -30.85 -11.93 -33.20
CA THR E 101 -30.29 -12.37 -34.47
C THR E 101 -28.83 -11.95 -34.52
N ILE E 102 -28.00 -12.79 -35.15
CA ILE E 102 -26.57 -12.54 -35.28
C ILE E 102 -26.09 -13.11 -36.62
N SER E 103 -25.05 -12.46 -37.17
CA SER E 103 -24.37 -12.94 -38.37
C SER E 103 -23.01 -12.27 -38.45
N LYS E 104 -22.15 -12.84 -39.30
CA LYS E 104 -20.87 -12.25 -39.67
C LYS E 104 -21.06 -10.75 -39.96
N ALA E 105 -20.07 -9.92 -39.59
CA ALA E 105 -20.05 -8.52 -39.99
C ALA E 105 -20.05 -8.39 -41.52
N LYS E 106 -20.79 -7.40 -42.03
CA LYS E 106 -20.95 -7.23 -43.47
C LYS E 106 -19.80 -6.41 -44.00
N GLY E 107 -19.54 -6.56 -45.29
CA GLY E 107 -18.49 -5.84 -45.98
C GLY E 107 -17.55 -6.82 -46.69
N GLN E 108 -17.02 -6.40 -47.84
CA GLN E 108 -16.11 -7.17 -48.66
C GLN E 108 -14.91 -7.62 -47.83
N PRO E 109 -14.70 -8.93 -47.60
CA PRO E 109 -13.51 -9.35 -46.89
C PRO E 109 -12.24 -8.89 -47.59
N ARG E 110 -11.22 -8.59 -46.77
CA ARG E 110 -9.94 -8.14 -47.28
C ARG E 110 -8.82 -8.95 -46.62
N GLU E 111 -7.78 -9.19 -47.43
CA GLU E 111 -6.78 -10.21 -47.14
C GLU E 111 -5.70 -9.63 -46.23
N PRO E 112 -5.39 -10.28 -45.08
CA PRO E 112 -4.29 -9.83 -44.21
C PRO E 112 -2.94 -9.92 -44.94
N GLN E 113 -2.14 -8.85 -44.85
CA GLN E 113 -0.72 -8.88 -45.14
C GLN E 113 0.04 -9.09 -43.83
N VAL E 114 0.84 -10.17 -43.79
CA VAL E 114 1.51 -10.63 -42.58
C VAL E 114 3.01 -10.43 -42.74
N TYR E 115 3.60 -9.65 -41.82
CA TYR E 115 5.03 -9.37 -41.84
C TYR E 115 5.63 -9.57 -40.45
N THR E 116 6.79 -10.22 -40.42
CA THR E 116 7.52 -10.44 -39.19
C THR E 116 8.66 -9.42 -39.11
N LEU E 117 8.88 -8.88 -37.91
CA LEU E 117 9.94 -7.91 -37.70
C LEU E 117 10.81 -8.41 -36.56
N PRO E 118 12.15 -8.41 -36.73
CA PRO E 118 13.06 -8.89 -35.70
C PRO E 118 13.14 -7.90 -34.54
N PRO E 119 13.63 -8.34 -33.36
CA PRO E 119 13.98 -7.43 -32.28
C PRO E 119 14.91 -6.29 -32.70
N SER E 120 14.63 -5.10 -32.18
CA SER E 120 15.52 -3.97 -32.34
C SER E 120 16.88 -4.23 -31.69
N ARG E 121 17.91 -3.64 -32.31
CA ARG E 121 19.27 -3.72 -31.82
C ARG E 121 19.31 -3.34 -30.33
N GLU E 122 18.50 -2.35 -29.95
CA GLU E 122 18.57 -1.74 -28.62
C GLU E 122 17.93 -2.65 -27.57
N GLU E 123 17.09 -3.60 -27.99
CA GLU E 123 16.57 -4.60 -27.07
C GLU E 123 17.63 -5.68 -26.70
N MET E 124 18.71 -5.81 -27.49
CA MET E 124 19.62 -6.94 -27.38
C MET E 124 20.40 -6.98 -26.06
N THR E 125 20.37 -5.89 -25.28
CA THR E 125 21.03 -5.89 -23.98
C THR E 125 20.20 -6.61 -22.93
N LYS E 126 18.98 -7.02 -23.31
CA LYS E 126 18.05 -7.67 -22.40
C LYS E 126 18.18 -9.19 -22.55
N ASN E 127 17.71 -9.92 -21.54
CA ASN E 127 17.84 -11.37 -21.54
C ASN E 127 16.75 -11.99 -22.41
N GLN E 128 15.63 -11.26 -22.54
CA GLN E 128 14.52 -11.66 -23.39
C GLN E 128 14.21 -10.57 -24.41
N VAL E 129 13.74 -11.00 -25.58
CA VAL E 129 13.61 -10.12 -26.73
C VAL E 129 12.25 -10.34 -27.39
N SER E 130 11.82 -9.34 -28.17
CA SER E 130 10.49 -9.31 -28.78
C SER E 130 10.56 -9.70 -30.25
N LEU E 131 9.84 -10.77 -30.60
CA LEU E 131 9.60 -11.13 -31.98
C LEU E 131 8.24 -10.58 -32.37
N THR E 132 8.18 -9.80 -33.46
CA THR E 132 6.96 -9.07 -33.75
C THR E 132 6.32 -9.54 -35.06
N CYS E 133 5.00 -9.76 -35.03
CA CYS E 133 4.24 -10.01 -36.24
C CYS E 133 3.22 -8.90 -36.48
N LEU E 134 3.35 -8.16 -37.59
CA LEU E 134 2.35 -7.17 -37.97
C LEU E 134 1.39 -7.84 -38.97
N VAL E 135 0.10 -7.73 -38.69
CA VAL E 135 -0.92 -8.26 -39.60
C VAL E 135 -1.84 -7.11 -39.90
N LYS E 136 -1.92 -6.71 -41.18
CA LYS E 136 -2.61 -5.48 -41.51
C LYS E 136 -3.48 -5.65 -42.74
N GLY E 137 -4.50 -4.79 -42.82
CA GLY E 137 -5.29 -4.68 -44.04
C GLY E 137 -6.36 -5.75 -44.13
N PHE E 138 -6.74 -6.35 -42.99
CA PHE E 138 -7.75 -7.40 -43.01
C PHE E 138 -9.15 -6.90 -42.69
N TYR E 139 -10.15 -7.61 -43.20
CA TYR E 139 -11.55 -7.34 -42.94
C TYR E 139 -12.28 -8.64 -43.24
N PRO E 140 -13.27 -9.07 -42.42
CA PRO E 140 -13.57 -8.44 -41.11
C PRO E 140 -12.53 -8.77 -40.05
N SER E 141 -12.85 -8.49 -38.76
CA SER E 141 -11.83 -8.49 -37.71
C SER E 141 -11.66 -9.84 -37.03
N ASP E 142 -12.55 -10.78 -37.34
CA ASP E 142 -12.40 -12.19 -36.98
C ASP E 142 -11.06 -12.67 -37.48
N ILE E 143 -10.16 -13.08 -36.56
CA ILE E 143 -8.82 -13.55 -36.91
C ILE E 143 -8.30 -14.37 -35.74
N ALA E 144 -7.35 -15.29 -35.99
CA ALA E 144 -6.58 -15.93 -34.92
C ALA E 144 -5.10 -15.92 -35.26
N VAL E 145 -4.25 -15.71 -34.25
CA VAL E 145 -2.80 -15.62 -34.43
C VAL E 145 -2.13 -16.49 -33.37
N GLU E 146 -1.15 -17.31 -33.78
CA GLU E 146 -0.39 -18.17 -32.89
C GLU E 146 1.10 -18.11 -33.28
N TRP E 147 1.96 -18.71 -32.45
CA TRP E 147 3.36 -18.84 -32.80
C TRP E 147 3.84 -20.28 -32.62
N GLU E 148 4.86 -20.65 -33.42
CA GLU E 148 5.44 -21.97 -33.44
C GLU E 148 6.96 -21.87 -33.51
N SER E 149 7.63 -22.93 -33.03
CA SER E 149 9.03 -23.17 -33.33
C SER E 149 9.24 -24.67 -33.47
N ASN E 150 10.04 -25.07 -34.46
CA ASN E 150 10.40 -26.47 -34.72
C ASN E 150 9.24 -27.38 -34.35
N GLY E 151 8.06 -27.13 -34.95
CA GLY E 151 6.94 -28.06 -34.93
C GLY E 151 5.97 -27.83 -33.77
N GLN E 152 6.45 -27.19 -32.70
CA GLN E 152 5.67 -27.07 -31.48
C GLN E 152 5.29 -25.62 -31.17
N PRO E 153 4.19 -25.42 -30.41
CA PRO E 153 3.63 -24.08 -30.17
C PRO E 153 4.54 -23.28 -29.24
N GLU E 154 4.71 -21.99 -29.56
CA GLU E 154 5.28 -21.05 -28.61
C GLU E 154 4.13 -20.27 -27.98
N ASN E 155 4.02 -20.33 -26.65
CA ASN E 155 2.84 -19.80 -25.97
C ASN E 155 3.09 -18.46 -25.29
N ASN E 156 4.34 -17.98 -25.34
CA ASN E 156 4.72 -16.80 -24.57
C ASN E 156 4.52 -15.52 -25.41
N TYR E 157 3.31 -15.36 -25.96
CA TYR E 157 3.01 -14.22 -26.81
C TYR E 157 1.76 -13.53 -26.29
N LYS E 158 1.63 -12.23 -26.60
CA LYS E 158 0.34 -11.55 -26.51
C LYS E 158 0.06 -10.89 -27.85
N THR E 159 -1.23 -10.78 -28.19
CA THR E 159 -1.65 -10.11 -29.41
C THR E 159 -2.56 -8.93 -29.06
N THR E 160 -2.33 -7.79 -29.72
CA THR E 160 -3.20 -6.66 -29.53
C THR E 160 -4.55 -6.98 -30.15
N PRO E 161 -5.67 -6.39 -29.67
CA PRO E 161 -6.93 -6.58 -30.37
C PRO E 161 -6.81 -5.89 -31.73
N PRO E 162 -7.76 -6.14 -32.66
CA PRO E 162 -7.73 -5.52 -33.99
C PRO E 162 -7.99 -4.02 -33.84
N VAL E 163 -7.33 -3.23 -34.67
CA VAL E 163 -7.49 -1.78 -34.65
C VAL E 163 -7.99 -1.36 -36.01
N LEU E 164 -9.04 -0.55 -36.00
CA LEU E 164 -9.58 -0.01 -37.23
C LEU E 164 -8.59 0.99 -37.78
N ASP E 165 -8.03 0.69 -38.96
CA ASP E 165 -7.05 1.55 -39.63
C ASP E 165 -7.80 2.58 -40.47
N SER E 166 -7.09 3.52 -41.10
CA SER E 166 -7.76 4.68 -41.68
C SER E 166 -8.44 4.37 -43.01
N ASP E 167 -8.17 3.17 -43.56
CA ASP E 167 -8.74 2.73 -44.82
C ASP E 167 -9.94 1.80 -44.61
N GLY E 168 -10.41 1.65 -43.36
CA GLY E 168 -11.58 0.82 -43.12
C GLY E 168 -11.26 -0.67 -42.92
N SER E 169 -10.03 -1.09 -43.19
CA SER E 169 -9.59 -2.44 -42.80
C SER E 169 -9.05 -2.41 -41.36
N PHE E 170 -8.56 -3.57 -40.89
CA PHE E 170 -8.05 -3.65 -39.54
C PHE E 170 -6.56 -4.02 -39.56
N PHE E 171 -5.82 -3.61 -38.51
CA PHE E 171 -4.50 -4.19 -38.28
C PHE E 171 -4.40 -4.71 -36.84
N LEU E 172 -3.46 -5.64 -36.61
CA LEU E 172 -3.02 -5.87 -35.24
C LEU E 172 -1.52 -6.19 -35.21
N TYR E 173 -0.96 -6.30 -33.99
CA TYR E 173 0.39 -6.82 -33.86
C TYR E 173 0.45 -7.95 -32.82
N SER E 174 1.31 -8.95 -33.05
CA SER E 174 1.49 -10.00 -32.07
C SER E 174 2.96 -10.00 -31.63
N LYS E 175 3.17 -10.13 -30.32
CA LYS E 175 4.50 -10.05 -29.75
C LYS E 175 4.85 -11.38 -29.08
N LEU E 176 5.84 -12.10 -29.62
CA LEU E 176 6.42 -13.25 -28.94
C LEU E 176 7.69 -12.86 -28.20
N THR E 177 7.73 -13.19 -26.91
CA THR E 177 8.91 -12.94 -26.09
C THR E 177 9.70 -14.24 -25.96
N VAL E 178 10.98 -14.23 -26.38
CA VAL E 178 11.85 -15.40 -26.27
C VAL E 178 13.16 -15.03 -25.57
N ASP E 179 13.84 -16.06 -25.03
CA ASP E 179 15.19 -15.91 -24.49
C ASP E 179 16.10 -15.35 -25.58
N LYS E 180 16.95 -14.40 -25.22
CA LYS E 180 17.87 -13.79 -26.18
C LYS E 180 18.66 -14.86 -26.92
N SER E 181 19.09 -15.88 -26.17
CA SER E 181 19.99 -16.90 -26.71
C SER E 181 19.30 -17.74 -27.78
N ARG E 182 17.99 -17.96 -27.63
CA ARG E 182 17.26 -18.75 -28.61
C ARG E 182 17.26 -18.00 -29.94
N TRP E 183 17.12 -16.67 -29.86
CA TRP E 183 17.18 -15.84 -31.05
C TRP E 183 18.57 -15.86 -31.67
N GLN E 184 19.61 -15.75 -30.82
CA GLN E 184 21.00 -15.62 -31.29
C GLN E 184 21.55 -16.92 -31.87
N GLN E 185 20.96 -18.06 -31.51
CA GLN E 185 21.39 -19.37 -32.00
C GLN E 185 20.80 -19.68 -33.38
N GLY E 186 19.87 -18.84 -33.85
CA GLY E 186 19.42 -18.94 -35.23
C GLY E 186 18.17 -19.81 -35.35
N ASN E 187 17.51 -20.05 -34.21
CA ASN E 187 16.22 -20.72 -34.16
C ASN E 187 15.22 -19.98 -35.05
N VAL E 188 14.40 -20.75 -35.76
CA VAL E 188 13.37 -20.21 -36.65
C VAL E 188 12.07 -20.14 -35.88
N PHE E 189 11.43 -18.97 -35.91
CA PHE E 189 10.12 -18.82 -35.31
C PHE E 189 9.12 -18.43 -36.39
N SER E 190 7.89 -18.89 -36.27
CA SER E 190 6.86 -18.46 -37.21
C SER E 190 5.61 -17.97 -36.49
N CYS E 191 5.03 -16.92 -37.06
CA CYS E 191 3.70 -16.41 -36.75
C CYS E 191 2.74 -17.10 -37.70
N SER E 192 1.68 -17.70 -37.18
CA SER E 192 0.68 -18.19 -38.11
C SER E 192 -0.67 -17.53 -37.86
N VAL E 193 -1.33 -17.19 -38.97
CA VAL E 193 -2.51 -16.34 -39.00
C VAL E 193 -3.64 -17.11 -39.65
N MET E 194 -4.83 -17.01 -39.06
CA MET E 194 -5.99 -17.65 -39.65
C MET E 194 -7.06 -16.59 -39.86
N HIS E 195 -7.54 -16.50 -41.09
CA HIS E 195 -8.53 -15.51 -41.48
C HIS E 195 -9.18 -15.98 -42.78
N GLU E 196 -10.43 -15.57 -42.97
CA GLU E 196 -11.23 -16.06 -44.07
C GLU E 196 -10.67 -15.61 -45.41
N ALA E 197 -9.90 -14.52 -45.44
CA ALA E 197 -9.49 -13.97 -46.72
C ALA E 197 -8.12 -14.49 -47.12
N LEU E 198 -7.53 -15.34 -46.27
CA LEU E 198 -6.26 -15.96 -46.62
C LEU E 198 -6.55 -17.18 -47.47
N HIS E 199 -5.62 -17.51 -48.36
CA HIS E 199 -5.64 -18.80 -49.03
C HIS E 199 -5.81 -19.92 -47.99
N ASN E 200 -6.87 -20.71 -48.17
CA ASN E 200 -7.18 -21.84 -47.31
C ASN E 200 -7.21 -21.40 -45.85
N HIS E 201 -7.54 -20.12 -45.62
CA HIS E 201 -7.81 -19.60 -44.28
C HIS E 201 -6.56 -19.57 -43.40
N TYR E 202 -5.37 -19.75 -43.98
CA TYR E 202 -4.18 -19.97 -43.17
C TYR E 202 -2.95 -19.44 -43.91
N THR E 203 -2.09 -18.73 -43.16
CA THR E 203 -0.74 -18.44 -43.63
C THR E 203 0.23 -18.45 -42.45
N GLN E 204 1.52 -18.52 -42.79
CA GLN E 204 2.61 -18.62 -41.84
C GLN E 204 3.82 -17.88 -42.41
N LYS E 205 4.41 -17.02 -41.58
CA LYS E 205 5.60 -16.26 -41.94
C LYS E 205 6.65 -16.52 -40.87
N SER E 206 7.85 -16.85 -41.32
CA SER E 206 8.90 -17.23 -40.39
C SER E 206 9.81 -16.03 -40.14
N LEU E 207 10.63 -16.13 -39.07
CA LEU E 207 11.46 -15.05 -38.56
C LEU E 207 12.69 -15.67 -37.88
N SER E 208 13.90 -15.26 -38.31
CA SER E 208 15.15 -15.73 -37.72
C SER E 208 16.30 -14.74 -37.96
N LEU E 209 17.44 -14.94 -37.28
CA LEU E 209 18.69 -14.25 -37.55
C LEU E 209 19.23 -14.69 -38.93
N GLY F 3 -33.95 6.68 -10.41
CA GLY F 3 -33.08 7.18 -9.31
C GLY F 3 -31.75 7.72 -9.83
N PRO F 4 -31.27 8.88 -9.33
CA PRO F 4 -30.01 9.47 -9.81
C PRO F 4 -28.73 8.67 -9.52
N SER F 5 -27.84 8.57 -10.52
CA SER F 5 -26.63 7.78 -10.40
C SER F 5 -25.41 8.64 -10.75
N VAL F 6 -24.25 8.34 -10.16
CA VAL F 6 -23.10 9.20 -10.33
C VAL F 6 -21.90 8.39 -10.83
N PHE F 7 -21.23 8.89 -11.88
CA PHE F 7 -19.99 8.34 -12.38
C PHE F 7 -18.88 9.40 -12.32
N LEU F 8 -17.69 9.00 -11.87
CA LEU F 8 -16.61 9.96 -11.72
C LEU F 8 -15.43 9.52 -12.60
N PHE F 9 -15.12 10.33 -13.64
CA PHE F 9 -14.17 9.94 -14.69
C PHE F 9 -12.85 10.68 -14.53
N PRO F 10 -11.68 10.04 -14.80
CA PRO F 10 -10.38 10.69 -14.66
C PRO F 10 -9.99 11.51 -15.88
N PRO F 11 -8.87 12.28 -15.84
CA PRO F 11 -8.46 13.10 -16.98
C PRO F 11 -8.02 12.20 -18.13
N LYS F 12 -7.99 12.75 -19.35
CA LYS F 12 -7.45 12.01 -20.48
C LYS F 12 -5.94 11.90 -20.29
N PRO F 13 -5.35 10.72 -20.61
CA PRO F 13 -3.92 10.50 -20.41
C PRO F 13 -3.10 11.64 -21.02
N LYS F 14 -3.41 12.02 -22.25
CA LYS F 14 -2.65 13.05 -22.95
C LYS F 14 -2.63 14.36 -22.15
N ASP F 15 -3.75 14.70 -21.49
CA ASP F 15 -3.92 15.93 -20.73
C ASP F 15 -3.08 15.96 -19.46
N THR F 16 -2.89 14.81 -18.80
CA THR F 16 -2.10 14.81 -17.58
C THR F 16 -0.62 14.91 -17.95
N LEU F 17 -0.31 14.56 -19.21
CA LEU F 17 1.08 14.43 -19.60
C LEU F 17 1.63 15.69 -20.29
N MET F 18 0.77 16.53 -20.88
CA MET F 18 1.28 17.70 -21.59
C MET F 18 0.92 18.98 -20.84
N ILE F 19 1.93 19.71 -20.40
CA ILE F 19 1.74 20.90 -19.56
C ILE F 19 0.79 21.91 -20.20
N SER F 20 0.82 22.06 -21.54
CA SER F 20 -0.03 23.01 -22.23
C SER F 20 -1.52 22.65 -22.19
N ARG F 21 -1.86 21.39 -21.87
CA ARG F 21 -3.25 20.98 -21.85
C ARG F 21 -3.84 21.15 -20.44
N THR F 22 -5.17 20.98 -20.31
CA THR F 22 -5.83 21.13 -19.03
C THR F 22 -6.52 19.82 -18.64
N PRO F 23 -5.96 19.00 -17.71
CA PRO F 23 -6.61 17.77 -17.27
C PRO F 23 -7.79 18.13 -16.35
N GLU F 24 -8.87 17.33 -16.43
CA GLU F 24 -10.11 17.53 -15.69
C GLU F 24 -10.62 16.19 -15.17
N VAL F 25 -11.33 16.25 -14.05
CA VAL F 25 -12.11 15.13 -13.59
C VAL F 25 -13.57 15.49 -13.77
N THR F 26 -14.37 14.50 -14.19
CA THR F 26 -15.73 14.77 -14.62
C THR F 26 -16.70 13.90 -13.81
N CYS F 27 -17.57 14.57 -13.05
CA CYS F 27 -18.62 13.94 -12.28
C CYS F 27 -19.89 13.99 -13.13
N VAL F 28 -20.33 12.84 -13.62
CA VAL F 28 -21.52 12.77 -14.46
C VAL F 28 -22.65 12.20 -13.59
N VAL F 29 -23.77 12.93 -13.47
CA VAL F 29 -25.00 12.51 -12.82
C VAL F 29 -26.04 12.21 -13.90
N VAL F 30 -26.51 10.96 -13.94
CA VAL F 30 -27.50 10.47 -14.91
C VAL F 30 -28.80 10.15 -14.17
N ASP F 31 -29.91 10.03 -14.92
CA ASP F 31 -31.23 9.67 -14.41
C ASP F 31 -31.72 10.69 -13.38
N VAL F 32 -31.48 11.98 -13.66
CA VAL F 32 -32.04 13.03 -12.84
C VAL F 32 -33.47 13.27 -13.33
N SER F 33 -34.40 13.20 -12.38
CA SER F 33 -35.83 13.31 -12.64
C SER F 33 -36.14 14.59 -13.42
N HIS F 34 -37.13 14.50 -14.29
CA HIS F 34 -37.57 15.62 -15.10
C HIS F 34 -38.21 16.71 -14.23
N GLU F 35 -38.54 16.36 -12.97
CA GLU F 35 -39.32 17.23 -12.13
C GLU F 35 -38.45 17.89 -11.05
N ASP F 36 -37.32 17.27 -10.69
CA ASP F 36 -36.39 17.83 -9.72
C ASP F 36 -34.99 17.93 -10.33
N PRO F 37 -34.75 18.89 -11.26
CA PRO F 37 -33.52 18.89 -12.06
C PRO F 37 -32.29 19.45 -11.36
N GLU F 38 -32.50 20.13 -10.22
CA GLU F 38 -31.43 20.83 -9.53
C GLU F 38 -30.46 19.80 -8.94
N VAL F 39 -29.20 19.88 -9.38
CA VAL F 39 -28.18 19.03 -8.80
C VAL F 39 -27.11 19.96 -8.22
N LYS F 40 -26.72 19.71 -6.97
CA LYS F 40 -25.68 20.50 -6.32
C LYS F 40 -24.40 19.68 -6.24
N PHE F 41 -23.24 20.35 -6.34
CA PHE F 41 -21.96 19.65 -6.42
C PHE F 41 -20.96 20.22 -5.40
N ASN F 42 -20.30 19.31 -4.68
CA ASN F 42 -19.20 19.67 -3.79
C ASN F 42 -17.97 18.88 -4.18
N TRP F 43 -16.83 19.56 -4.24
CA TRP F 43 -15.59 18.92 -4.64
C TRP F 43 -14.54 19.08 -3.54
N TYR F 44 -13.67 18.06 -3.44
CA TYR F 44 -12.62 18.01 -2.43
C TYR F 44 -11.34 17.44 -3.04
N VAL F 45 -10.20 17.99 -2.63
CA VAL F 45 -8.87 17.50 -3.00
C VAL F 45 -8.19 17.01 -1.73
N ASP F 46 -8.10 15.68 -1.59
CA ASP F 46 -7.56 15.00 -0.42
C ASP F 46 -8.48 15.18 0.79
N GLY F 47 -9.18 16.32 0.86
CA GLY F 47 -10.11 16.56 1.94
C GLY F 47 -10.66 17.98 1.93
N VAL F 48 -9.80 18.94 1.57
CA VAL F 48 -10.17 20.35 1.61
C VAL F 48 -10.97 20.70 0.35
N GLU F 49 -12.11 21.37 0.56
CA GLU F 49 -13.11 21.67 -0.46
C GLU F 49 -12.52 22.66 -1.46
N VAL F 50 -12.88 22.50 -2.75
CA VAL F 50 -12.52 23.45 -3.80
C VAL F 50 -13.80 24.05 -4.38
N HIS F 51 -13.67 25.31 -4.85
CA HIS F 51 -14.79 26.08 -5.36
C HIS F 51 -14.56 26.34 -6.84
N ASN F 52 -13.98 25.33 -7.48
CA ASN F 52 -13.23 25.44 -8.70
C ASN F 52 -14.07 24.93 -9.86
N ALA F 53 -15.08 24.11 -9.54
CA ALA F 53 -15.79 23.33 -10.56
C ALA F 53 -16.76 24.20 -11.32
N LYS F 54 -17.05 23.83 -12.58
CA LYS F 54 -18.11 24.42 -13.40
C LYS F 54 -19.06 23.31 -13.84
N THR F 55 -20.34 23.64 -14.00
CA THR F 55 -21.39 22.70 -14.36
C THR F 55 -21.71 22.80 -15.85
N LYS F 56 -21.87 21.65 -16.52
CA LYS F 56 -22.23 21.63 -17.94
C LYS F 56 -23.72 21.93 -18.07
N PRO F 57 -24.24 22.32 -19.26
CA PRO F 57 -25.67 22.55 -19.43
C PRO F 57 -26.37 21.22 -19.34
N ARG F 58 -27.52 21.15 -18.63
CA ARG F 58 -28.33 19.94 -18.71
C ARG F 58 -28.27 19.40 -20.13
N GLU F 59 -28.18 18.07 -20.25
CA GLU F 59 -28.54 17.38 -21.47
C GLU F 59 -29.83 16.62 -21.14
N GLU F 60 -30.81 16.69 -22.04
CA GLU F 60 -32.07 16.00 -21.83
C GLU F 60 -32.05 14.69 -22.61
N GLN F 61 -32.25 13.60 -21.89
CA GLN F 61 -32.26 12.25 -22.45
C GLN F 61 -33.64 11.99 -23.03
N TYR F 62 -33.74 11.03 -23.96
CA TYR F 62 -34.97 10.81 -24.73
C TYR F 62 -36.14 10.39 -23.83
N ASN F 63 -35.82 9.71 -22.73
CA ASN F 63 -36.83 9.25 -21.78
C ASN F 63 -37.07 10.31 -20.70
N SER F 64 -36.84 11.58 -21.04
CA SER F 64 -37.21 12.73 -20.24
C SER F 64 -36.66 12.63 -18.81
N THR F 65 -35.37 12.23 -18.73
CA THR F 65 -34.53 12.48 -17.56
C THR F 65 -33.40 13.41 -18.00
N TYR F 66 -32.60 13.88 -17.04
CA TYR F 66 -31.51 14.79 -17.35
C TYR F 66 -30.16 14.13 -17.06
N ARG F 67 -29.16 14.47 -17.89
CA ARG F 67 -27.78 14.17 -17.54
C ARG F 67 -27.09 15.48 -17.17
N VAL F 68 -26.61 15.55 -15.93
CA VAL F 68 -26.04 16.77 -15.40
C VAL F 68 -24.59 16.43 -15.07
N VAL F 69 -23.68 17.35 -15.43
CA VAL F 69 -22.25 17.07 -15.46
C VAL F 69 -21.49 18.22 -14.80
N SER F 70 -20.59 17.90 -13.87
CA SER F 70 -19.71 18.88 -13.26
C SER F 70 -18.26 18.58 -13.64
N VAL F 71 -17.53 19.62 -14.02
CA VAL F 71 -16.17 19.42 -14.48
C VAL F 71 -15.22 20.16 -13.55
N LEU F 72 -14.26 19.42 -12.98
CA LEU F 72 -13.23 20.04 -12.14
C LEU F 72 -11.84 19.93 -12.79
N THR F 73 -11.25 21.11 -13.09
CA THR F 73 -9.89 21.28 -13.57
C THR F 73 -8.93 20.88 -12.45
N VAL F 74 -7.90 20.06 -12.79
CA VAL F 74 -6.92 19.55 -11.84
C VAL F 74 -5.51 20.02 -12.23
N LEU F 75 -4.66 20.14 -11.20
CA LEU F 75 -3.24 20.42 -11.37
C LEU F 75 -2.56 19.14 -11.85
N HIS F 76 -1.80 19.27 -12.96
CA HIS F 76 -0.87 18.23 -13.38
C HIS F 76 -0.12 17.64 -12.18
N GLN F 77 0.66 18.50 -11.47
CA GLN F 77 1.47 18.04 -10.35
C GLN F 77 0.60 17.23 -9.42
N ASP F 78 -0.60 17.73 -9.13
CA ASP F 78 -1.50 17.11 -8.18
C ASP F 78 -1.87 15.70 -8.64
N TRP F 79 -2.35 15.57 -9.90
CA TRP F 79 -2.77 14.28 -10.43
C TRP F 79 -1.58 13.31 -10.42
N LEU F 80 -0.47 13.73 -11.03
CA LEU F 80 0.81 13.03 -10.95
C LEU F 80 1.07 12.55 -9.51
N ASN F 81 0.82 13.43 -8.52
CA ASN F 81 1.27 13.18 -7.16
C ASN F 81 0.37 12.19 -6.44
N GLY F 82 -0.73 11.76 -7.08
CA GLY F 82 -1.61 10.76 -6.50
C GLY F 82 -2.73 11.35 -5.62
N LYS F 83 -2.96 12.67 -5.69
CA LYS F 83 -4.01 13.28 -4.88
C LYS F 83 -5.36 12.67 -5.22
N GLU F 84 -6.29 12.67 -4.26
CA GLU F 84 -7.61 12.06 -4.46
C GLU F 84 -8.68 13.13 -4.64
N TYR F 85 -9.60 12.85 -5.56
CA TYR F 85 -10.61 13.82 -5.96
C TYR F 85 -11.99 13.28 -5.64
N LYS F 86 -12.72 14.00 -4.76
CA LYS F 86 -14.03 13.60 -4.25
C LYS F 86 -15.15 14.51 -4.79
N CYS F 87 -16.13 13.89 -5.46
CA CYS F 87 -17.33 14.58 -5.93
C CYS F 87 -18.49 14.26 -5.00
N LYS F 88 -19.11 15.31 -4.45
CA LYS F 88 -20.27 15.18 -3.56
C LYS F 88 -21.50 15.74 -4.26
N VAL F 89 -22.42 14.81 -4.63
CA VAL F 89 -23.64 15.09 -5.37
C VAL F 89 -24.84 15.15 -4.42
N SER F 90 -25.51 16.31 -4.40
CA SER F 90 -26.79 16.53 -3.74
C SER F 90 -27.90 16.78 -4.75
N ASN F 91 -29.03 16.11 -4.54
CA ASN F 91 -30.26 16.25 -5.30
C ASN F 91 -31.46 16.01 -4.38
N LYS F 92 -32.59 16.69 -4.64
CA LYS F 92 -33.77 16.58 -3.80
C LYS F 92 -34.33 15.15 -3.82
N ALA F 93 -34.21 14.46 -4.96
CA ALA F 93 -34.75 13.11 -5.13
C ALA F 93 -33.89 12.05 -4.42
N LEU F 94 -32.79 12.48 -3.80
CA LEU F 94 -31.82 11.58 -3.18
C LEU F 94 -32.01 11.50 -1.67
N PRO F 95 -32.10 10.27 -1.11
CA PRO F 95 -32.18 10.10 0.35
C PRO F 95 -30.98 10.66 1.10
N ALA F 96 -29.78 10.52 0.50
CA ALA F 96 -28.56 11.09 1.08
C ALA F 96 -27.65 11.54 -0.06
N PRO F 97 -26.75 12.54 0.15
CA PRO F 97 -25.78 12.95 -0.86
C PRO F 97 -24.92 11.75 -1.26
N ILE F 98 -24.58 11.70 -2.56
CA ILE F 98 -23.74 10.64 -3.07
C ILE F 98 -22.32 11.21 -3.19
N GLU F 99 -21.34 10.45 -2.68
CA GLU F 99 -19.94 10.84 -2.72
C GLU F 99 -19.17 9.86 -3.59
N LYS F 100 -18.24 10.38 -4.42
CA LYS F 100 -17.35 9.48 -5.15
C LYS F 100 -15.92 10.00 -5.13
N THR F 101 -15.02 9.03 -5.25
CA THR F 101 -13.60 9.31 -5.19
C THR F 101 -12.94 8.69 -6.41
N ILE F 102 -11.92 9.38 -6.92
CA ILE F 102 -11.08 8.82 -7.96
C ILE F 102 -9.65 9.33 -7.79
N SER F 103 -8.70 8.46 -8.15
CA SER F 103 -7.29 8.78 -8.14
C SER F 103 -6.58 8.05 -9.28
N LYS F 104 -5.37 8.51 -9.61
CA LYS F 104 -4.46 7.83 -10.53
C LYS F 104 -4.33 6.38 -10.09
N ALA F 105 -4.24 5.46 -11.06
CA ALA F 105 -4.13 4.03 -10.78
C ALA F 105 -3.01 3.77 -9.79
N LYS F 106 -3.27 2.81 -8.88
CA LYS F 106 -2.31 2.40 -7.87
C LYS F 106 -1.36 1.37 -8.47
N GLY F 107 -0.13 1.32 -7.94
CA GLY F 107 0.87 0.38 -8.37
C GLY F 107 2.18 1.10 -8.68
N GLN F 108 3.29 0.41 -8.52
CA GLN F 108 4.60 0.99 -8.73
C GLN F 108 4.70 1.39 -10.21
N PRO F 109 4.84 2.70 -10.51
CA PRO F 109 5.02 3.17 -11.88
C PRO F 109 6.22 2.45 -12.48
N ARG F 110 6.18 2.23 -13.78
CA ARG F 110 7.18 1.45 -14.46
C ARG F 110 7.42 2.11 -15.82
N GLU F 111 8.70 2.24 -16.18
CA GLU F 111 9.15 3.07 -17.27
C GLU F 111 9.09 2.28 -18.58
N PRO F 112 8.46 2.81 -19.64
CA PRO F 112 8.45 2.08 -20.92
C PRO F 112 9.81 2.09 -21.60
N GLN F 113 10.17 0.94 -22.19
CA GLN F 113 11.21 0.88 -23.19
C GLN F 113 10.52 1.02 -24.53
N VAL F 114 11.13 1.83 -25.41
CA VAL F 114 10.61 2.24 -26.70
C VAL F 114 11.65 1.79 -27.73
N TYR F 115 11.21 1.01 -28.70
CA TYR F 115 12.05 0.55 -29.79
C TYR F 115 11.32 0.85 -31.10
N THR F 116 12.09 1.11 -32.17
CA THR F 116 11.51 1.36 -33.47
C THR F 116 11.96 0.21 -34.38
N LEU F 117 11.00 -0.28 -35.19
CA LEU F 117 11.24 -1.38 -36.11
C LEU F 117 10.92 -0.86 -37.50
N PRO F 118 11.88 -0.99 -38.42
CA PRO F 118 11.68 -0.59 -39.81
C PRO F 118 10.73 -1.56 -40.51
N PRO F 119 10.38 -1.29 -41.78
CA PRO F 119 9.44 -2.14 -42.52
C PRO F 119 10.11 -3.44 -42.96
N SER F 120 9.31 -4.51 -42.96
CA SER F 120 9.64 -5.79 -43.55
C SER F 120 10.19 -5.57 -44.95
N ARG F 121 11.24 -6.32 -45.33
CA ARG F 121 11.69 -6.32 -46.72
C ARG F 121 10.48 -6.55 -47.62
N GLU F 122 9.57 -7.41 -47.13
CA GLU F 122 8.42 -7.93 -47.87
C GLU F 122 7.38 -6.85 -48.16
N GLU F 123 7.23 -5.88 -47.25
CA GLU F 123 6.29 -4.78 -47.47
C GLU F 123 6.87 -3.82 -48.49
N MET F 124 8.18 -3.90 -48.69
CA MET F 124 8.88 -2.96 -49.57
C MET F 124 8.39 -3.14 -51.01
N THR F 125 7.49 -4.10 -51.25
CA THR F 125 6.89 -4.25 -52.57
C THR F 125 5.60 -3.43 -52.68
N LYS F 126 5.15 -2.80 -51.58
CA LYS F 126 3.93 -2.00 -51.58
C LYS F 126 4.26 -0.54 -51.84
N ASN F 127 3.22 0.24 -52.18
CA ASN F 127 3.36 1.67 -52.43
C ASN F 127 3.52 2.45 -51.12
N GLN F 128 3.02 1.91 -50.01
CA GLN F 128 3.21 2.49 -48.68
C GLN F 128 3.77 1.45 -47.72
N VAL F 129 4.60 1.91 -46.78
CA VAL F 129 5.24 1.05 -45.80
C VAL F 129 4.88 1.52 -44.39
N SER F 130 5.12 0.64 -43.41
CA SER F 130 4.76 0.79 -42.01
C SER F 130 6.05 0.93 -41.20
N LEU F 131 6.16 2.02 -40.41
CA LEU F 131 7.21 2.14 -39.43
C LEU F 131 6.57 1.83 -38.09
N THR F 132 7.22 0.98 -37.30
CA THR F 132 6.67 0.39 -36.11
C THR F 132 7.41 0.94 -34.90
N CYS F 133 6.63 1.30 -33.87
CA CYS F 133 7.20 1.63 -32.58
C CYS F 133 6.59 0.67 -31.57
N LEU F 134 7.44 -0.17 -30.95
CA LEU F 134 7.03 -1.03 -29.85
C LEU F 134 7.38 -0.27 -28.57
N VAL F 135 6.39 -0.17 -27.68
CA VAL F 135 6.45 0.52 -26.41
C VAL F 135 6.01 -0.49 -25.37
N LYS F 136 6.94 -0.93 -24.50
CA LYS F 136 6.63 -2.03 -23.60
C LYS F 136 7.14 -1.78 -22.19
N GLY F 137 6.53 -2.49 -21.24
CA GLY F 137 7.04 -2.62 -19.89
C GLY F 137 6.61 -1.42 -19.07
N PHE F 138 5.55 -0.70 -19.50
CA PHE F 138 5.12 0.46 -18.72
C PHE F 138 3.96 0.17 -17.79
N TYR F 139 3.89 1.01 -16.74
CA TYR F 139 2.80 1.01 -15.78
C TYR F 139 2.79 2.38 -15.12
N PRO F 140 1.63 3.03 -14.87
CA PRO F 140 0.31 2.53 -15.24
C PRO F 140 0.05 2.72 -16.74
N SER F 141 -1.18 2.45 -17.21
CA SER F 141 -1.40 2.35 -18.65
C SER F 141 -1.56 3.72 -19.33
N ASP F 142 -1.81 4.77 -18.55
CA ASP F 142 -1.90 6.13 -19.08
C ASP F 142 -0.60 6.48 -19.83
N ILE F 143 -0.76 6.81 -21.11
CA ILE F 143 0.38 7.06 -21.97
C ILE F 143 -0.11 7.83 -23.19
N ALA F 144 0.81 8.54 -23.87
CA ALA F 144 0.45 9.17 -25.13
C ALA F 144 1.55 8.91 -26.16
N VAL F 145 1.14 8.59 -27.41
CA VAL F 145 2.08 8.30 -28.48
C VAL F 145 1.79 9.13 -29.73
N GLU F 146 2.84 9.70 -30.35
CA GLU F 146 2.68 10.43 -31.60
C GLU F 146 3.92 10.21 -32.46
N TRP F 147 3.83 10.67 -33.72
CA TRP F 147 4.93 10.62 -34.66
C TRP F 147 5.12 11.99 -35.29
N GLU F 148 6.33 12.18 -35.80
CA GLU F 148 6.86 13.47 -36.23
C GLU F 148 7.99 13.22 -37.24
N SER F 149 8.20 14.20 -38.14
CA SER F 149 9.32 14.23 -39.04
C SER F 149 9.71 15.69 -39.25
N ASN F 150 11.00 15.98 -39.19
CA ASN F 150 11.54 17.34 -39.27
C ASN F 150 10.65 18.32 -38.50
N GLY F 151 10.34 17.99 -37.24
CA GLY F 151 9.70 18.93 -36.35
C GLY F 151 8.17 19.02 -36.51
N GLN F 152 7.62 18.44 -37.59
CA GLN F 152 6.18 18.51 -37.81
C GLN F 152 5.53 17.14 -37.59
N PRO F 153 4.33 17.08 -36.98
CA PRO F 153 3.62 15.82 -36.78
C PRO F 153 3.27 15.13 -38.11
N GLU F 154 3.23 13.80 -38.09
CA GLU F 154 2.76 12.97 -39.18
C GLU F 154 1.39 12.49 -38.74
N ASN F 155 0.36 12.73 -39.54
CA ASN F 155 -0.98 12.32 -39.11
C ASN F 155 -1.52 11.21 -40.02
N ASN F 156 -0.71 10.17 -40.19
CA ASN F 156 -1.14 8.92 -40.79
C ASN F 156 -0.63 7.74 -39.95
N TYR F 157 -1.04 7.70 -38.67
CA TYR F 157 -0.62 6.62 -37.79
C TYR F 157 -1.78 6.25 -36.91
N LYS F 158 -1.68 5.04 -36.34
CA LYS F 158 -2.66 4.51 -35.42
C LYS F 158 -1.90 3.77 -34.33
N THR F 159 -2.43 3.81 -33.10
CA THR F 159 -1.77 3.17 -31.98
C THR F 159 -2.74 2.16 -31.42
N THR F 160 -2.22 0.99 -31.01
CA THR F 160 -3.07 -0.01 -30.43
C THR F 160 -3.37 0.50 -29.03
N PRO F 161 -4.45 0.05 -28.38
CA PRO F 161 -4.57 0.27 -26.94
C PRO F 161 -3.44 -0.48 -26.19
N PRO F 162 -3.17 -0.08 -24.94
CA PRO F 162 -2.28 -0.84 -24.05
C PRO F 162 -2.83 -2.27 -23.87
N VAL F 163 -1.94 -3.26 -23.89
CA VAL F 163 -2.29 -4.66 -23.68
C VAL F 163 -1.47 -5.14 -22.48
N LEU F 164 -2.15 -5.89 -21.59
CA LEU F 164 -1.56 -6.41 -20.37
C LEU F 164 -0.62 -7.54 -20.74
N ASP F 165 0.65 -7.41 -20.34
CA ASP F 165 1.67 -8.38 -20.68
C ASP F 165 1.75 -9.37 -19.51
N SER F 166 2.61 -10.39 -19.62
CA SER F 166 2.56 -11.46 -18.64
C SER F 166 3.21 -11.08 -17.32
N ASP F 167 4.11 -10.08 -17.31
CA ASP F 167 4.77 -9.68 -16.07
C ASP F 167 4.01 -8.58 -15.32
N GLY F 168 2.77 -8.28 -15.73
CA GLY F 168 1.98 -7.28 -15.05
C GLY F 168 2.12 -5.86 -15.62
N SER F 169 3.05 -5.64 -16.57
CA SER F 169 3.15 -4.35 -17.23
C SER F 169 2.33 -4.34 -18.53
N PHE F 170 2.23 -3.16 -19.16
CA PHE F 170 1.58 -2.98 -20.44
C PHE F 170 2.58 -2.84 -21.60
N PHE F 171 2.08 -3.17 -22.79
CA PHE F 171 2.78 -2.83 -24.02
C PHE F 171 1.75 -2.32 -25.02
N LEU F 172 2.22 -1.55 -26.00
CA LEU F 172 1.39 -1.26 -27.16
C LEU F 172 2.34 -1.20 -28.36
N TYR F 173 1.78 -1.13 -29.57
CA TYR F 173 2.53 -0.80 -30.77
C TYR F 173 1.83 0.38 -31.42
N SER F 174 2.62 1.22 -32.12
CA SER F 174 2.12 2.31 -32.94
C SER F 174 2.66 2.15 -34.36
N LYS F 175 1.80 2.36 -35.37
CA LYS F 175 2.16 2.14 -36.76
C LYS F 175 2.01 3.46 -37.52
N LEU F 176 3.12 3.99 -38.06
CA LEU F 176 3.00 5.12 -38.95
C LEU F 176 3.10 4.60 -40.39
N THR F 177 2.12 4.96 -41.21
CA THR F 177 2.19 4.68 -42.63
C THR F 177 2.77 5.87 -43.39
N VAL F 178 3.83 5.63 -44.16
CA VAL F 178 4.38 6.62 -45.08
C VAL F 178 4.49 6.04 -46.49
N ASP F 179 4.61 6.98 -47.46
CA ASP F 179 4.95 6.65 -48.83
C ASP F 179 6.32 6.00 -48.85
N LYS F 180 6.43 4.90 -49.62
CA LYS F 180 7.67 4.16 -49.71
C LYS F 180 8.82 5.08 -50.15
N SER F 181 8.52 6.06 -51.00
CA SER F 181 9.53 6.95 -51.56
C SER F 181 10.19 7.82 -50.48
N ARG F 182 9.38 8.26 -49.49
CA ARG F 182 9.84 9.07 -48.37
C ARG F 182 10.75 8.24 -47.47
N TRP F 183 10.38 6.97 -47.26
CA TRP F 183 11.23 6.06 -46.53
C TRP F 183 12.52 5.80 -47.32
N GLN F 184 12.40 5.72 -48.65
CA GLN F 184 13.56 5.44 -49.50
C GLN F 184 14.48 6.65 -49.65
N GLN F 185 13.94 7.87 -49.51
CA GLN F 185 14.74 9.09 -49.59
C GLN F 185 15.67 9.24 -48.40
N GLY F 186 15.37 8.55 -47.29
CA GLY F 186 16.22 8.59 -46.09
C GLY F 186 15.72 9.58 -45.04
N ASN F 187 14.49 10.06 -45.19
CA ASN F 187 13.87 10.92 -44.18
C ASN F 187 13.90 10.20 -42.84
N VAL F 188 13.93 11.00 -41.76
CA VAL F 188 14.03 10.48 -40.41
C VAL F 188 12.67 10.67 -39.75
N PHE F 189 12.12 9.57 -39.22
CA PHE F 189 10.83 9.53 -38.54
C PHE F 189 11.09 9.21 -37.08
N SER F 190 10.34 9.89 -36.19
CA SER F 190 10.47 9.79 -34.73
C SER F 190 9.12 9.47 -34.11
N CYS F 191 9.15 8.54 -33.14
CA CYS F 191 8.02 8.15 -32.32
C CYS F 191 8.21 8.84 -30.96
N SER F 192 7.28 9.73 -30.57
CA SER F 192 7.32 10.41 -29.26
C SER F 192 6.41 9.68 -28.28
N VAL F 193 6.93 9.46 -27.07
CA VAL F 193 6.16 8.76 -26.06
C VAL F 193 6.19 9.61 -24.79
N MET F 194 5.00 9.85 -24.25
CA MET F 194 4.83 10.58 -23.00
C MET F 194 4.34 9.59 -21.97
N HIS F 195 5.07 9.52 -20.84
CA HIS F 195 4.67 8.64 -19.75
C HIS F 195 5.28 9.15 -18.45
N GLU F 196 4.54 8.95 -17.36
CA GLU F 196 4.90 9.58 -16.11
C GLU F 196 6.23 9.04 -15.63
N ALA F 197 6.49 7.75 -15.91
CA ALA F 197 7.62 7.03 -15.35
C ALA F 197 8.90 7.20 -16.19
N LEU F 198 8.82 7.94 -17.30
CA LEU F 198 10.02 8.26 -18.05
C LEU F 198 10.69 9.47 -17.40
N HIS F 199 12.03 9.48 -17.50
CA HIS F 199 12.81 10.65 -17.15
C HIS F 199 12.30 11.79 -18.02
N ASN F 200 11.85 12.87 -17.36
CA ASN F 200 11.29 14.04 -18.02
C ASN F 200 9.91 13.72 -18.61
N HIS F 201 9.39 12.50 -18.35
CA HIS F 201 8.02 12.17 -18.69
C HIS F 201 7.84 12.09 -20.20
N TYR F 202 8.95 11.94 -20.94
CA TYR F 202 8.95 12.09 -22.38
C TYR F 202 10.22 11.45 -22.93
N THR F 203 10.06 10.71 -24.03
CA THR F 203 11.21 10.17 -24.75
C THR F 203 10.86 10.15 -26.23
N GLN F 204 11.87 10.02 -27.10
CA GLN F 204 11.66 10.04 -28.55
C GLN F 204 12.75 9.18 -29.20
N LYS F 205 12.32 8.28 -30.08
CA LYS F 205 13.18 7.31 -30.74
C LYS F 205 12.93 7.43 -32.23
N SER F 206 13.98 7.31 -33.03
CA SER F 206 13.74 7.58 -34.44
C SER F 206 14.41 6.51 -35.31
N LEU F 207 14.06 6.48 -36.60
CA LEU F 207 14.67 5.52 -37.50
C LEU F 207 14.56 6.04 -38.93
N SER F 208 15.49 5.57 -39.78
CA SER F 208 15.52 5.89 -41.19
C SER F 208 16.31 4.81 -41.94
N LEU F 209 16.33 4.91 -43.27
CA LEU F 209 17.11 4.02 -44.10
C LEU F 209 18.49 4.61 -44.33
N GLY G 3 -16.04 4.39 -30.31
CA GLY G 3 -16.78 4.92 -31.50
C GLY G 3 -18.27 5.08 -31.24
N PRO G 4 -19.08 5.52 -32.24
CA PRO G 4 -20.50 5.76 -32.00
C PRO G 4 -21.34 4.53 -31.67
N SER G 5 -22.42 4.76 -30.92
CA SER G 5 -23.39 3.72 -30.68
C SER G 5 -24.80 4.22 -30.97
N VAL G 6 -25.74 3.29 -31.16
CA VAL G 6 -27.04 3.60 -31.73
C VAL G 6 -28.12 3.10 -30.78
N PHE G 7 -29.19 3.89 -30.64
CA PHE G 7 -30.36 3.53 -29.85
C PHE G 7 -31.61 3.86 -30.67
N LEU G 8 -32.57 2.94 -30.67
CA LEU G 8 -33.78 3.11 -31.46
C LEU G 8 -34.99 2.98 -30.54
N PHE G 9 -35.73 4.09 -30.39
CA PHE G 9 -36.84 4.19 -29.46
C PHE G 9 -38.18 4.08 -30.20
N PRO G 10 -39.21 3.46 -29.55
CA PRO G 10 -40.56 3.31 -30.13
C PRO G 10 -41.39 4.57 -29.89
N PRO G 11 -42.60 4.70 -30.49
CA PRO G 11 -43.45 5.87 -30.25
C PRO G 11 -43.92 5.89 -28.80
N LYS G 12 -44.27 7.09 -28.30
CA LYS G 12 -44.86 7.23 -26.98
C LYS G 12 -46.22 6.55 -27.00
N PRO G 13 -46.70 5.97 -25.87
CA PRO G 13 -47.96 5.22 -25.86
C PRO G 13 -49.13 6.06 -26.36
N LYS G 14 -49.12 7.35 -26.02
CA LYS G 14 -50.21 8.28 -26.33
C LYS G 14 -50.26 8.59 -27.82
N ASP G 15 -49.10 8.56 -28.50
CA ASP G 15 -48.98 8.99 -29.88
C ASP G 15 -49.57 7.97 -30.86
N THR G 16 -49.63 6.70 -30.46
CA THR G 16 -50.14 5.67 -31.34
C THR G 16 -51.67 5.56 -31.22
N LEU G 17 -52.24 6.06 -30.12
CA LEU G 17 -53.62 5.76 -29.75
C LEU G 17 -54.59 6.86 -30.15
N MET G 18 -54.05 8.08 -30.34
CA MET G 18 -54.81 9.29 -30.58
C MET G 18 -54.72 9.65 -32.06
N ILE G 19 -55.52 10.65 -32.50
CA ILE G 19 -55.56 11.07 -33.89
C ILE G 19 -54.83 12.40 -34.01
N SER G 20 -55.00 13.28 -33.01
CA SER G 20 -54.39 14.60 -32.97
C SER G 20 -52.90 14.51 -32.63
N ARG G 21 -52.40 13.27 -32.49
CA ARG G 21 -51.06 13.02 -32.01
C ARG G 21 -50.28 12.26 -33.08
N THR G 22 -48.98 12.58 -33.17
CA THR G 22 -48.15 12.15 -34.29
C THR G 22 -47.03 11.24 -33.79
N PRO G 23 -47.06 9.94 -34.17
CA PRO G 23 -46.14 8.93 -33.64
C PRO G 23 -44.84 8.76 -34.42
N GLU G 24 -43.73 8.78 -33.67
CA GLU G 24 -42.40 8.75 -34.26
C GLU G 24 -41.60 7.61 -33.64
N VAL G 25 -40.72 7.02 -34.44
CA VAL G 25 -39.65 6.15 -33.96
C VAL G 25 -38.35 6.93 -34.10
N THR G 26 -37.52 6.89 -33.05
CA THR G 26 -36.42 7.82 -32.92
C THR G 26 -35.10 7.04 -32.89
N CYS G 27 -34.19 7.41 -33.81
CA CYS G 27 -32.89 6.77 -33.92
C CYS G 27 -31.82 7.76 -33.44
N VAL G 28 -31.13 7.35 -32.37
CA VAL G 28 -30.24 8.24 -31.63
C VAL G 28 -28.83 7.65 -31.72
N VAL G 29 -27.88 8.50 -32.10
CA VAL G 29 -26.47 8.16 -32.24
C VAL G 29 -25.68 9.06 -31.26
N VAL G 30 -24.94 8.41 -30.35
CA VAL G 30 -24.13 9.11 -29.36
C VAL G 30 -22.64 8.86 -29.67
N ASP G 31 -21.74 9.67 -29.10
CA ASP G 31 -20.29 9.52 -29.22
C ASP G 31 -19.84 9.60 -30.69
N VAL G 32 -20.53 10.44 -31.45
CA VAL G 32 -20.09 10.84 -32.77
C VAL G 32 -18.95 11.82 -32.55
N SER G 33 -17.78 11.52 -33.13
CA SER G 33 -16.56 12.25 -32.86
C SER G 33 -16.50 13.53 -33.69
N HIS G 34 -15.75 14.53 -33.18
CA HIS G 34 -15.47 15.75 -33.92
C HIS G 34 -14.68 15.44 -35.18
N GLU G 35 -13.75 14.47 -35.08
CA GLU G 35 -12.85 14.15 -36.18
C GLU G 35 -13.65 13.57 -37.36
N ASP G 36 -14.75 12.84 -37.07
CA ASP G 36 -15.59 12.26 -38.10
C ASP G 36 -17.07 12.52 -37.79
N PRO G 37 -17.59 13.75 -37.99
CA PRO G 37 -18.95 14.08 -37.55
C PRO G 37 -20.09 13.66 -38.48
N GLU G 38 -19.76 13.19 -39.68
CA GLU G 38 -20.79 13.00 -40.69
C GLU G 38 -21.50 11.66 -40.49
N VAL G 39 -22.80 11.75 -40.18
CA VAL G 39 -23.64 10.58 -39.98
C VAL G 39 -24.67 10.53 -41.10
N LYS G 40 -24.87 9.32 -41.66
CA LYS G 40 -25.90 9.08 -42.67
C LYS G 40 -26.87 8.05 -42.10
N PHE G 41 -28.17 8.31 -42.26
CA PHE G 41 -29.24 7.41 -41.85
C PHE G 41 -29.95 6.84 -43.07
N ASN G 42 -30.20 5.52 -43.05
CA ASN G 42 -31.11 4.85 -43.96
C ASN G 42 -32.19 4.19 -43.11
N TRP G 43 -33.46 4.40 -43.50
CA TRP G 43 -34.61 3.89 -42.76
C TRP G 43 -35.37 2.90 -43.65
N TYR G 44 -35.74 1.74 -43.10
CA TYR G 44 -36.53 0.76 -43.82
C TYR G 44 -37.74 0.33 -43.01
N VAL G 45 -38.85 0.09 -43.72
CA VAL G 45 -40.10 -0.42 -43.18
C VAL G 45 -40.39 -1.76 -43.89
N ASP G 46 -40.43 -2.83 -43.09
CA ASP G 46 -40.50 -4.21 -43.58
C ASP G 46 -39.52 -4.43 -44.72
N GLY G 47 -38.35 -3.79 -44.65
CA GLY G 47 -37.29 -3.97 -45.62
C GLY G 47 -37.41 -3.04 -46.81
N VAL G 48 -38.38 -2.12 -46.76
CA VAL G 48 -38.59 -1.21 -47.89
C VAL G 48 -38.06 0.17 -47.48
N GLU G 49 -37.06 0.68 -48.22
CA GLU G 49 -36.43 1.92 -47.85
C GLU G 49 -37.42 3.07 -47.98
N VAL G 50 -37.52 3.90 -46.93
CA VAL G 50 -38.34 5.11 -46.95
C VAL G 50 -37.44 6.32 -46.75
N HIS G 51 -37.99 7.52 -47.05
CA HIS G 51 -37.21 8.72 -47.29
C HIS G 51 -37.78 9.95 -46.58
N ASN G 52 -38.75 9.76 -45.68
CA ASN G 52 -39.42 10.91 -45.05
C ASN G 52 -38.86 11.27 -43.67
N ALA G 53 -37.73 10.68 -43.25
CA ALA G 53 -37.22 10.94 -41.90
C ALA G 53 -36.48 12.29 -41.87
N LYS G 54 -36.49 12.93 -40.69
CA LYS G 54 -35.85 14.23 -40.47
C LYS G 54 -34.74 14.07 -39.44
N THR G 55 -33.55 14.61 -39.73
CA THR G 55 -32.43 14.63 -38.79
C THR G 55 -32.42 15.96 -38.05
N LYS G 56 -32.30 15.89 -36.72
CA LYS G 56 -32.25 17.10 -35.90
C LYS G 56 -30.89 17.78 -36.05
N PRO G 57 -30.74 19.06 -35.68
CA PRO G 57 -29.41 19.67 -35.61
C PRO G 57 -28.53 18.82 -34.68
N ARG G 58 -27.23 18.73 -34.97
CA ARG G 58 -26.31 18.00 -34.11
C ARG G 58 -26.22 18.68 -32.74
N GLU G 59 -26.11 17.87 -31.68
CA GLU G 59 -26.00 18.35 -30.30
C GLU G 59 -24.63 17.99 -29.73
N GLU G 60 -23.87 19.02 -29.32
CA GLU G 60 -22.58 18.89 -28.67
C GLU G 60 -22.77 18.34 -27.25
N GLN G 61 -22.09 17.24 -26.91
CA GLN G 61 -22.16 16.65 -25.58
C GLN G 61 -20.99 17.13 -24.72
N TYR G 62 -21.03 16.81 -23.43
CA TYR G 62 -20.07 17.24 -22.43
C TYR G 62 -18.67 16.73 -22.76
N ASN G 63 -18.59 15.57 -23.44
CA ASN G 63 -17.35 14.86 -23.71
C ASN G 63 -16.84 15.13 -25.13
N SER G 64 -17.14 16.32 -25.69
CA SER G 64 -16.64 16.70 -27.00
C SER G 64 -16.96 15.65 -28.08
N THR G 65 -18.18 15.11 -28.04
CA THR G 65 -18.72 14.36 -29.14
C THR G 65 -20.08 14.97 -29.49
N TYR G 66 -20.65 14.58 -30.65
CA TYR G 66 -22.00 14.97 -30.99
C TYR G 66 -22.97 13.82 -30.76
N ARG G 67 -24.21 14.21 -30.50
CA ARG G 67 -25.39 13.37 -30.51
C ARG G 67 -26.20 13.74 -31.74
N VAL G 68 -26.52 12.73 -32.56
CA VAL G 68 -27.18 12.97 -33.83
C VAL G 68 -28.43 12.10 -33.81
N VAL G 69 -29.58 12.74 -34.06
CA VAL G 69 -30.89 12.14 -33.89
C VAL G 69 -31.63 12.16 -35.23
N SER G 70 -32.23 11.02 -35.61
CA SER G 70 -33.11 10.96 -36.77
C SER G 70 -34.51 10.50 -36.35
N VAL G 71 -35.53 11.23 -36.82
CA VAL G 71 -36.89 11.01 -36.37
C VAL G 71 -37.76 10.62 -37.57
N LEU G 72 -38.35 9.42 -37.51
CA LEU G 72 -39.25 8.96 -38.55
C LEU G 72 -40.68 8.92 -38.00
N THR G 73 -41.58 9.64 -38.68
CA THR G 73 -43.01 9.56 -38.43
C THR G 73 -43.52 8.21 -38.92
N VAL G 74 -44.31 7.54 -38.09
CA VAL G 74 -44.91 6.28 -38.49
C VAL G 74 -46.43 6.42 -38.61
N LEU G 75 -47.03 5.45 -39.30
CA LEU G 75 -48.49 5.35 -39.40
C LEU G 75 -49.03 4.56 -38.20
N HIS G 76 -50.08 5.11 -37.57
CA HIS G 76 -50.73 4.44 -36.45
C HIS G 76 -50.94 2.95 -36.74
N GLN G 77 -51.60 2.65 -37.87
CA GLN G 77 -51.98 1.29 -38.21
C GLN G 77 -50.78 0.42 -38.61
N ASP G 78 -49.70 1.03 -39.14
CA ASP G 78 -48.51 0.29 -39.55
C ASP G 78 -47.83 -0.23 -38.28
N TRP G 79 -47.84 0.62 -37.25
CA TRP G 79 -47.22 0.30 -35.99
C TRP G 79 -48.03 -0.79 -35.30
N LEU G 80 -49.34 -0.55 -35.19
CA LEU G 80 -50.19 -1.45 -34.43
C LEU G 80 -50.28 -2.80 -35.13
N ASN G 81 -50.01 -2.82 -36.44
CA ASN G 81 -49.97 -4.02 -37.26
C ASN G 81 -48.63 -4.74 -37.16
N GLY G 82 -47.69 -4.16 -36.41
CA GLY G 82 -46.38 -4.75 -36.21
C GLY G 82 -45.52 -4.79 -37.47
N LYS G 83 -45.53 -3.70 -38.26
CA LYS G 83 -44.50 -3.50 -39.26
C LYS G 83 -43.17 -3.23 -38.55
N GLU G 84 -42.07 -3.69 -39.15
CA GLU G 84 -40.74 -3.60 -38.57
C GLU G 84 -40.02 -2.35 -39.08
N TYR G 85 -39.45 -1.56 -38.16
CA TYR G 85 -38.69 -0.37 -38.50
C TYR G 85 -37.19 -0.57 -38.27
N LYS G 86 -36.41 -0.38 -39.33
CA LYS G 86 -34.95 -0.56 -39.32
C LYS G 86 -34.29 0.80 -39.54
N CYS G 87 -33.38 1.16 -38.63
CA CYS G 87 -32.50 2.30 -38.78
C CYS G 87 -31.09 1.79 -39.08
N LYS G 88 -30.47 2.30 -40.15
CA LYS G 88 -29.11 1.92 -40.46
C LYS G 88 -28.24 3.18 -40.39
N VAL G 89 -27.21 3.14 -39.53
CA VAL G 89 -26.39 4.30 -39.23
C VAL G 89 -25.00 4.06 -39.80
N SER G 90 -24.54 5.00 -40.65
CA SER G 90 -23.22 4.92 -41.27
C SER G 90 -22.37 6.11 -40.82
N ASN G 91 -21.10 5.81 -40.49
CA ASN G 91 -20.13 6.81 -40.05
C ASN G 91 -18.70 6.29 -40.27
N LYS G 92 -17.78 7.19 -40.64
CA LYS G 92 -16.43 6.76 -41.01
C LYS G 92 -15.73 6.06 -39.85
N ALA G 93 -16.18 6.31 -38.62
CA ALA G 93 -15.54 5.74 -37.45
C ALA G 93 -16.08 4.35 -37.11
N LEU G 94 -17.14 3.90 -37.81
CA LEU G 94 -17.60 2.53 -37.66
C LEU G 94 -16.86 1.63 -38.65
N PRO G 95 -16.61 0.35 -38.33
CA PRO G 95 -16.07 -0.60 -39.32
C PRO G 95 -17.14 -1.07 -40.31
N ALA G 96 -18.39 -1.07 -39.88
CA ALA G 96 -19.54 -1.38 -40.73
C ALA G 96 -20.74 -0.61 -40.20
N PRO G 97 -21.76 -0.27 -41.02
CA PRO G 97 -22.94 0.42 -40.51
C PRO G 97 -23.56 -0.36 -39.35
N ILE G 98 -24.17 0.36 -38.41
CA ILE G 98 -24.95 -0.27 -37.35
C ILE G 98 -26.42 -0.24 -37.75
N GLU G 99 -27.12 -1.36 -37.52
CA GLU G 99 -28.50 -1.58 -37.93
C GLU G 99 -29.29 -2.05 -36.72
N LYS G 100 -30.27 -1.25 -36.28
CA LYS G 100 -31.23 -1.62 -35.24
C LYS G 100 -32.62 -1.78 -35.85
N THR G 101 -33.46 -2.58 -35.20
CA THR G 101 -34.82 -2.77 -35.64
C THR G 101 -35.76 -2.81 -34.43
N ILE G 102 -36.91 -2.16 -34.56
CA ILE G 102 -37.93 -2.21 -33.54
C ILE G 102 -39.29 -2.46 -34.21
N SER G 103 -40.21 -3.08 -33.45
CA SER G 103 -41.60 -3.21 -33.81
C SER G 103 -42.41 -3.42 -32.53
N LYS G 104 -43.73 -3.26 -32.61
CA LYS G 104 -44.64 -3.51 -31.50
C LYS G 104 -44.40 -4.91 -30.94
N ALA G 105 -44.60 -5.06 -29.63
CA ALA G 105 -44.67 -6.37 -29.00
C ALA G 105 -45.67 -7.26 -29.77
N LYS G 106 -45.28 -8.51 -30.05
CA LYS G 106 -46.18 -9.42 -30.74
C LYS G 106 -47.25 -9.92 -29.76
N GLY G 107 -48.41 -10.35 -30.28
CA GLY G 107 -49.45 -11.00 -29.50
C GLY G 107 -50.79 -10.29 -29.58
N GLN G 108 -51.89 -11.01 -29.28
CA GLN G 108 -53.25 -10.53 -29.45
C GLN G 108 -53.57 -9.49 -28.37
N PRO G 109 -54.03 -8.27 -28.74
CA PRO G 109 -54.39 -7.26 -27.75
C PRO G 109 -55.51 -7.75 -26.84
N ARG G 110 -55.37 -7.48 -25.53
CA ARG G 110 -56.42 -7.79 -24.59
C ARG G 110 -56.80 -6.52 -23.84
N GLU G 111 -58.12 -6.40 -23.60
CA GLU G 111 -58.78 -5.23 -23.06
C GLU G 111 -58.46 -5.11 -21.56
N PRO G 112 -57.98 -3.95 -21.07
CA PRO G 112 -57.89 -3.70 -19.63
C PRO G 112 -59.25 -3.64 -18.93
N GLN G 113 -59.42 -4.52 -17.94
CA GLN G 113 -60.52 -4.46 -16.99
C GLN G 113 -60.12 -3.53 -15.84
N VAL G 114 -60.94 -2.51 -15.63
CA VAL G 114 -60.60 -1.38 -14.79
C VAL G 114 -61.54 -1.38 -13.58
N TYR G 115 -61.00 -1.74 -12.41
CA TYR G 115 -61.76 -1.65 -11.18
C TYR G 115 -61.35 -0.38 -10.45
N THR G 116 -62.10 -0.03 -9.39
CA THR G 116 -61.69 1.02 -8.46
C THR G 116 -61.94 0.52 -7.04
N LEU G 117 -61.04 0.93 -6.13
CA LEU G 117 -61.11 0.55 -4.74
C LEU G 117 -61.02 1.80 -3.87
N PRO G 118 -61.87 1.89 -2.81
CA PRO G 118 -61.83 2.99 -1.87
C PRO G 118 -60.73 2.79 -0.83
N PRO G 119 -60.37 3.81 -0.01
CA PRO G 119 -59.43 3.62 1.12
C PRO G 119 -59.85 2.48 2.04
N SER G 120 -58.91 1.98 2.86
CA SER G 120 -59.23 0.96 3.84
C SER G 120 -59.87 1.59 5.06
N ARG G 121 -60.58 0.76 5.85
CA ARG G 121 -61.19 1.22 7.10
C ARG G 121 -60.09 1.74 8.02
N GLU G 122 -58.91 1.10 7.96
CA GLU G 122 -57.81 1.39 8.86
C GLU G 122 -57.06 2.66 8.43
N GLU G 123 -57.24 3.06 7.16
CA GLU G 123 -56.50 4.19 6.59
C GLU G 123 -57.14 5.51 6.98
N MET G 124 -58.37 5.42 7.51
CA MET G 124 -59.18 6.59 7.85
C MET G 124 -58.69 7.22 9.15
N THR G 125 -57.96 6.45 9.96
CA THR G 125 -57.44 6.90 11.24
C THR G 125 -56.38 7.99 11.05
N LYS G 126 -56.03 8.24 9.79
CA LYS G 126 -54.93 9.12 9.42
C LYS G 126 -55.48 10.36 8.73
N ASN G 127 -54.61 11.35 8.49
CA ASN G 127 -55.02 12.61 7.91
C ASN G 127 -55.27 12.46 6.41
N GLN G 128 -54.42 11.69 5.72
CA GLN G 128 -54.58 11.47 4.29
C GLN G 128 -54.94 10.02 4.03
N VAL G 129 -55.34 9.72 2.79
CA VAL G 129 -56.06 8.48 2.50
C VAL G 129 -55.87 8.08 1.03
N SER G 130 -55.92 6.76 0.77
CA SER G 130 -55.44 6.21 -0.49
C SER G 130 -56.58 5.68 -1.37
N LEU G 131 -56.65 6.20 -2.59
CA LEU G 131 -57.59 5.77 -3.62
C LEU G 131 -56.86 4.92 -4.66
N THR G 132 -57.36 3.71 -4.90
CA THR G 132 -56.67 2.68 -5.65
C THR G 132 -57.43 2.35 -6.93
N CYS G 133 -56.71 2.27 -8.06
CA CYS G 133 -57.27 1.93 -9.37
C CYS G 133 -56.52 0.74 -9.96
N LEU G 134 -57.20 -0.42 -10.02
CA LEU G 134 -56.59 -1.67 -10.44
C LEU G 134 -56.91 -1.91 -11.92
N VAL G 135 -55.86 -1.93 -12.74
CA VAL G 135 -56.00 -2.22 -14.16
C VAL G 135 -55.44 -3.62 -14.40
N LYS G 136 -56.26 -4.54 -14.92
CA LYS G 136 -55.80 -5.92 -15.01
C LYS G 136 -56.08 -6.51 -16.38
N GLY G 137 -55.27 -7.53 -16.73
CA GLY G 137 -55.48 -8.36 -17.89
C GLY G 137 -55.43 -7.59 -19.22
N PHE G 138 -54.51 -6.62 -19.33
CA PHE G 138 -54.28 -5.95 -20.60
C PHE G 138 -53.03 -6.51 -21.27
N TYR G 139 -52.97 -6.29 -22.60
CA TYR G 139 -51.83 -6.66 -23.44
C TYR G 139 -51.92 -5.91 -24.75
N PRO G 140 -50.81 -5.32 -25.28
CA PRO G 140 -49.51 -5.30 -24.59
C PRO G 140 -49.48 -4.24 -23.48
N SER G 141 -48.26 -3.94 -23.01
CA SER G 141 -48.08 -3.24 -21.75
C SER G 141 -48.10 -1.73 -21.94
N ASP G 142 -47.98 -1.29 -23.20
CA ASP G 142 -48.17 0.11 -23.55
C ASP G 142 -49.56 0.54 -23.10
N ILE G 143 -49.59 1.51 -22.18
CA ILE G 143 -50.80 1.99 -21.53
C ILE G 143 -50.58 3.42 -21.07
N ALA G 144 -51.65 4.08 -20.59
CA ALA G 144 -51.58 5.43 -20.07
C ALA G 144 -52.66 5.61 -19.00
N VAL G 145 -52.30 6.24 -17.88
CA VAL G 145 -53.18 6.29 -16.72
C VAL G 145 -53.18 7.70 -16.12
N GLU G 146 -54.39 8.26 -15.92
CA GLU G 146 -54.55 9.60 -15.33
C GLU G 146 -55.73 9.63 -14.36
N TRP G 147 -55.67 10.58 -13.41
CA TRP G 147 -56.75 10.85 -12.49
C TRP G 147 -57.38 12.22 -12.77
N GLU G 148 -58.70 12.30 -12.55
CA GLU G 148 -59.48 13.51 -12.78
C GLU G 148 -60.64 13.56 -11.80
N SER G 149 -60.94 14.78 -11.33
CA SER G 149 -62.14 15.03 -10.54
C SER G 149 -62.83 16.31 -10.99
N ASN G 150 -64.14 16.19 -11.24
CA ASN G 150 -65.01 17.30 -11.60
C ASN G 150 -64.31 18.23 -12.58
N GLY G 151 -64.00 17.71 -13.78
CA GLY G 151 -63.59 18.54 -14.89
C GLY G 151 -62.11 18.41 -15.23
N GLN G 152 -61.25 18.83 -14.30
CA GLN G 152 -59.81 19.00 -14.51
C GLN G 152 -59.03 17.89 -13.78
N PRO G 153 -57.72 17.68 -14.11
CA PRO G 153 -56.99 16.52 -13.57
C PRO G 153 -56.41 16.70 -12.17
N GLU G 154 -56.57 15.65 -11.36
CA GLU G 154 -55.85 15.52 -10.09
C GLU G 154 -54.52 14.82 -10.39
N ASN G 155 -53.44 15.37 -9.82
CA ASN G 155 -52.09 15.07 -10.26
C ASN G 155 -51.31 14.30 -9.18
N ASN G 156 -51.81 14.36 -7.95
CA ASN G 156 -51.12 13.76 -6.81
C ASN G 156 -51.39 12.25 -6.80
N TYR G 157 -50.98 11.60 -7.89
CA TYR G 157 -51.06 10.15 -8.02
C TYR G 157 -49.69 9.62 -8.42
N LYS G 158 -49.53 8.29 -8.37
CA LYS G 158 -48.39 7.58 -8.93
C LYS G 158 -48.88 6.23 -9.44
N THR G 159 -48.30 5.78 -10.56
CA THR G 159 -48.73 4.54 -11.20
C THR G 159 -47.55 3.57 -11.33
N THR G 160 -47.74 2.34 -10.82
CA THR G 160 -46.71 1.31 -10.86
C THR G 160 -46.45 0.93 -12.31
N PRO G 161 -45.25 0.40 -12.66
CA PRO G 161 -45.04 -0.15 -14.00
C PRO G 161 -46.02 -1.30 -14.19
N PRO G 162 -46.34 -1.69 -15.45
CA PRO G 162 -47.06 -2.93 -15.70
C PRO G 162 -46.31 -4.10 -15.06
N VAL G 163 -47.05 -5.04 -14.50
CA VAL G 163 -46.47 -6.26 -13.93
C VAL G 163 -47.07 -7.43 -14.71
N LEU G 164 -46.24 -8.42 -15.06
CA LEU G 164 -46.74 -9.59 -15.78
C LEU G 164 -47.51 -10.49 -14.81
N ASP G 165 -48.77 -10.78 -15.14
CA ASP G 165 -49.60 -11.68 -14.37
C ASP G 165 -49.29 -13.13 -14.75
N SER G 166 -49.91 -14.08 -14.05
CA SER G 166 -49.54 -15.50 -14.14
C SER G 166 -50.14 -16.16 -15.39
N ASP G 167 -51.06 -15.45 -16.07
CA ASP G 167 -51.70 -15.95 -17.26
C ASP G 167 -50.99 -15.47 -18.52
N GLY G 168 -50.25 -14.34 -18.43
CA GLY G 168 -49.52 -13.84 -19.57
C GLY G 168 -49.90 -12.41 -19.99
N SER G 169 -50.95 -11.85 -19.35
CA SER G 169 -51.31 -10.45 -19.47
C SER G 169 -50.70 -9.60 -18.35
N PHE G 170 -50.92 -8.27 -18.42
CA PHE G 170 -50.33 -7.28 -17.50
C PHE G 170 -51.37 -6.73 -16.54
N PHE G 171 -50.91 -6.33 -15.34
CA PHE G 171 -51.65 -5.52 -14.39
C PHE G 171 -50.81 -4.36 -13.89
N LEU G 172 -51.48 -3.28 -13.50
CA LEU G 172 -50.82 -2.26 -12.71
C LEU G 172 -51.83 -1.74 -11.70
N TYR G 173 -51.33 -0.99 -10.72
CA TYR G 173 -52.16 -0.25 -9.78
C TYR G 173 -51.77 1.23 -9.85
N SER G 174 -52.75 2.10 -9.56
CA SER G 174 -52.54 3.53 -9.44
C SER G 174 -53.15 4.05 -8.13
N LYS G 175 -52.39 4.92 -7.47
CA LYS G 175 -52.70 5.42 -6.14
C LYS G 175 -52.76 6.95 -6.19
N LEU G 176 -53.95 7.48 -5.82
CA LEU G 176 -54.23 8.91 -5.72
C LEU G 176 -54.40 9.29 -4.24
N THR G 177 -53.51 10.18 -3.80
CA THR G 177 -53.49 10.65 -2.42
C THR G 177 -54.26 11.96 -2.31
N VAL G 178 -55.18 12.00 -1.33
CA VAL G 178 -56.07 13.13 -1.11
C VAL G 178 -56.32 13.29 0.39
N ASP G 179 -56.60 14.55 0.76
CA ASP G 179 -57.04 14.88 2.10
C ASP G 179 -58.29 14.05 2.43
N LYS G 180 -58.24 13.40 3.57
CA LYS G 180 -59.31 12.61 4.19
C LYS G 180 -60.63 13.38 4.21
N SER G 181 -60.58 14.63 4.67
CA SER G 181 -61.73 15.50 4.79
C SER G 181 -62.43 15.69 3.45
N ARG G 182 -61.69 15.46 2.35
CA ARG G 182 -62.15 15.79 1.01
C ARG G 182 -62.73 14.57 0.29
N TRP G 183 -62.45 13.38 0.81
CA TRP G 183 -63.18 12.18 0.41
C TRP G 183 -64.33 11.95 1.39
N GLN G 184 -64.27 12.65 2.53
CA GLN G 184 -65.31 12.59 3.56
C GLN G 184 -66.57 13.29 3.10
N GLN G 185 -66.41 14.36 2.31
CA GLN G 185 -67.51 15.22 1.88
C GLN G 185 -68.45 14.46 0.95
N GLY G 186 -67.87 13.69 0.02
CA GLY G 186 -68.63 12.94 -0.95
C GLY G 186 -68.02 13.04 -2.35
N ASN G 187 -67.01 13.91 -2.50
CA ASN G 187 -66.34 14.15 -3.78
C ASN G 187 -66.14 12.82 -4.50
N VAL G 188 -66.41 12.80 -5.81
CA VAL G 188 -66.27 11.60 -6.62
C VAL G 188 -65.08 11.78 -7.56
N PHE G 189 -64.38 10.68 -7.85
CA PHE G 189 -63.13 10.73 -8.59
C PHE G 189 -63.21 9.86 -9.84
N SER G 190 -62.26 10.05 -10.76
CA SER G 190 -62.21 9.30 -12.01
C SER G 190 -60.79 8.97 -12.45
N CYS G 191 -60.53 7.66 -12.55
CA CYS G 191 -59.29 7.08 -13.06
C CYS G 191 -59.54 6.67 -14.50
N SER G 192 -58.80 7.28 -15.44
CA SER G 192 -58.99 7.06 -16.86
C SER G 192 -57.82 6.29 -17.48
N VAL G 193 -58.12 5.32 -18.35
CA VAL G 193 -57.13 4.42 -18.90
C VAL G 193 -57.18 4.47 -20.44
N MET G 194 -56.02 4.69 -21.07
CA MET G 194 -55.88 4.63 -22.51
C MET G 194 -55.05 3.40 -22.89
N HIS G 195 -55.62 2.57 -23.77
CA HIS G 195 -54.95 1.37 -24.24
C HIS G 195 -55.55 1.03 -25.60
N GLU G 196 -54.81 0.29 -26.43
CA GLU G 196 -55.23 0.07 -27.80
C GLU G 196 -56.47 -0.83 -27.85
N ALA G 197 -56.71 -1.57 -26.76
CA ALA G 197 -57.69 -2.63 -26.77
C ALA G 197 -58.99 -2.19 -26.11
N LEU G 198 -59.13 -0.87 -25.93
CA LEU G 198 -60.38 -0.30 -25.46
C LEU G 198 -61.12 0.31 -26.65
N HIS G 199 -62.45 0.35 -26.55
CA HIS G 199 -63.25 1.13 -27.47
C HIS G 199 -62.79 2.58 -27.39
N ASN G 200 -62.52 3.18 -28.56
CA ASN G 200 -62.00 4.53 -28.68
C ASN G 200 -60.70 4.73 -27.89
N HIS G 201 -59.89 3.66 -27.78
CA HIS G 201 -58.66 3.69 -27.01
C HIS G 201 -58.84 4.57 -25.77
N TYR G 202 -59.92 4.31 -25.01
CA TYR G 202 -60.29 5.12 -23.87
C TYR G 202 -61.40 4.42 -23.07
N THR G 203 -61.22 4.40 -21.74
CA THR G 203 -62.26 4.03 -20.79
C THR G 203 -62.06 4.88 -19.54
N GLN G 204 -63.00 4.76 -18.58
CA GLN G 204 -63.01 5.63 -17.41
C GLN G 204 -63.93 5.03 -16.36
N LYS G 205 -63.46 5.02 -15.12
CA LYS G 205 -64.19 4.41 -14.02
C LYS G 205 -64.10 5.33 -12.81
N SER G 206 -65.11 5.28 -11.92
CA SER G 206 -65.28 6.26 -10.86
C SER G 206 -65.30 5.58 -9.48
N GLY H 3 -10.50 -9.33 -19.31
CA GLY H 3 -10.18 -10.32 -18.25
C GLY H 3 -11.36 -10.54 -17.32
N PRO H 4 -11.13 -10.89 -16.03
CA PRO H 4 -12.22 -11.14 -15.08
C PRO H 4 -13.12 -9.93 -14.82
N SER H 5 -14.35 -10.17 -14.37
CA SER H 5 -15.31 -9.17 -13.91
C SER H 5 -15.76 -9.51 -12.51
N VAL H 6 -16.10 -8.47 -11.73
CA VAL H 6 -16.41 -8.65 -10.34
C VAL H 6 -17.82 -8.11 -10.06
N PHE H 7 -18.66 -8.93 -9.40
CA PHE H 7 -19.93 -8.47 -8.85
C PHE H 7 -19.94 -8.69 -7.34
N LEU H 8 -20.58 -7.77 -6.62
CA LEU H 8 -20.72 -7.88 -5.19
C LEU H 8 -22.20 -7.73 -4.81
N PHE H 9 -22.81 -8.80 -4.26
CA PHE H 9 -24.24 -8.82 -3.99
C PHE H 9 -24.50 -8.57 -2.50
N PRO H 10 -25.55 -7.79 -2.14
CA PRO H 10 -25.92 -7.57 -0.74
C PRO H 10 -26.60 -8.82 -0.17
N PRO H 11 -26.79 -8.91 1.15
CA PRO H 11 -27.58 -10.01 1.73
C PRO H 11 -29.02 -10.00 1.21
N LYS H 12 -29.68 -11.16 1.31
CA LYS H 12 -31.09 -11.25 1.02
C LYS H 12 -31.85 -10.44 2.06
N PRO H 13 -32.79 -9.54 1.66
CA PRO H 13 -33.64 -8.81 2.60
C PRO H 13 -34.12 -9.59 3.83
N LYS H 14 -34.72 -10.77 3.61
CA LYS H 14 -35.24 -11.58 4.69
C LYS H 14 -34.15 -11.94 5.69
N ASP H 15 -32.95 -12.26 5.19
CA ASP H 15 -31.89 -12.80 6.04
C ASP H 15 -31.47 -11.75 7.05
N THR H 16 -31.56 -10.47 6.67
CA THR H 16 -31.09 -9.41 7.54
C THR H 16 -32.10 -9.15 8.65
N LEU H 17 -33.35 -9.59 8.46
CA LEU H 17 -34.46 -9.23 9.35
C LEU H 17 -34.74 -10.33 10.36
N MET H 18 -34.41 -11.58 10.02
CA MET H 18 -34.75 -12.71 10.86
C MET H 18 -33.49 -13.30 11.47
N ILE H 19 -33.42 -13.27 12.81
CA ILE H 19 -32.23 -13.71 13.52
C ILE H 19 -32.05 -15.21 13.31
N SER H 20 -33.05 -15.82 12.66
CA SER H 20 -33.10 -17.24 12.34
C SER H 20 -32.15 -17.55 11.18
N ARG H 21 -31.84 -16.54 10.37
CA ARG H 21 -31.05 -16.72 9.17
C ARG H 21 -29.71 -16.01 9.35
N THR H 22 -28.76 -16.34 8.47
CA THR H 22 -27.47 -15.66 8.39
C THR H 22 -27.40 -14.80 7.12
N PRO H 23 -27.35 -13.46 7.25
CA PRO H 23 -27.13 -12.57 6.09
C PRO H 23 -25.68 -12.67 5.61
N GLU H 24 -25.50 -12.72 4.29
CA GLU H 24 -24.17 -12.80 3.70
C GLU H 24 -24.02 -11.74 2.61
N VAL H 25 -22.77 -11.29 2.43
CA VAL H 25 -22.35 -10.48 1.28
C VAL H 25 -21.52 -11.38 0.35
N THR H 26 -21.81 -11.31 -0.95
CA THR H 26 -21.22 -12.28 -1.86
C THR H 26 -20.42 -11.61 -2.98
N CYS H 27 -19.10 -11.83 -2.95
CA CYS H 27 -18.24 -11.28 -3.99
C CYS H 27 -17.92 -12.37 -5.03
N VAL H 28 -18.33 -12.11 -6.29
CA VAL H 28 -18.28 -13.10 -7.35
C VAL H 28 -17.36 -12.64 -8.47
N VAL H 29 -16.41 -13.52 -8.83
CA VAL H 29 -15.51 -13.21 -9.93
C VAL H 29 -15.78 -14.17 -11.07
N VAL H 30 -16.01 -13.62 -12.26
CA VAL H 30 -16.37 -14.40 -13.43
C VAL H 30 -15.30 -14.22 -14.51
N ASP H 31 -15.38 -15.05 -15.56
CA ASP H 31 -14.47 -14.96 -16.71
C ASP H 31 -13.00 -15.06 -16.26
N VAL H 32 -12.74 -15.92 -15.26
CA VAL H 32 -11.39 -16.28 -14.90
C VAL H 32 -10.89 -17.30 -15.94
N SER H 33 -9.73 -17.00 -16.54
CA SER H 33 -9.14 -17.86 -17.57
C SER H 33 -8.57 -19.14 -16.96
N HIS H 34 -8.42 -20.18 -17.80
CA HIS H 34 -7.62 -21.35 -17.45
C HIS H 34 -6.14 -20.98 -17.37
N GLU H 35 -5.73 -19.98 -18.17
CA GLU H 35 -4.34 -19.53 -18.15
C GLU H 35 -4.00 -19.01 -16.77
N ASP H 36 -4.87 -18.14 -16.22
CA ASP H 36 -4.60 -17.38 -15.01
C ASP H 36 -5.70 -17.60 -13.98
N PRO H 37 -5.74 -18.78 -13.31
CA PRO H 37 -6.90 -19.19 -12.52
C PRO H 37 -6.95 -18.67 -11.08
N GLU H 38 -5.80 -18.26 -10.53
CA GLU H 38 -5.68 -17.91 -9.12
C GLU H 38 -6.35 -16.56 -8.86
N VAL H 39 -7.26 -16.55 -7.86
CA VAL H 39 -7.94 -15.34 -7.43
C VAL H 39 -7.73 -15.18 -5.93
N LYS H 40 -7.31 -13.98 -5.51
CA LYS H 40 -7.19 -13.65 -4.10
C LYS H 40 -8.29 -12.66 -3.73
N PHE H 41 -8.87 -12.86 -2.53
CA PHE H 41 -9.89 -11.95 -2.00
C PHE H 41 -9.37 -11.34 -0.70
N ASN H 42 -9.50 -10.02 -0.60
CA ASN H 42 -9.36 -9.35 0.69
C ASN H 42 -10.69 -8.69 0.99
N TRP H 43 -11.12 -8.81 2.24
CA TRP H 43 -12.40 -8.29 2.66
C TRP H 43 -12.20 -7.25 3.76
N TYR H 44 -13.02 -6.19 3.72
CA TYR H 44 -12.95 -5.09 4.66
C TYR H 44 -14.35 -4.70 5.14
N VAL H 45 -14.48 -4.47 6.46
CA VAL H 45 -15.68 -3.93 7.07
C VAL H 45 -15.34 -2.54 7.63
N ASP H 46 -16.10 -1.53 7.20
CA ASP H 46 -15.79 -0.12 7.48
C ASP H 46 -14.29 0.16 7.39
N GLY H 47 -13.58 -0.54 6.51
CA GLY H 47 -12.18 -0.21 6.25
C GLY H 47 -11.19 -1.12 6.99
N VAL H 48 -11.66 -1.87 8.00
CA VAL H 48 -10.83 -2.85 8.70
C VAL H 48 -11.02 -4.23 8.08
N GLU H 49 -9.88 -4.87 7.77
CA GLU H 49 -9.82 -6.15 7.09
C GLU H 49 -10.31 -7.27 7.99
N VAL H 50 -11.12 -8.16 7.42
CA VAL H 50 -11.67 -9.31 8.11
C VAL H 50 -11.17 -10.56 7.38
N HIS H 51 -10.98 -11.67 8.13
CA HIS H 51 -10.31 -12.84 7.56
C HIS H 51 -11.20 -14.08 7.56
N ASN H 52 -12.52 -13.86 7.68
CA ASN H 52 -13.42 -14.93 8.02
C ASN H 52 -14.37 -15.27 6.88
N ALA H 53 -14.06 -14.78 5.66
CA ALA H 53 -14.85 -15.16 4.49
C ALA H 53 -14.54 -16.60 4.11
N LYS H 54 -15.47 -17.24 3.39
CA LYS H 54 -15.29 -18.58 2.84
C LYS H 54 -15.22 -18.47 1.32
N THR H 55 -14.12 -18.97 0.74
CA THR H 55 -13.92 -18.95 -0.70
C THR H 55 -14.32 -20.33 -1.25
N LYS H 56 -15.22 -20.33 -2.24
CA LYS H 56 -15.62 -21.56 -2.88
C LYS H 56 -14.58 -21.99 -3.93
N PRO H 57 -14.34 -23.31 -4.13
CA PRO H 57 -13.52 -23.78 -5.25
C PRO H 57 -14.09 -23.27 -6.57
N ARG H 58 -13.22 -23.10 -7.57
CA ARG H 58 -13.60 -22.56 -8.86
C ARG H 58 -14.68 -23.44 -9.49
N GLU H 59 -15.48 -22.86 -10.39
CA GLU H 59 -16.61 -23.57 -10.98
C GLU H 59 -16.67 -23.23 -12.46
N GLU H 60 -16.51 -24.26 -13.31
CA GLU H 60 -16.52 -24.06 -14.76
C GLU H 60 -17.92 -23.61 -15.21
N GLN H 61 -17.93 -22.65 -16.13
CA GLN H 61 -19.16 -22.14 -16.74
C GLN H 61 -19.20 -22.63 -18.18
N TYR H 62 -20.35 -22.40 -18.86
CA TYR H 62 -20.64 -22.80 -20.24
C TYR H 62 -19.55 -22.36 -21.20
N ASN H 63 -18.95 -21.20 -20.96
CA ASN H 63 -18.04 -20.61 -21.92
C ASN H 63 -16.61 -21.06 -21.63
N SER H 64 -16.45 -22.13 -20.84
CA SER H 64 -15.14 -22.64 -20.48
C SER H 64 -14.32 -21.63 -19.67
N THR H 65 -14.98 -20.73 -18.93
CA THR H 65 -14.21 -19.89 -18.02
C THR H 65 -14.60 -20.27 -16.59
N TYR H 66 -13.77 -19.84 -15.64
CA TYR H 66 -14.05 -20.13 -14.25
C TYR H 66 -14.78 -18.96 -13.60
N ARG H 67 -15.67 -19.33 -12.66
CA ARG H 67 -16.26 -18.45 -11.68
C ARG H 67 -15.71 -18.83 -10.31
N VAL H 68 -15.33 -17.81 -9.52
CA VAL H 68 -14.82 -17.96 -8.18
C VAL H 68 -15.63 -17.05 -7.27
N VAL H 69 -16.10 -17.62 -6.14
CA VAL H 69 -16.98 -16.89 -5.24
C VAL H 69 -16.38 -16.86 -3.84
N SER H 70 -16.49 -15.69 -3.19
CA SER H 70 -16.14 -15.58 -1.79
C SER H 70 -17.39 -15.09 -1.07
N VAL H 71 -17.72 -15.72 0.05
CA VAL H 71 -18.91 -15.36 0.81
C VAL H 71 -18.47 -14.86 2.19
N LEU H 72 -18.97 -13.67 2.57
CA LEU H 72 -18.71 -13.08 3.88
C LEU H 72 -20.01 -13.00 4.68
N THR H 73 -19.98 -13.64 5.86
CA THR H 73 -21.04 -13.56 6.85
C THR H 73 -20.99 -12.16 7.44
N VAL H 74 -22.15 -11.56 7.60
CA VAL H 74 -22.27 -10.25 8.25
C VAL H 74 -23.22 -10.42 9.43
N LEU H 75 -23.06 -9.56 10.43
CA LEU H 75 -24.01 -9.44 11.53
C LEU H 75 -25.19 -8.62 11.02
N HIS H 76 -26.41 -9.10 11.32
CA HIS H 76 -27.67 -8.41 11.08
C HIS H 76 -27.53 -6.91 11.38
N GLN H 77 -27.07 -6.63 12.59
CA GLN H 77 -27.04 -5.27 13.13
C GLN H 77 -25.99 -4.42 12.41
N ASP H 78 -24.85 -5.00 12.05
CA ASP H 78 -23.85 -4.29 11.26
C ASP H 78 -24.49 -3.83 9.95
N TRP H 79 -25.17 -4.76 9.28
CA TRP H 79 -25.77 -4.45 7.99
C TRP H 79 -26.77 -3.30 8.15
N LEU H 80 -27.70 -3.43 9.12
CA LEU H 80 -28.80 -2.49 9.31
C LEU H 80 -28.25 -1.17 9.86
N ASN H 81 -27.04 -1.21 10.39
CA ASN H 81 -26.41 -0.01 10.94
C ASN H 81 -25.69 0.78 9.86
N GLY H 82 -25.56 0.22 8.65
CA GLY H 82 -25.03 0.98 7.52
C GLY H 82 -23.54 0.78 7.32
N LYS H 83 -22.97 -0.28 7.91
CA LYS H 83 -21.55 -0.56 7.73
C LYS H 83 -21.29 -0.90 6.25
N GLU H 84 -20.08 -0.58 5.80
CA GLU H 84 -19.64 -0.73 4.43
C GLU H 84 -18.77 -1.98 4.28
N TYR H 85 -19.10 -2.79 3.25
CA TYR H 85 -18.38 -4.02 2.98
C TYR H 85 -17.66 -3.91 1.65
N LYS H 86 -16.34 -4.03 1.71
CA LYS H 86 -15.52 -3.89 0.53
C LYS H 86 -14.85 -5.24 0.24
N CYS H 87 -14.86 -5.60 -1.05
CA CYS H 87 -14.21 -6.78 -1.58
C CYS H 87 -13.14 -6.30 -2.56
N LYS H 88 -11.93 -6.84 -2.37
CA LYS H 88 -10.80 -6.55 -3.26
C LYS H 88 -10.39 -7.86 -3.93
N VAL H 89 -10.41 -7.84 -5.27
CA VAL H 89 -10.15 -9.04 -6.04
C VAL H 89 -8.82 -8.93 -6.78
N SER H 90 -7.91 -9.87 -6.50
CA SER H 90 -6.59 -9.88 -7.13
C SER H 90 -6.51 -11.08 -8.04
N ASN H 91 -6.03 -10.87 -9.28
CA ASN H 91 -5.77 -11.92 -10.25
C ASN H 91 -4.80 -11.43 -11.33
N LYS H 92 -4.01 -12.34 -11.90
CA LYS H 92 -2.90 -11.98 -12.79
C LYS H 92 -3.42 -11.32 -14.07
N ALA H 93 -4.63 -11.69 -14.49
CA ALA H 93 -5.25 -11.13 -15.69
C ALA H 93 -5.81 -9.74 -15.41
N LEU H 94 -5.71 -9.28 -14.15
CA LEU H 94 -6.13 -7.93 -13.81
C LEU H 94 -4.90 -7.02 -13.71
N PRO H 95 -4.93 -5.84 -14.38
CA PRO H 95 -3.85 -4.85 -14.27
C PRO H 95 -3.55 -4.37 -12.84
N ALA H 96 -4.61 -4.26 -12.04
CA ALA H 96 -4.53 -3.97 -10.62
C ALA H 96 -5.78 -4.54 -9.96
N PRO H 97 -5.76 -4.78 -8.63
CA PRO H 97 -6.96 -5.27 -7.92
C PRO H 97 -8.23 -4.46 -8.22
N ILE H 98 -9.35 -5.18 -8.32
CA ILE H 98 -10.65 -4.56 -8.41
C ILE H 98 -11.27 -4.55 -7.01
N GLU H 99 -11.69 -3.34 -6.58
CA GLU H 99 -12.36 -3.11 -5.32
C GLU H 99 -13.80 -2.72 -5.57
N LYS H 100 -14.74 -3.46 -4.98
CA LYS H 100 -16.13 -3.03 -4.98
C LYS H 100 -16.56 -2.87 -3.53
N THR H 101 -17.50 -1.95 -3.27
CA THR H 101 -18.05 -1.75 -1.94
C THR H 101 -19.57 -1.69 -2.01
N ILE H 102 -20.25 -2.24 -0.98
CA ILE H 102 -21.69 -2.13 -0.88
C ILE H 102 -22.10 -1.93 0.58
N SER H 103 -23.27 -1.30 0.75
CA SER H 103 -23.89 -1.12 2.05
C SER H 103 -25.37 -0.81 1.86
N LYS H 104 -26.08 -0.83 2.99
CA LYS H 104 -27.49 -0.54 3.07
C LYS H 104 -27.67 0.90 2.61
N ALA H 105 -28.69 1.13 1.78
CA ALA H 105 -29.03 2.46 1.35
C ALA H 105 -29.19 3.33 2.59
N LYS H 106 -28.68 4.57 2.49
CA LYS H 106 -28.69 5.50 3.60
C LYS H 106 -30.08 6.14 3.72
N GLY H 107 -30.35 6.76 4.87
CA GLY H 107 -31.60 7.47 5.10
C GLY H 107 -32.39 6.89 6.27
N GLN H 108 -33.12 7.77 6.97
CA GLN H 108 -33.93 7.38 8.11
C GLN H 108 -34.96 6.34 7.67
N PRO H 109 -34.97 5.13 8.27
CA PRO H 109 -36.02 4.14 8.02
C PRO H 109 -37.41 4.63 8.43
N ARG H 110 -38.42 4.20 7.65
CA ARG H 110 -39.83 4.56 7.80
C ARG H 110 -40.70 3.31 7.87
N GLU H 111 -41.68 3.34 8.79
CA GLU H 111 -42.51 2.19 9.07
C GLU H 111 -43.61 2.07 8.02
N PRO H 112 -43.65 0.97 7.23
CA PRO H 112 -44.71 0.76 6.23
C PRO H 112 -46.11 0.72 6.84
N GLN H 113 -47.11 1.25 6.10
CA GLN H 113 -48.51 1.11 6.45
C GLN H 113 -49.13 0.02 5.57
N VAL H 114 -49.88 -0.90 6.19
CA VAL H 114 -50.39 -2.08 5.51
C VAL H 114 -51.92 -2.11 5.58
N TYR H 115 -52.55 -1.86 4.43
CA TYR H 115 -53.99 -1.84 4.30
C TYR H 115 -54.44 -2.89 3.29
N THR H 116 -55.37 -3.76 3.71
CA THR H 116 -55.95 -4.76 2.82
C THR H 116 -57.19 -4.18 2.15
N LEU H 117 -57.42 -4.56 0.88
CA LEU H 117 -58.48 -4.00 0.06
C LEU H 117 -59.28 -5.11 -0.62
N PRO H 118 -60.63 -5.17 -0.42
CA PRO H 118 -61.46 -6.20 -1.05
C PRO H 118 -61.63 -5.94 -2.55
N PRO H 119 -62.14 -6.92 -3.33
CA PRO H 119 -62.45 -6.68 -4.75
C PRO H 119 -63.41 -5.50 -4.95
N SER H 120 -63.36 -4.89 -6.14
CA SER H 120 -64.44 -4.02 -6.60
C SER H 120 -65.69 -4.88 -6.83
N ARG H 121 -66.88 -4.29 -6.63
CA ARG H 121 -68.13 -5.02 -6.79
C ARG H 121 -68.20 -5.59 -8.20
N GLU H 122 -67.71 -4.80 -9.16
CA GLU H 122 -67.70 -5.12 -10.58
C GLU H 122 -66.80 -6.33 -10.87
N GLU H 123 -66.10 -6.85 -9.84
CA GLU H 123 -65.16 -7.97 -9.99
C GLU H 123 -65.82 -9.28 -9.54
N MET H 124 -66.90 -9.17 -8.76
CA MET H 124 -67.67 -10.32 -8.34
C MET H 124 -68.50 -10.86 -9.51
N THR H 125 -68.48 -10.12 -10.63
CA THR H 125 -69.05 -10.54 -11.91
C THR H 125 -68.28 -11.77 -12.41
N LYS H 126 -66.97 -11.76 -12.18
CA LYS H 126 -66.06 -12.67 -12.86
C LYS H 126 -65.81 -13.92 -12.01
N ASN H 127 -65.05 -14.86 -12.58
CA ASN H 127 -64.82 -16.17 -11.99
C ASN H 127 -63.71 -16.12 -10.94
N GLN H 128 -62.67 -15.33 -11.22
CA GLN H 128 -61.59 -15.09 -10.27
C GLN H 128 -61.68 -13.66 -9.74
N VAL H 129 -61.18 -13.45 -8.51
CA VAL H 129 -61.28 -12.19 -7.80
C VAL H 129 -59.91 -11.76 -7.24
N SER H 130 -59.77 -10.44 -7.01
CA SER H 130 -58.49 -9.84 -6.68
C SER H 130 -58.49 -9.31 -5.25
N LEU H 131 -57.60 -9.89 -4.43
CA LEU H 131 -57.37 -9.47 -3.06
C LEU H 131 -56.10 -8.60 -3.03
N THR H 132 -56.30 -7.31 -2.72
CA THR H 132 -55.27 -6.30 -2.74
C THR H 132 -54.77 -6.04 -1.32
N CYS H 133 -53.44 -5.86 -1.22
CA CYS H 133 -52.76 -5.36 -0.04
C CYS H 133 -51.91 -4.16 -0.50
N LEU H 134 -52.21 -2.97 0.03
CA LEU H 134 -51.35 -1.83 -0.24
C LEU H 134 -50.41 -1.63 0.95
N VAL H 135 -49.10 -1.53 0.64
CA VAL H 135 -48.06 -1.21 1.59
C VAL H 135 -47.45 0.13 1.16
N LYS H 136 -47.43 1.14 2.05
CA LYS H 136 -46.98 2.47 1.68
C LYS H 136 -46.19 3.12 2.83
N GLY H 137 -45.48 4.21 2.50
CA GLY H 137 -44.72 4.95 3.49
C GLY H 137 -43.51 4.18 4.03
N PHE H 138 -42.91 3.31 3.19
CA PHE H 138 -41.76 2.54 3.69
C PHE H 138 -40.45 3.11 3.14
N TYR H 139 -39.40 2.95 3.96
CA TYR H 139 -38.03 3.29 3.61
C TYR H 139 -37.06 2.51 4.51
N PRO H 140 -35.98 1.91 3.96
CA PRO H 140 -35.73 1.88 2.53
C PRO H 140 -36.57 0.83 1.81
N SER H 141 -36.24 0.54 0.55
CA SER H 141 -37.20 -0.04 -0.38
C SER H 141 -37.24 -1.57 -0.29
N ASP H 142 -36.29 -2.18 0.42
CA ASP H 142 -36.26 -3.64 0.56
C ASP H 142 -37.40 -4.12 1.47
N ILE H 143 -38.07 -5.17 1.02
CA ILE H 143 -39.29 -5.63 1.67
C ILE H 143 -39.57 -7.05 1.21
N ALA H 144 -40.46 -7.73 1.95
CA ALA H 144 -40.93 -9.08 1.71
C ALA H 144 -42.42 -9.08 1.96
N VAL H 145 -43.20 -9.53 0.97
CA VAL H 145 -44.65 -9.63 1.07
C VAL H 145 -45.08 -11.04 0.67
N GLU H 146 -45.90 -11.66 1.52
CA GLU H 146 -46.45 -13.00 1.32
C GLU H 146 -47.94 -12.98 1.62
N TRP H 147 -48.66 -14.01 1.15
CA TRP H 147 -50.07 -14.20 1.46
C TRP H 147 -50.29 -15.58 2.05
N GLU H 148 -51.23 -15.66 3.00
CA GLU H 148 -51.55 -16.90 3.69
C GLU H 148 -53.06 -17.04 3.79
N SER H 149 -53.51 -18.29 3.99
CA SER H 149 -54.87 -18.55 4.41
C SER H 149 -54.89 -19.77 5.31
N ASN H 150 -55.54 -19.63 6.48
CA ASN H 150 -55.75 -20.73 7.40
C ASN H 150 -54.44 -21.50 7.59
N GLY H 151 -53.41 -20.78 8.09
CA GLY H 151 -52.18 -21.39 8.55
C GLY H 151 -51.23 -21.83 7.43
N GLN H 152 -51.69 -21.75 6.16
CA GLN H 152 -50.93 -22.28 5.04
C GLN H 152 -50.68 -21.19 3.98
N PRO H 153 -49.59 -21.30 3.19
CA PRO H 153 -49.23 -20.27 2.22
C PRO H 153 -50.09 -20.29 0.95
N GLU H 154 -50.57 -19.11 0.55
CA GLU H 154 -51.15 -18.87 -0.76
C GLU H 154 -50.05 -18.48 -1.73
N ASN H 155 -50.01 -19.12 -2.90
CA ASN H 155 -48.89 -18.87 -3.81
C ASN H 155 -49.30 -17.98 -4.98
N ASN H 156 -50.61 -17.92 -5.25
CA ASN H 156 -51.16 -17.37 -6.49
C ASN H 156 -51.27 -15.84 -6.44
N TYR H 157 -50.15 -15.16 -6.16
CA TYR H 157 -50.14 -13.71 -6.00
C TYR H 157 -48.99 -13.08 -6.79
N LYS H 158 -49.15 -11.80 -7.17
CA LYS H 158 -48.09 -11.01 -7.77
C LYS H 158 -47.99 -9.66 -7.07
N THR H 159 -46.76 -9.17 -6.88
CA THR H 159 -46.45 -7.96 -6.14
C THR H 159 -45.70 -6.99 -7.05
N THR H 160 -46.13 -5.71 -7.06
CA THR H 160 -45.49 -4.73 -7.90
C THR H 160 -44.10 -4.48 -7.34
N PRO H 161 -43.13 -4.00 -8.16
CA PRO H 161 -41.85 -3.51 -7.63
C PRO H 161 -42.20 -2.36 -6.69
N PRO H 162 -41.29 -1.92 -5.78
CA PRO H 162 -41.53 -0.71 -5.00
C PRO H 162 -41.60 0.52 -5.92
N VAL H 163 -42.44 1.49 -5.55
CA VAL H 163 -42.48 2.74 -6.29
C VAL H 163 -42.21 3.89 -5.33
N LEU H 164 -41.35 4.80 -5.79
CA LEU H 164 -40.97 6.01 -5.08
C LEU H 164 -42.17 6.94 -5.01
N ASP H 165 -42.72 7.11 -3.81
CA ASP H 165 -43.83 8.02 -3.57
C ASP H 165 -43.30 9.45 -3.70
N SER H 166 -44.16 10.44 -3.49
CA SER H 166 -43.76 11.83 -3.67
C SER H 166 -42.93 12.33 -2.47
N ASP H 167 -43.21 11.77 -1.27
CA ASP H 167 -42.52 12.18 -0.06
C ASP H 167 -41.21 11.41 0.16
N GLY H 168 -40.70 10.73 -0.88
CA GLY H 168 -39.43 10.04 -0.81
C GLY H 168 -39.52 8.65 -0.15
N SER H 169 -40.68 8.29 0.40
CA SER H 169 -40.93 6.93 0.85
C SER H 169 -41.27 6.08 -0.36
N PHE H 170 -41.55 4.79 -0.13
CA PHE H 170 -41.93 3.85 -1.18
C PHE H 170 -43.27 3.21 -0.81
N PHE H 171 -43.97 2.69 -1.83
CA PHE H 171 -45.21 1.94 -1.67
C PHE H 171 -45.27 0.83 -2.74
N LEU H 172 -45.93 -0.29 -2.42
CA LEU H 172 -46.22 -1.28 -3.43
C LEU H 172 -47.64 -1.82 -3.21
N TYR H 173 -48.11 -2.65 -4.14
CA TYR H 173 -49.36 -3.38 -3.93
C TYR H 173 -49.14 -4.86 -4.22
N SER H 174 -49.68 -5.72 -3.35
CA SER H 174 -49.67 -7.14 -3.66
C SER H 174 -51.08 -7.56 -4.05
N LYS H 175 -51.18 -8.47 -5.05
CA LYS H 175 -52.44 -8.96 -5.54
C LYS H 175 -52.46 -10.49 -5.58
N LEU H 176 -53.29 -11.07 -4.69
CA LEU H 176 -53.56 -12.51 -4.64
C LEU H 176 -54.82 -12.82 -5.46
N THR H 177 -54.72 -13.81 -6.35
CA THR H 177 -55.85 -14.26 -7.16
C THR H 177 -56.46 -15.50 -6.49
N VAL H 178 -57.79 -15.50 -6.30
CA VAL H 178 -58.51 -16.66 -5.79
C VAL H 178 -59.81 -16.83 -6.59
N ASP H 179 -60.27 -18.09 -6.71
CA ASP H 179 -61.59 -18.36 -7.26
C ASP H 179 -62.62 -17.71 -6.35
N LYS H 180 -63.67 -17.16 -6.97
CA LYS H 180 -64.58 -16.23 -6.32
C LYS H 180 -65.26 -16.89 -5.11
N SER H 181 -65.42 -18.23 -5.15
CA SER H 181 -66.24 -18.92 -4.14
C SER H 181 -65.53 -19.01 -2.79
N ARG H 182 -64.19 -19.07 -2.82
CA ARG H 182 -63.39 -19.12 -1.61
C ARG H 182 -63.53 -17.80 -0.86
N TRP H 183 -63.65 -16.71 -1.64
CA TRP H 183 -64.04 -15.42 -1.10
C TRP H 183 -65.48 -15.46 -0.58
N GLN H 184 -66.42 -15.92 -1.42
CA GLN H 184 -67.85 -15.88 -1.16
C GLN H 184 -68.19 -16.58 0.16
N GLN H 185 -67.48 -17.67 0.47
CA GLN H 185 -67.68 -18.47 1.67
C GLN H 185 -67.32 -17.67 2.92
N GLY H 186 -66.20 -16.95 2.88
CA GLY H 186 -65.76 -16.13 4.01
C GLY H 186 -64.47 -16.67 4.63
N ASN H 187 -63.65 -17.34 3.80
CA ASN H 187 -62.31 -17.74 4.17
C ASN H 187 -61.50 -16.47 4.47
N VAL H 188 -60.53 -16.58 5.41
CA VAL H 188 -59.68 -15.47 5.81
C VAL H 188 -58.32 -15.59 5.12
N PHE H 189 -57.85 -14.47 4.56
CA PHE H 189 -56.58 -14.40 3.86
C PHE H 189 -55.70 -13.30 4.46
N SER H 190 -54.41 -13.61 4.67
CA SER H 190 -53.56 -12.69 5.40
C SER H 190 -52.32 -12.30 4.62
N CYS H 191 -51.98 -11.00 4.74
CA CYS H 191 -50.88 -10.31 4.09
C CYS H 191 -49.72 -10.18 5.08
N SER H 192 -48.68 -11.00 4.90
CA SER H 192 -47.48 -10.98 5.73
C SER H 192 -46.43 -10.06 5.12
N VAL H 193 -45.95 -9.10 5.91
CA VAL H 193 -44.98 -8.11 5.46
C VAL H 193 -43.76 -8.12 6.38
N MET H 194 -42.56 -8.23 5.80
CA MET H 194 -41.34 -8.04 6.55
C MET H 194 -40.59 -6.80 6.08
N HIS H 195 -40.14 -6.00 7.06
CA HIS H 195 -39.42 -4.76 6.80
C HIS H 195 -38.77 -4.25 8.09
N GLU H 196 -37.63 -3.59 7.87
CA GLU H 196 -36.71 -3.11 8.90
C GLU H 196 -37.47 -2.35 9.99
N ALA H 197 -38.45 -1.54 9.58
CA ALA H 197 -39.01 -0.50 10.44
C ALA H 197 -40.35 -0.93 11.05
N LEU H 198 -40.71 -2.20 10.85
CA LEU H 198 -41.87 -2.79 11.51
C LEU H 198 -41.44 -3.32 12.87
N HIS H 199 -42.34 -3.25 13.86
CA HIS H 199 -42.09 -3.89 15.14
C HIS H 199 -41.76 -5.36 14.90
N ASN H 200 -40.58 -5.77 15.36
CA ASN H 200 -40.04 -7.12 15.24
C ASN H 200 -39.96 -7.54 13.76
N HIS H 201 -39.75 -6.57 12.87
CA HIS H 201 -39.49 -6.81 11.47
C HIS H 201 -40.66 -7.52 10.80
N TYR H 202 -41.78 -7.68 11.52
CA TYR H 202 -42.86 -8.51 10.99
C TYR H 202 -44.21 -7.94 11.37
N THR H 203 -45.13 -8.00 10.41
CA THR H 203 -46.53 -7.67 10.67
C THR H 203 -47.41 -8.50 9.74
N GLN H 204 -48.70 -8.59 10.05
CA GLN H 204 -49.68 -9.09 9.09
C GLN H 204 -51.05 -8.44 9.29
N LYS H 205 -51.84 -8.44 8.22
CA LYS H 205 -53.20 -7.90 8.23
C LYS H 205 -54.13 -8.88 7.53
N SER H 206 -55.39 -8.89 7.96
CA SER H 206 -56.34 -9.87 7.47
C SER H 206 -57.35 -9.24 6.51
N LEU H 207 -57.89 -10.09 5.65
CA LEU H 207 -58.98 -9.75 4.76
C LEU H 207 -60.07 -10.81 4.95
N SER H 208 -61.21 -10.37 5.53
CA SER H 208 -62.31 -11.24 5.93
C SER H 208 -63.23 -11.59 4.77
N1 EPE I . 24.14 11.63 13.21
C2 EPE I . 23.11 10.69 13.67
C3 EPE I . 23.63 9.83 14.78
N4 EPE I . 24.05 10.67 15.92
C5 EPE I . 25.08 11.63 15.47
C6 EPE I . 24.58 12.48 14.33
C7 EPE I . 24.56 9.83 17.03
C8 EPE I . 24.04 10.21 18.39
O8 EPE I . 22.68 9.86 18.52
C9 EPE I . 23.66 12.44 12.07
C10 EPE I . 24.21 12.07 10.71
S EPE I . 24.29 13.50 9.66
O1S EPE I . 25.74 14.00 9.92
O2S EPE I . 23.35 14.46 10.14
O3S EPE I . 24.21 13.04 8.29
N1 EPE J . -24.86 -11.56 -13.22
C2 EPE J . -24.54 -10.20 -12.72
C3 EPE J . -25.00 -9.11 -13.66
N4 EPE J . -26.43 -9.23 -13.91
C5 EPE J . -26.68 -10.52 -14.55
C6 EPE J . -26.29 -11.64 -13.61
C7 EPE J . -26.94 -8.11 -14.72
C8 EPE J . -28.44 -8.13 -14.95
O8 EPE J . -29.11 -8.80 -13.89
C9 EPE J . -24.56 -12.58 -12.19
C10 EPE J . -23.21 -13.25 -12.30
S EPE J . -23.28 -14.85 -11.52
O1S EPE J . -23.80 -14.56 -10.11
O2S EPE J . -21.93 -15.35 -11.49
O3S EPE J . -24.24 -15.62 -12.26
#